data_1UF3
#
_entry.id   1UF3
#
_cell.length_a   212.384
_cell.length_b   77.342
_cell.length_c   147.804
_cell.angle_alpha   90.00
_cell.angle_beta   127.21
_cell.angle_gamma   90.00
#
_symmetry.space_group_name_H-M   'C 1 2 1'
#
loop_
_entity.id
_entity.type
_entity.pdbx_description
1 polymer 'hypothetical protein TT1561'
2 non-polymer 'CALCIUM ION'
3 water water
#
_entity_poly.entity_id   1
_entity_poly.type   'polypeptide(L)'
_entity_poly.pdbx_seq_one_letter_code
;(MSE)RRTVRYILATSNP(MSE)GDLEALEKFVKLAPDTGADAIALIGNL(MSE)PKAAKSRDYAAFFRILSEAHLPTAY
VPGPQDAPIWEYLREAANVELVHPE(MSE)RNVHETFTFWRGPYLVAGVGGEIADEGEPEEHEALRYPAWVAEYRLKALW
ELKDYPKIFLFHT(MSE)PYHKGLNEQGSHEVAHLIKTHNPLLVLVAGKGQKHE(MSE)LGASWVVVPGDLSEGEYSLLD
LRARKLETGNVR
;
_entity_poly.pdbx_strand_id   A,B,C,D,E,F,G,H
#
loop_
_chem_comp.id
_chem_comp.type
_chem_comp.name
_chem_comp.formula
CA non-polymer 'CALCIUM ION' 'Ca 2'
#
# COMPACT_ATOMS: atom_id res chain seq x y z
N MSE A 1 5.17 8.09 1.32
CA MSE A 1 3.96 7.28 1.64
C MSE A 1 2.64 8.04 1.42
O MSE A 1 1.66 7.43 1.01
CB MSE A 1 3.99 6.76 3.09
CG MSE A 1 4.76 5.47 3.26
SE MSE A 1 4.00 3.89 2.38
CE MSE A 1 3.55 2.85 3.96
N ARG A 2 2.62 9.34 1.70
CA ARG A 2 1.38 10.10 1.54
C ARG A 2 1.07 10.47 0.09
N ARG A 3 -0.22 10.41 -0.26
CA ARG A 3 -0.67 10.75 -1.61
C ARG A 3 -1.30 12.14 -1.65
N THR A 4 -1.78 12.58 -2.81
CA THR A 4 -2.36 13.92 -2.94
C THR A 4 -3.61 14.07 -2.07
N VAL A 5 -3.86 15.29 -1.63
CA VAL A 5 -5.04 15.52 -0.82
C VAL A 5 -6.28 15.74 -1.69
N ARG A 6 -7.30 14.91 -1.51
CA ARG A 6 -8.56 15.06 -2.25
C ARG A 6 -9.71 15.27 -1.26
N TYR A 7 -9.70 14.51 -0.16
CA TYR A 7 -10.74 14.60 0.85
C TYR A 7 -10.22 15.20 2.14
N ILE A 8 -10.96 16.16 2.67
CA ILE A 8 -10.58 16.82 3.90
C ILE A 8 -11.66 16.69 4.96
N LEU A 9 -11.28 16.17 6.12
CA LEU A 9 -12.20 16.03 7.25
C LEU A 9 -12.11 17.40 7.97
N ALA A 10 -13.25 18.06 8.12
CA ALA A 10 -13.28 19.39 8.71
C ALA A 10 -14.38 19.65 9.75
N THR A 11 -14.13 20.62 10.61
CA THR A 11 -15.06 21.00 11.67
C THR A 11 -14.51 22.27 12.30
N SER A 12 -15.34 22.88 13.17
CA SER A 12 -14.94 24.11 13.84
C SER A 12 -15.43 24.17 15.29
N ASN A 13 -14.96 25.18 16.00
CA ASN A 13 -15.37 25.45 17.36
C ASN A 13 -15.64 24.26 18.29
N PRO A 14 -14.67 23.35 18.47
CA PRO A 14 -14.91 22.21 19.37
C PRO A 14 -15.10 22.62 20.86
N MSE A 15 -14.63 23.81 21.20
CA MSE A 15 -14.73 24.36 22.56
C MSE A 15 -14.34 23.42 23.70
O MSE A 15 -15.09 23.27 24.68
CB MSE A 15 -16.16 24.89 22.80
CG MSE A 15 -16.48 26.24 22.14
SE MSE A 15 -15.68 27.76 22.97
CE MSE A 15 -16.89 27.87 24.50
N GLY A 16 -13.17 22.79 23.59
CA GLY A 16 -12.69 21.92 24.65
C GLY A 16 -13.35 20.56 24.81
N ASP A 17 -14.28 20.22 23.92
CA ASP A 17 -14.96 18.93 24.00
C ASP A 17 -14.01 17.84 23.48
N LEU A 18 -13.22 17.27 24.39
CA LEU A 18 -12.26 16.23 24.03
C LEU A 18 -12.87 14.90 23.61
N GLU A 19 -14.05 14.59 24.13
CA GLU A 19 -14.67 13.33 23.74
C GLU A 19 -15.09 13.41 22.29
N ALA A 20 -15.62 14.57 21.91
CA ALA A 20 -16.05 14.78 20.53
C ALA A 20 -14.81 14.80 19.62
N LEU A 21 -13.77 15.53 20.04
CA LEU A 21 -12.53 15.61 19.26
C LEU A 21 -12.00 14.22 19.00
N GLU A 22 -12.00 13.38 20.03
CA GLU A 22 -11.49 12.03 19.86
C GLU A 22 -12.33 11.21 18.87
N LYS A 23 -13.65 11.38 18.93
CA LYS A 23 -14.53 10.63 18.01
C LYS A 23 -14.25 11.16 16.60
N PHE A 24 -14.06 12.47 16.51
CA PHE A 24 -13.79 13.15 15.25
C PHE A 24 -12.52 12.59 14.62
N VAL A 25 -11.46 12.49 15.43
CA VAL A 25 -10.18 11.95 14.97
C VAL A 25 -10.31 10.50 14.52
N LYS A 26 -11.09 9.71 15.25
CA LYS A 26 -11.30 8.31 14.89
C LYS A 26 -12.14 8.10 13.63
N LEU A 27 -12.67 9.18 13.08
CA LEU A 27 -13.47 9.10 11.87
C LEU A 27 -12.59 9.05 10.64
N ALA A 28 -11.40 9.64 10.75
CA ALA A 28 -10.50 9.74 9.62
C ALA A 28 -10.16 8.43 8.91
N PRO A 29 -9.77 7.38 9.63
CA PRO A 29 -9.44 6.15 8.89
C PRO A 29 -10.66 5.57 8.20
N ASP A 30 -11.81 5.63 8.86
CA ASP A 30 -12.99 5.06 8.26
C ASP A 30 -13.42 5.83 7.00
N THR A 31 -13.24 7.14 6.97
CA THR A 31 -13.64 7.91 5.79
C THR A 31 -12.59 7.93 4.67
N GLY A 32 -11.33 7.72 5.03
CA GLY A 32 -10.29 7.76 4.02
C GLY A 32 -9.76 9.17 3.85
N ALA A 33 -10.17 10.08 4.73
CA ALA A 33 -9.70 11.47 4.66
C ALA A 33 -8.20 11.54 4.43
N ASP A 34 -7.77 12.55 3.67
CA ASP A 34 -6.35 12.74 3.36
C ASP A 34 -5.75 13.80 4.22
N ALA A 35 -6.62 14.66 4.77
CA ALA A 35 -6.18 15.71 5.64
C ALA A 35 -7.30 16.13 6.61
N ILE A 36 -6.96 16.96 7.59
CA ILE A 36 -7.91 17.45 8.56
C ILE A 36 -7.70 18.95 8.66
N ALA A 37 -8.80 19.69 8.71
CA ALA A 37 -8.71 21.13 8.85
C ALA A 37 -9.62 21.47 10.03
N LEU A 38 -9.11 22.22 11.00
CA LEU A 38 -9.92 22.52 12.17
C LEU A 38 -9.83 23.99 12.58
N ILE A 39 -11.02 24.60 12.67
CA ILE A 39 -11.17 26.01 13.01
C ILE A 39 -11.57 26.16 14.48
N GLY A 40 -10.97 27.13 15.18
CA GLY A 40 -11.31 27.33 16.59
C GLY A 40 -12.77 27.76 16.78
N ASN A 41 -13.18 28.06 18.01
CA ASN A 41 -12.35 28.00 19.22
C ASN A 41 -11.98 26.56 19.54
N LEU A 42 -10.69 26.28 19.69
CA LEU A 42 -10.29 24.93 20.05
C LEU A 42 -10.70 24.71 21.50
N MSE A 43 -10.48 25.74 22.31
CA MSE A 43 -10.75 25.73 23.76
C MSE A 43 -11.52 26.98 24.18
O MSE A 43 -11.46 28.01 23.51
CB MSE A 43 -9.41 25.80 24.53
CG MSE A 43 -8.58 24.56 24.54
SE MSE A 43 -9.39 23.33 25.71
CE MSE A 43 -8.94 21.70 24.75
N PRO A 44 -12.24 26.89 25.33
CA PRO A 44 -12.99 28.05 25.83
C PRO A 44 -11.92 28.98 26.41
N LYS A 45 -12.22 30.26 26.55
CA LYS A 45 -11.28 31.22 27.11
C LYS A 45 -10.64 30.71 28.42
N ALA A 46 -11.45 30.08 29.28
CA ALA A 46 -10.99 29.58 30.58
C ALA A 46 -9.79 28.64 30.52
N ALA A 47 -9.73 27.83 29.47
CA ALA A 47 -8.64 26.87 29.31
C ALA A 47 -7.25 27.50 29.40
N LYS A 48 -6.33 26.67 29.88
CA LYS A 48 -4.91 27.04 30.04
C LYS A 48 -4.00 26.09 29.26
N SER A 49 -2.70 26.35 29.28
CA SER A 49 -1.74 25.52 28.57
C SER A 49 -1.99 24.01 28.60
N ARG A 50 -2.07 23.44 29.79
CA ARG A 50 -2.27 22.00 29.90
C ARG A 50 -3.48 21.46 29.15
N ASP A 51 -4.50 22.30 28.96
CA ASP A 51 -5.70 21.88 28.25
C ASP A 51 -5.39 21.75 26.75
N TYR A 52 -4.66 22.72 26.22
CA TYR A 52 -4.30 22.69 24.81
C TYR A 52 -3.43 21.46 24.56
N ALA A 53 -2.57 21.14 25.53
CA ALA A 53 -1.71 19.97 25.37
C ALA A 53 -2.53 18.69 25.25
N ALA A 54 -3.60 18.57 26.03
CA ALA A 54 -4.43 17.36 25.95
C ALA A 54 -5.15 17.30 24.60
N PHE A 55 -5.63 18.46 24.16
CA PHE A 55 -6.33 18.63 22.87
C PHE A 55 -5.40 18.15 21.72
N PHE A 56 -4.19 18.71 21.66
CA PHE A 56 -3.22 18.34 20.62
C PHE A 56 -2.75 16.88 20.68
N ARG A 57 -2.67 16.33 21.88
CA ARG A 57 -2.26 14.94 22.02
C ARG A 57 -3.29 14.04 21.32
N ILE A 58 -4.57 14.36 21.52
CA ILE A 58 -5.65 13.60 20.91
C ILE A 58 -5.67 13.82 19.39
N LEU A 59 -5.48 15.06 18.95
CA LEU A 59 -5.49 15.36 17.52
C LEU A 59 -4.32 14.68 16.81
N SER A 60 -3.18 14.59 17.51
CA SER A 60 -1.96 13.98 16.98
C SER A 60 -2.11 12.51 16.61
N GLU A 61 -3.12 11.84 17.18
CA GLU A 61 -3.36 10.43 16.88
C GLU A 61 -3.75 10.16 15.42
N ALA A 62 -4.29 11.17 14.76
CA ALA A 62 -4.71 11.05 13.37
C ALA A 62 -3.61 10.61 12.41
N HIS A 63 -2.39 11.13 12.60
CA HIS A 63 -1.27 10.83 11.71
C HIS A 63 -1.65 11.23 10.28
N LEU A 64 -2.14 12.45 10.11
CA LEU A 64 -2.54 12.98 8.80
C LEU A 64 -2.23 14.47 8.72
N PRO A 65 -1.97 14.98 7.51
CA PRO A 65 -1.69 16.42 7.41
C PRO A 65 -2.85 17.08 8.15
N THR A 66 -2.57 18.11 8.95
CA THR A 66 -3.62 18.78 9.72
C THR A 66 -3.32 20.26 9.86
N ALA A 67 -4.33 21.09 9.62
CA ALA A 67 -4.13 22.52 9.75
C ALA A 67 -5.22 23.08 10.63
N TYR A 68 -4.86 24.10 11.40
CA TYR A 68 -5.85 24.71 12.28
C TYR A 68 -5.52 26.16 12.56
N VAL A 69 -6.56 26.91 12.97
CA VAL A 69 -6.38 28.31 13.35
C VAL A 69 -7.18 28.46 14.66
N PRO A 70 -6.76 29.39 15.51
CA PRO A 70 -7.47 29.59 16.78
C PRO A 70 -8.72 30.46 16.62
N GLY A 71 -9.59 30.43 17.63
CA GLY A 71 -10.80 31.23 17.60
C GLY A 71 -10.67 32.46 18.49
N PRO A 72 -11.73 33.29 18.57
CA PRO A 72 -11.67 34.49 19.42
C PRO A 72 -11.41 34.20 20.91
N GLN A 73 -11.78 33.02 21.38
CA GLN A 73 -11.57 32.66 22.78
C GLN A 73 -10.24 31.93 23.15
N ASP A 74 -9.41 31.62 22.16
CA ASP A 74 -8.15 30.91 22.39
C ASP A 74 -7.06 31.88 22.86
N ALA A 75 -7.33 32.59 23.95
CA ALA A 75 -6.39 33.57 24.50
C ALA A 75 -5.95 33.28 25.94
N PRO A 76 -4.76 33.77 26.31
CA PRO A 76 -3.84 34.55 25.48
C PRO A 76 -3.25 33.71 24.34
N ILE A 77 -2.87 34.39 23.26
CA ILE A 77 -2.34 33.77 22.06
C ILE A 77 -1.15 32.83 22.31
N TRP A 78 -0.28 33.22 23.23
CA TRP A 78 0.92 32.45 23.52
C TRP A 78 0.74 31.07 24.10
N GLU A 79 -0.41 30.81 24.74
CA GLU A 79 -0.65 29.48 25.30
C GLU A 79 -0.98 28.51 24.17
N TYR A 80 -1.92 28.92 23.31
CA TYR A 80 -2.29 28.12 22.14
C TYR A 80 -0.99 27.91 21.32
N LEU A 81 -0.29 29.00 21.06
CA LEU A 81 0.94 28.95 20.26
C LEU A 81 2.04 28.02 20.80
N ARG A 82 2.27 28.05 22.11
CA ARG A 82 3.32 27.20 22.68
C ARG A 82 3.03 25.73 22.58
N GLU A 83 1.78 25.37 22.86
CA GLU A 83 1.37 23.99 22.81
C GLU A 83 1.30 23.47 21.37
N ALA A 84 1.01 24.36 20.43
CA ALA A 84 0.97 23.96 19.01
C ALA A 84 2.43 23.69 18.63
N ALA A 85 3.31 24.61 19.03
CA ALA A 85 4.72 24.49 18.75
C ALA A 85 5.26 23.17 19.31
N ASN A 86 4.88 22.82 20.55
CA ASN A 86 5.32 21.57 21.19
C ASN A 86 4.91 20.30 20.43
N VAL A 87 3.62 20.15 20.10
CA VAL A 87 3.21 18.95 19.39
C VAL A 87 3.77 18.91 17.95
N GLU A 88 3.93 20.07 17.35
CA GLU A 88 4.41 20.14 15.96
C GLU A 88 5.89 19.81 15.81
N LEU A 89 6.63 19.82 16.92
CA LEU A 89 8.04 19.47 16.84
C LEU A 89 8.19 18.04 16.42
N VAL A 90 7.44 17.15 17.07
CA VAL A 90 7.55 15.74 16.76
C VAL A 90 6.46 15.17 15.87
N HIS A 91 5.42 15.95 15.59
CA HIS A 91 4.36 15.52 14.67
C HIS A 91 4.32 16.67 13.70
N PRO A 92 5.37 16.80 12.87
CA PRO A 92 5.44 17.90 11.90
C PRO A 92 4.36 17.90 10.80
N GLU A 93 3.50 16.90 10.76
CA GLU A 93 2.43 16.90 9.79
C GLU A 93 1.29 17.80 10.29
N MSE A 94 1.38 18.26 11.55
CA MSE A 94 0.34 19.13 12.12
C MSE A 94 0.85 20.53 11.98
O MSE A 94 2.05 20.77 12.02
CB MSE A 94 0.12 18.83 13.61
CG MSE A 94 -0.29 17.43 13.85
SE MSE A 94 -0.30 16.97 15.74
CE MSE A 94 -1.88 18.03 16.22
N ARG A 95 -0.07 21.47 11.84
CA ARG A 95 0.35 22.83 11.64
C ARG A 95 -0.68 23.92 11.93
N ASN A 96 -0.30 24.81 12.84
CA ASN A 96 -1.10 25.96 13.15
C ASN A 96 -0.75 26.89 11.99
N VAL A 97 -1.72 27.24 11.15
CA VAL A 97 -1.45 28.10 10.01
C VAL A 97 -1.83 29.56 10.25
N HIS A 98 -2.15 29.89 11.51
CA HIS A 98 -2.50 31.26 11.88
C HIS A 98 -1.34 32.23 11.55
N GLU A 99 -1.60 33.14 10.63
CA GLU A 99 -0.65 34.16 10.15
C GLU A 99 0.52 33.54 9.38
N THR A 100 0.45 32.24 9.11
CA THR A 100 1.54 31.63 8.38
C THR A 100 1.01 30.67 7.29
N PHE A 101 1.83 29.73 6.83
CA PHE A 101 1.37 28.84 5.77
C PHE A 101 2.11 27.50 5.73
N THR A 102 1.55 26.55 4.99
CA THR A 102 2.23 25.28 4.78
C THR A 102 1.72 24.73 3.44
N PHE A 103 2.40 23.73 2.87
CA PHE A 103 1.96 23.14 1.60
C PHE A 103 1.51 21.72 1.83
N TRP A 104 0.42 21.36 1.17
CA TRP A 104 -0.07 19.99 1.25
C TRP A 104 0.14 19.43 -0.16
N ARG A 105 0.21 18.11 -0.28
CA ARG A 105 0.40 17.53 -1.59
C ARG A 105 -0.84 17.78 -2.48
N GLY A 106 -0.58 18.23 -3.70
CA GLY A 106 -1.67 18.53 -4.60
C GLY A 106 -1.10 19.24 -5.83
N PRO A 107 -0.42 20.38 -5.64
CA PRO A 107 -0.18 21.01 -4.34
C PRO A 107 -1.23 22.02 -3.91
N TYR A 108 -1.27 22.32 -2.61
CA TYR A 108 -2.17 23.32 -2.06
C TYR A 108 -1.39 24.17 -1.09
N LEU A 109 -1.56 25.48 -1.18
CA LEU A 109 -0.92 26.42 -0.29
C LEU A 109 -1.98 26.71 0.79
N VAL A 110 -1.76 26.18 2.00
CA VAL A 110 -2.68 26.34 3.13
C VAL A 110 -2.26 27.48 4.04
N ALA A 111 -3.19 28.39 4.30
CA ALA A 111 -2.89 29.53 5.14
C ALA A 111 -4.13 29.98 5.90
N GLY A 112 -3.93 30.79 6.93
CA GLY A 112 -5.09 31.26 7.68
C GLY A 112 -4.87 32.47 8.55
N VAL A 113 -5.98 32.97 9.07
CA VAL A 113 -5.97 34.08 9.99
C VAL A 113 -7.14 33.74 10.95
N GLY A 114 -6.79 33.32 12.16
CA GLY A 114 -7.78 32.96 13.16
C GLY A 114 -8.18 34.16 14.00
N GLY A 115 -8.91 33.91 15.09
CA GLY A 115 -9.36 34.99 15.95
C GLY A 115 -10.51 35.70 15.27
N GLU A 116 -10.98 36.80 15.86
CA GLU A 116 -12.05 37.57 15.25
C GLU A 116 -11.46 38.60 14.31
N ILE A 117 -11.81 38.56 13.03
CA ILE A 117 -11.30 39.60 12.17
C ILE A 117 -12.37 40.72 12.20
N ALA A 118 -12.08 41.78 12.94
CA ALA A 118 -12.99 42.91 13.08
C ALA A 118 -12.74 43.91 11.95
N ASP A 119 -13.75 44.70 11.60
CA ASP A 119 -13.58 45.65 10.51
C ASP A 119 -12.45 46.62 10.86
N GLU A 120 -12.46 47.08 12.10
CA GLU A 120 -11.47 48.03 12.59
C GLU A 120 -11.12 47.76 14.03
N GLY A 121 -10.58 48.78 14.68
CA GLY A 121 -10.23 48.66 16.08
C GLY A 121 -8.77 48.35 16.36
N GLU A 122 -8.50 48.03 17.61
CA GLU A 122 -7.16 47.70 18.06
C GLU A 122 -6.99 46.19 18.19
N PRO A 123 -5.80 45.69 17.79
CA PRO A 123 -5.55 44.26 17.89
C PRO A 123 -5.54 43.89 19.38
N GLU A 124 -5.91 42.67 19.69
CA GLU A 124 -5.92 42.15 21.06
C GLU A 124 -5.55 40.67 21.01
N GLU A 125 -4.67 40.23 21.90
CA GLU A 125 -4.28 38.82 21.94
C GLU A 125 -4.26 38.22 23.36
N HIS A 126 -4.64 39.01 24.36
CA HIS A 126 -4.63 38.51 25.72
C HIS A 126 -6.02 38.22 26.32
N GLU A 127 -6.94 39.17 26.24
CA GLU A 127 -8.29 38.96 26.75
C GLU A 127 -9.10 38.19 25.71
N ALA A 128 -8.65 38.29 24.46
CA ALA A 128 -9.31 37.60 23.34
C ALA A 128 -8.37 37.69 22.14
N LEU A 129 -8.75 37.09 21.02
CA LEU A 129 -7.93 37.22 19.81
C LEU A 129 -8.78 38.03 18.88
N ARG A 130 -8.35 39.24 18.56
CA ARG A 130 -9.14 40.08 17.67
C ARG A 130 -8.19 40.87 16.81
N TYR A 131 -8.41 40.85 15.50
CA TYR A 131 -7.53 41.62 14.64
C TYR A 131 -8.33 42.44 13.66
N PRO A 132 -7.89 43.68 13.43
CA PRO A 132 -8.59 44.53 12.47
C PRO A 132 -8.26 44.02 11.06
N ALA A 133 -9.19 44.21 10.12
CA ALA A 133 -8.99 43.73 8.76
C ALA A 133 -7.59 43.99 8.18
N TRP A 134 -7.06 45.19 8.34
CA TRP A 134 -5.73 45.48 7.78
C TRP A 134 -4.66 44.50 8.26
N VAL A 135 -4.82 43.95 9.47
CA VAL A 135 -3.83 43.02 9.97
C VAL A 135 -4.00 41.69 9.24
N ALA A 136 -5.24 41.27 9.03
CA ALA A 136 -5.49 40.01 8.33
C ALA A 136 -4.96 40.11 6.90
N GLU A 137 -5.18 41.26 6.26
CA GLU A 137 -4.72 41.48 4.90
C GLU A 137 -3.19 41.51 4.85
N TYR A 138 -2.59 42.15 5.84
CA TYR A 138 -1.14 42.21 5.90
C TYR A 138 -0.56 40.80 6.02
N ARG A 139 -1.22 39.92 6.77
CA ARG A 139 -0.73 38.55 6.93
C ARG A 139 -0.79 37.82 5.60
N LEU A 140 -1.91 37.97 4.89
CA LEU A 140 -2.10 37.26 3.64
C LEU A 140 -1.33 37.78 2.44
N LYS A 141 -0.85 39.00 2.48
CA LYS A 141 -0.13 39.51 1.32
C LYS A 141 1.20 38.79 1.10
N ALA A 142 1.74 38.16 2.15
CA ALA A 142 3.01 37.42 2.02
C ALA A 142 2.89 36.31 1.00
N LEU A 143 1.68 35.81 0.78
CA LEU A 143 1.45 34.72 -0.14
C LEU A 143 1.66 35.04 -1.62
N TRP A 144 1.56 36.32 -1.99
CA TRP A 144 1.72 36.73 -3.37
C TRP A 144 3.12 36.41 -3.87
N GLU A 145 4.07 36.20 -2.96
CA GLU A 145 5.44 35.88 -3.37
C GLU A 145 5.49 34.44 -3.86
N LEU A 146 4.55 33.62 -3.39
CA LEU A 146 4.50 32.22 -3.78
C LEU A 146 3.65 32.09 -5.04
N LYS A 147 4.26 31.61 -6.11
CA LYS A 147 3.60 31.52 -7.41
C LYS A 147 2.83 30.27 -7.87
N ASP A 148 1.67 30.51 -8.48
CA ASP A 148 0.85 29.45 -9.05
C ASP A 148 0.35 28.32 -8.17
N TYR A 149 -0.01 28.61 -6.93
CA TYR A 149 -0.51 27.53 -6.09
C TYR A 149 -1.98 27.70 -5.76
N PRO A 150 -2.78 26.65 -5.89
CA PRO A 150 -4.19 26.79 -5.53
C PRO A 150 -4.13 27.03 -4.00
N LYS A 151 -4.91 27.99 -3.48
CA LYS A 151 -4.91 28.30 -2.04
C LYS A 151 -6.09 27.78 -1.22
N ILE A 152 -5.82 27.41 0.03
CA ILE A 152 -6.83 26.94 0.97
C ILE A 152 -6.68 27.84 2.20
N PHE A 153 -7.74 28.60 2.50
CA PHE A 153 -7.72 29.55 3.62
C PHE A 153 -8.55 29.04 4.79
N LEU A 154 -8.07 29.32 6.00
CA LEU A 154 -8.81 28.95 7.21
C LEU A 154 -9.06 30.23 8.00
N PHE A 155 -10.32 30.53 8.26
CA PHE A 155 -10.65 31.75 9.04
C PHE A 155 -11.69 31.36 10.07
N HIS A 156 -11.75 32.14 11.14
CA HIS A 156 -12.79 31.86 12.08
C HIS A 156 -14.02 32.69 11.62
N THR A 157 -13.77 33.94 11.29
CA THR A 157 -14.75 34.92 10.86
C THR A 157 -15.36 34.63 9.49
N MSE A 158 -16.69 34.55 9.43
CA MSE A 158 -17.40 34.28 8.18
C MSE A 158 -17.45 35.48 7.26
O MSE A 158 -17.56 36.63 7.71
CB MSE A 158 -18.85 33.89 8.46
CG MSE A 158 -19.05 32.52 8.99
SE MSE A 158 -20.89 32.00 8.60
CE MSE A 158 -20.85 32.21 6.69
N PRO A 159 -17.37 35.25 5.94
CA PRO A 159 -17.43 36.38 5.01
C PRO A 159 -18.89 36.76 4.76
N TYR A 160 -19.12 38.00 4.36
CA TYR A 160 -20.46 38.44 4.05
C TYR A 160 -20.86 37.70 2.78
N HIS A 161 -22.03 37.08 2.80
CA HIS A 161 -22.53 36.31 1.64
C HIS A 161 -24.03 36.16 1.81
N LYS A 162 -24.79 36.70 0.87
CA LYS A 162 -26.24 36.63 0.92
C LYS A 162 -26.75 35.21 1.12
N GLY A 163 -25.97 34.23 0.69
CA GLY A 163 -26.38 32.86 0.87
C GLY A 163 -26.04 32.32 2.25
N LEU A 164 -24.79 32.46 2.68
CA LEU A 164 -24.28 31.96 3.98
C LEU A 164 -24.53 32.78 5.24
N ASN A 165 -24.33 34.09 5.15
CA ASN A 165 -24.50 34.96 6.31
C ASN A 165 -24.53 36.43 5.91
N GLU A 166 -25.73 36.97 5.85
CA GLU A 166 -26.04 38.36 5.51
C GLU A 166 -25.38 39.34 6.46
N GLN A 167 -24.95 38.86 7.62
CA GLN A 167 -24.28 39.71 8.62
C GLN A 167 -22.79 39.38 8.71
N GLY A 168 -22.27 38.72 7.68
CA GLY A 168 -20.85 38.37 7.66
C GLY A 168 -19.97 39.55 7.36
N SER A 169 -18.66 39.34 7.43
CA SER A 169 -17.72 40.42 7.19
C SER A 169 -17.47 40.72 5.71
N HIS A 170 -17.57 41.98 5.34
CA HIS A 170 -17.31 42.40 3.96
C HIS A 170 -15.79 42.38 3.71
N GLU A 171 -15.03 42.65 4.77
CA GLU A 171 -13.57 42.65 4.61
C GLU A 171 -13.07 41.24 4.30
N VAL A 172 -13.60 40.26 5.02
CA VAL A 172 -13.18 38.89 4.79
C VAL A 172 -13.59 38.48 3.38
N ALA A 173 -14.79 38.88 2.97
CA ALA A 173 -15.28 38.58 1.64
C ALA A 173 -14.29 39.18 0.65
N HIS A 174 -13.83 40.39 0.97
CA HIS A 174 -12.89 41.13 0.14
C HIS A 174 -11.53 40.41 0.01
N LEU A 175 -11.07 39.79 1.08
CA LEU A 175 -9.79 39.05 1.08
C LEU A 175 -9.98 37.82 0.19
N ILE A 176 -11.15 37.20 0.31
CA ILE A 176 -11.40 36.03 -0.51
C ILE A 176 -11.44 36.44 -1.98
N LYS A 177 -12.08 37.59 -2.27
CA LYS A 177 -12.16 38.05 -3.66
C LYS A 177 -10.78 38.43 -4.21
N THR A 178 -9.92 38.96 -3.35
CA THR A 178 -8.58 39.36 -3.78
C THR A 178 -7.64 38.16 -4.03
N HIS A 179 -7.62 37.21 -3.10
CA HIS A 179 -6.75 36.03 -3.22
C HIS A 179 -7.30 34.88 -4.05
N ASN A 180 -8.60 34.91 -4.31
CA ASN A 180 -9.23 33.87 -5.09
C ASN A 180 -8.85 32.46 -4.67
N PRO A 181 -8.95 32.17 -3.36
CA PRO A 181 -8.60 30.82 -2.92
C PRO A 181 -9.56 29.81 -3.48
N LEU A 182 -9.08 28.59 -3.58
CA LEU A 182 -9.86 27.48 -4.06
C LEU A 182 -10.89 27.06 -3.03
N LEU A 183 -10.48 26.98 -1.77
CA LEU A 183 -11.37 26.60 -0.68
C LEU A 183 -11.15 27.55 0.49
N VAL A 184 -12.24 27.87 1.17
CA VAL A 184 -12.20 28.75 2.34
C VAL A 184 -13.04 28.02 3.38
N LEU A 185 -12.44 27.73 4.52
CA LEU A 185 -13.17 27.06 5.59
C LEU A 185 -13.42 28.09 6.71
N VAL A 186 -14.65 28.16 7.22
CA VAL A 186 -14.93 29.13 8.30
C VAL A 186 -15.71 28.47 9.43
N ALA A 187 -15.65 29.07 10.60
CA ALA A 187 -16.37 28.54 11.76
C ALA A 187 -17.88 28.76 11.61
N GLY A 188 -18.68 27.85 12.14
CA GLY A 188 -20.11 28.03 12.07
C GLY A 188 -20.89 26.77 12.37
N LYS A 189 -22.15 26.95 12.77
CA LYS A 189 -23.04 25.83 13.08
C LYS A 189 -23.90 25.55 11.85
N GLY A 190 -24.13 24.27 11.58
CA GLY A 190 -24.91 23.87 10.42
C GLY A 190 -24.01 23.75 9.20
N GLN A 191 -23.70 22.52 8.79
CA GLN A 191 -22.81 22.34 7.65
C GLN A 191 -23.49 22.91 6.41
N LYS A 192 -22.74 23.69 5.62
CA LYS A 192 -23.28 24.26 4.41
C LYS A 192 -22.15 24.90 3.61
N HIS A 193 -22.43 25.21 2.37
CA HIS A 193 -21.40 25.79 1.53
C HIS A 193 -21.97 26.55 0.36
N GLU A 194 -21.20 27.50 -0.12
CA GLU A 194 -21.61 28.31 -1.26
C GLU A 194 -20.38 28.75 -2.02
N MSE A 195 -20.58 29.26 -3.24
CA MSE A 195 -19.47 29.77 -4.02
C MSE A 195 -19.48 31.29 -3.83
O MSE A 195 -20.54 31.91 -3.73
CB MSE A 195 -19.66 29.47 -5.51
CG MSE A 195 -19.71 28.00 -5.87
SE MSE A 195 -18.02 27.08 -5.50
CE MSE A 195 -16.79 28.27 -6.36
N LEU A 196 -18.28 31.87 -3.73
CA LEU A 196 -18.10 33.30 -3.61
C LEU A 196 -17.10 33.55 -4.74
N GLY A 197 -17.63 33.88 -5.91
CA GLY A 197 -16.79 34.08 -7.07
C GLY A 197 -16.32 32.68 -7.42
N ALA A 198 -15.02 32.53 -7.64
CA ALA A 198 -14.47 31.22 -7.97
C ALA A 198 -14.06 30.43 -6.72
N SER A 199 -14.32 31.00 -5.53
CA SER A 199 -13.95 30.36 -4.26
C SER A 199 -15.06 29.56 -3.61
N TRP A 200 -14.75 28.34 -3.19
CA TRP A 200 -15.70 27.47 -2.52
C TRP A 200 -15.60 27.76 -1.01
N VAL A 201 -16.66 28.32 -0.44
CA VAL A 201 -16.67 28.64 0.99
C VAL A 201 -17.49 27.61 1.73
N VAL A 202 -16.85 26.95 2.68
CA VAL A 202 -17.45 25.89 3.45
C VAL A 202 -17.52 26.16 4.96
N VAL A 203 -18.69 25.88 5.52
CA VAL A 203 -18.94 25.98 6.95
C VAL A 203 -19.00 24.48 7.22
N PRO A 204 -17.91 23.92 7.76
CA PRO A 204 -17.87 22.49 8.03
C PRO A 204 -18.73 21.98 9.16
N GLY A 205 -19.18 22.87 10.02
CA GLY A 205 -19.99 22.44 11.15
C GLY A 205 -19.35 22.83 12.47
N ASP A 206 -20.12 22.65 13.55
CA ASP A 206 -19.66 22.99 14.89
C ASP A 206 -19.51 21.68 15.67
N LEU A 207 -18.26 21.32 16.03
CA LEU A 207 -18.02 20.05 16.75
C LEU A 207 -18.64 20.06 18.15
N SER A 208 -18.79 21.24 18.73
CA SER A 208 -19.42 21.36 20.06
C SER A 208 -20.86 20.87 19.92
N GLU A 209 -21.39 20.92 18.70
CA GLU A 209 -22.75 20.46 18.43
C GLU A 209 -22.65 19.09 17.78
N GLY A 210 -21.43 18.55 17.77
CA GLY A 210 -21.16 17.25 17.19
C GLY A 210 -21.01 17.20 15.67
N GLU A 211 -21.14 18.34 14.99
CA GLU A 211 -21.08 18.35 13.53
C GLU A 211 -19.71 18.41 12.85
N TYR A 212 -19.64 17.78 11.68
CA TYR A 212 -18.44 17.80 10.85
C TYR A 212 -18.81 17.48 9.42
N SER A 213 -17.87 17.74 8.52
CA SER A 213 -18.04 17.48 7.09
C SER A 213 -16.77 16.82 6.52
N LEU A 214 -16.95 16.08 5.44
CA LEU A 214 -15.84 15.48 4.71
C LEU A 214 -15.98 16.15 3.34
N LEU A 215 -15.07 17.07 3.04
CA LEU A 215 -15.10 17.77 1.77
C LEU A 215 -14.40 17.00 0.65
N ASP A 216 -15.02 17.01 -0.53
CA ASP A 216 -14.45 16.39 -1.71
C ASP A 216 -13.95 17.58 -2.53
N LEU A 217 -12.67 17.88 -2.42
CA LEU A 217 -12.07 19.02 -3.11
C LEU A 217 -12.30 19.11 -4.60
N ARG A 218 -12.14 17.98 -5.30
CA ARG A 218 -12.31 17.99 -6.74
C ARG A 218 -13.74 18.27 -7.15
N ALA A 219 -14.70 17.78 -6.37
CA ALA A 219 -16.12 17.99 -6.69
C ALA A 219 -16.77 19.19 -6.01
N ARG A 220 -16.07 19.81 -5.07
CA ARG A 220 -16.62 20.92 -4.31
C ARG A 220 -17.96 20.47 -3.74
N LYS A 221 -17.95 19.25 -3.22
CA LYS A 221 -19.12 18.64 -2.60
C LYS A 221 -18.73 18.26 -1.17
N LEU A 222 -19.71 18.26 -0.27
CA LEU A 222 -19.47 17.90 1.12
C LEU A 222 -20.35 16.74 1.53
N GLU A 223 -19.84 15.90 2.42
CA GLU A 223 -20.62 14.79 2.97
C GLU A 223 -20.76 15.18 4.43
N THR A 224 -21.95 14.99 4.98
CA THR A 224 -22.25 15.39 6.35
C THR A 224 -22.27 14.30 7.40
N GLY A 225 -21.93 14.68 8.63
CA GLY A 225 -21.92 13.71 9.71
C GLY A 225 -21.97 14.37 11.07
N ASN A 226 -22.17 13.57 12.10
CA ASN A 226 -22.22 14.04 13.49
C ASN A 226 -21.69 12.88 14.32
N VAL A 227 -20.87 13.19 15.33
CA VAL A 227 -20.29 12.14 16.16
C VAL A 227 -21.13 11.64 17.33
N ARG A 228 -22.40 12.02 17.41
CA ARG A 228 -23.25 11.58 18.52
C ARG A 228 -23.36 10.07 18.76
N ARG B 3 18.80 43.65 -11.74
CA ARG B 3 19.90 42.65 -11.63
C ARG B 3 19.86 41.93 -10.29
N THR B 4 20.54 40.79 -10.22
CA THR B 4 20.62 39.98 -8.99
C THR B 4 21.27 40.79 -7.87
N VAL B 5 20.69 40.74 -6.68
CA VAL B 5 21.22 41.51 -5.56
C VAL B 5 22.62 41.08 -5.14
N ARG B 6 23.57 42.00 -5.24
CA ARG B 6 24.93 41.71 -4.82
C ARG B 6 25.43 42.65 -3.73
N TYR B 7 25.13 43.94 -3.88
CA TYR B 7 25.59 44.94 -2.93
C TYR B 7 24.44 45.42 -2.03
N ILE B 8 24.62 45.26 -0.72
CA ILE B 8 23.60 45.62 0.25
C ILE B 8 24.10 46.68 1.22
N LEU B 9 23.40 47.82 1.26
CA LEU B 9 23.73 48.91 2.15
C LEU B 9 22.94 48.60 3.43
N ALA B 10 23.64 48.50 4.56
CA ALA B 10 22.99 48.15 5.80
C ALA B 10 23.45 48.95 7.02
N THR B 11 22.60 48.94 8.05
CA THR B 11 22.91 49.62 9.30
C THR B 11 21.95 49.14 10.36
N SER B 12 22.13 49.62 11.58
CA SER B 12 21.22 49.19 12.63
C SER B 12 21.05 50.30 13.66
N ASN B 13 20.06 50.11 14.52
CA ASN B 13 19.78 50.98 15.65
C ASN B 13 19.87 52.50 15.42
N PRO B 14 19.14 53.04 14.44
CA PRO B 14 19.20 54.49 14.22
C PRO B 14 18.59 55.26 15.41
N MSE B 15 17.78 54.55 16.18
CA MSE B 15 17.16 55.13 17.37
C MSE B 15 16.55 56.50 17.16
O MSE B 15 16.87 57.44 17.89
CB MSE B 15 18.18 55.20 18.51
CG MSE B 15 18.36 53.91 19.30
SE MSE B 15 16.88 53.52 20.47
CE MSE B 15 17.56 54.33 22.10
N GLY B 16 15.68 56.62 16.16
CA GLY B 16 15.00 57.88 15.90
C GLY B 16 15.83 58.97 15.28
N ASP B 17 17.10 58.69 14.98
CA ASP B 17 17.94 59.72 14.37
C ASP B 17 17.58 59.86 12.88
N LEU B 18 16.53 60.62 12.59
CA LEU B 18 16.08 60.80 11.22
C LEU B 18 17.07 61.57 10.36
N GLU B 19 17.90 62.38 10.99
CA GLU B 19 18.89 63.16 10.25
C GLU B 19 19.93 62.20 9.69
N ALA B 20 20.39 61.30 10.55
CA ALA B 20 21.37 60.31 10.16
C ALA B 20 20.73 59.35 9.15
N LEU B 21 19.46 59.04 9.36
CA LEU B 21 18.75 58.14 8.46
C LEU B 21 18.63 58.71 7.06
N GLU B 22 18.41 60.01 6.96
CA GLU B 22 18.28 60.63 5.63
C GLU B 22 19.60 60.63 4.88
N LYS B 23 20.70 60.85 5.59
CA LYS B 23 22.01 60.85 4.97
C LYS B 23 22.29 59.42 4.49
N PHE B 24 22.03 58.48 5.38
CA PHE B 24 22.23 57.06 5.06
C PHE B 24 21.49 56.75 3.76
N VAL B 25 20.21 57.11 3.72
CA VAL B 25 19.42 56.86 2.52
C VAL B 25 19.98 57.49 1.25
N LYS B 26 20.53 58.69 1.37
CA LYS B 26 21.04 59.37 0.19
C LYS B 26 22.39 58.87 -0.32
N LEU B 27 23.03 58.00 0.45
CA LEU B 27 24.32 57.44 0.03
C LEU B 27 24.09 56.28 -0.91
N ALA B 28 22.90 55.72 -0.85
CA ALA B 28 22.50 54.57 -1.66
C ALA B 28 22.84 54.67 -3.16
N PRO B 29 22.60 55.82 -3.78
CA PRO B 29 22.92 55.95 -5.21
C PRO B 29 24.39 55.81 -5.56
N ASP B 30 25.22 56.73 -5.09
CA ASP B 30 26.63 56.67 -5.45
C ASP B 30 27.32 55.42 -4.94
N THR B 31 26.66 54.71 -4.04
CA THR B 31 27.21 53.51 -3.45
C THR B 31 26.97 52.28 -4.34
N GLY B 32 26.01 52.40 -5.26
CA GLY B 32 25.69 51.30 -6.14
C GLY B 32 24.97 50.13 -5.48
N ALA B 33 24.38 50.38 -4.31
CA ALA B 33 23.65 49.35 -3.59
C ALA B 33 22.48 48.82 -4.41
N ASP B 34 22.23 47.51 -4.33
CA ASP B 34 21.12 46.88 -5.03
C ASP B 34 19.95 46.78 -4.09
N ALA B 35 20.25 46.85 -2.79
CA ALA B 35 19.20 46.74 -1.79
C ALA B 35 19.64 47.32 -0.44
N ILE B 36 18.67 47.46 0.44
CA ILE B 36 18.94 48.01 1.76
C ILE B 36 18.35 47.09 2.80
N ALA B 37 19.08 46.92 3.91
CA ALA B 37 18.65 46.12 5.04
C ALA B 37 18.87 46.98 6.28
N LEU B 38 17.85 47.08 7.14
CA LEU B 38 17.97 47.89 8.35
C LEU B 38 17.38 47.18 9.54
N ILE B 39 18.18 47.12 10.61
CA ILE B 39 17.78 46.48 11.85
C ILE B 39 17.49 47.53 12.91
N GLY B 40 16.53 47.25 13.78
CA GLY B 40 16.16 48.19 14.84
C GLY B 40 17.24 48.34 15.91
N ASN B 41 16.99 49.15 16.95
CA ASN B 41 15.75 49.90 17.13
C ASN B 41 15.57 51.01 16.09
N LEU B 42 14.38 51.10 15.48
CA LEU B 42 14.19 52.18 14.51
C LEU B 42 13.82 53.43 15.32
N MSE B 43 13.24 53.23 16.49
CA MSE B 43 12.82 54.35 17.31
C MSE B 43 12.91 54.04 18.79
O MSE B 43 12.75 52.89 19.20
CB MSE B 43 11.34 54.69 17.03
CG MSE B 43 11.06 55.34 15.71
SE MSE B 43 11.39 57.22 15.85
CE MSE B 43 11.88 57.57 14.02
N PRO B 44 13.12 55.09 19.62
CA PRO B 44 13.20 54.84 21.07
C PRO B 44 11.77 54.43 21.46
N LYS B 45 11.64 53.81 22.62
CA LYS B 45 10.34 53.35 23.07
C LYS B 45 9.25 54.41 23.13
N ALA B 46 9.60 55.62 23.58
CA ALA B 46 8.63 56.70 23.71
C ALA B 46 8.02 57.16 22.38
N ALA B 47 8.67 56.82 21.28
CA ALA B 47 8.16 57.22 19.97
C ALA B 47 6.79 56.62 19.76
N LYS B 48 5.99 57.28 18.91
CA LYS B 48 4.63 56.85 18.60
C LYS B 48 4.41 56.70 17.10
N SER B 49 3.20 56.37 16.69
CA SER B 49 2.90 56.16 15.27
C SER B 49 3.39 57.18 14.25
N ARG B 50 3.13 58.48 14.48
CA ARG B 50 3.57 59.48 13.51
C ARG B 50 5.08 59.52 13.42
N ASP B 51 5.76 59.01 14.45
CA ASP B 51 7.21 58.97 14.43
C ASP B 51 7.63 57.88 13.44
N TYR B 52 6.94 56.75 13.48
CA TYR B 52 7.27 55.69 12.55
C TYR B 52 6.93 56.14 11.12
N ALA B 53 5.85 56.90 10.97
CA ALA B 53 5.47 57.38 9.64
C ALA B 53 6.58 58.22 9.02
N ALA B 54 7.24 59.04 9.83
CA ALA B 54 8.31 59.89 9.33
C ALA B 54 9.53 59.06 8.94
N PHE B 55 9.84 58.07 9.75
CA PHE B 55 10.97 57.18 9.51
C PHE B 55 10.81 56.49 8.14
N PHE B 56 9.68 55.81 7.96
CA PHE B 56 9.41 55.10 6.72
C PHE B 56 9.34 55.97 5.49
N ARG B 57 8.94 57.23 5.63
CA ARG B 57 8.89 58.13 4.50
C ARG B 57 10.33 58.33 3.98
N ILE B 58 11.25 58.63 4.88
CA ILE B 58 12.64 58.85 4.49
C ILE B 58 13.26 57.57 3.89
N LEU B 59 13.02 56.45 4.54
CA LEU B 59 13.55 55.18 4.06
C LEU B 59 13.00 54.86 2.67
N SER B 60 11.69 55.06 2.50
CA SER B 60 11.05 54.78 1.21
C SER B 60 11.65 55.56 0.04
N GLU B 61 12.25 56.72 0.31
CA GLU B 61 12.86 57.53 -0.74
C GLU B 61 13.98 56.82 -1.50
N ALA B 62 14.54 55.77 -0.91
CA ALA B 62 15.63 55.04 -1.56
C ALA B 62 15.18 54.36 -2.85
N HIS B 63 13.95 53.88 -2.86
CA HIS B 63 13.41 53.19 -4.03
C HIS B 63 14.29 52.01 -4.42
N LEU B 64 14.60 51.15 -3.44
CA LEU B 64 15.40 49.95 -3.66
C LEU B 64 14.79 48.88 -2.79
N PRO B 65 14.95 47.60 -3.15
CA PRO B 65 14.38 46.55 -2.30
C PRO B 65 14.91 46.82 -0.90
N THR B 66 14.02 46.93 0.07
CA THR B 66 14.42 47.25 1.45
C THR B 66 13.72 46.33 2.47
N ALA B 67 14.53 45.74 3.36
CA ALA B 67 14.04 44.84 4.39
C ALA B 67 14.46 45.37 5.76
N TYR B 68 13.59 45.21 6.73
CA TYR B 68 13.87 45.66 8.08
C TYR B 68 13.11 44.86 9.13
N VAL B 69 13.62 44.86 10.37
CA VAL B 69 12.95 44.20 11.48
C VAL B 69 13.11 45.22 12.61
N PRO B 70 12.24 45.15 13.61
CA PRO B 70 12.29 46.08 14.75
C PRO B 70 13.19 45.63 15.92
N GLY B 71 13.58 46.59 16.76
CA GLY B 71 14.40 46.29 17.92
C GLY B 71 13.57 46.11 19.18
N PRO B 72 14.21 45.74 20.29
CA PRO B 72 13.53 45.54 21.58
C PRO B 72 12.68 46.75 22.00
N GLN B 73 13.12 47.95 21.63
CA GLN B 73 12.41 49.18 21.99
C GLN B 73 11.27 49.67 21.09
N ASP B 74 11.03 48.96 19.98
CA ASP B 74 9.99 49.36 19.03
C ASP B 74 8.58 48.89 19.42
N ALA B 75 8.21 49.10 20.67
CA ALA B 75 6.90 48.72 21.20
C ALA B 75 5.94 49.91 21.41
N PRO B 76 4.62 49.63 21.41
CA PRO B 76 4.05 48.29 21.22
C PRO B 76 4.21 47.84 19.76
N ILE B 77 4.18 46.53 19.53
CA ILE B 77 4.38 46.01 18.19
C ILE B 77 3.45 46.60 17.12
N TRP B 78 2.19 46.77 17.49
CA TRP B 78 1.18 47.27 16.56
C TRP B 78 1.41 48.59 15.89
N GLU B 79 2.09 49.52 16.54
CA GLU B 79 2.33 50.80 15.90
C GLU B 79 3.37 50.64 14.79
N TYR B 80 4.45 49.92 15.09
CA TYR B 80 5.48 49.62 14.09
C TYR B 80 4.81 48.93 12.88
N LEU B 81 4.02 47.90 13.19
CA LEU B 81 3.34 47.11 12.17
C LEU B 81 2.43 47.94 11.28
N ARG B 82 1.57 48.75 11.88
CA ARG B 82 0.65 49.54 11.09
C ARG B 82 1.34 50.51 10.13
N GLU B 83 2.36 51.20 10.62
CA GLU B 83 3.02 52.15 9.77
C GLU B 83 3.84 51.47 8.69
N ALA B 84 4.24 50.21 8.95
CA ALA B 84 5.00 49.43 7.98
C ALA B 84 4.00 49.03 6.89
N ALA B 85 2.80 48.65 7.32
CA ALA B 85 1.74 48.26 6.40
C ALA B 85 1.39 49.44 5.49
N ASN B 86 1.29 50.64 6.09
CA ASN B 86 0.93 51.82 5.33
C ASN B 86 1.96 52.18 4.26
N VAL B 87 3.24 52.19 4.63
CA VAL B 87 4.26 52.55 3.64
C VAL B 87 4.40 51.46 2.58
N GLU B 88 4.15 50.22 2.96
CA GLU B 88 4.27 49.11 2.02
C GLU B 88 3.16 49.03 0.97
N LEU B 89 1.98 49.56 1.29
CA LEU B 89 0.88 49.59 0.33
C LEU B 89 1.27 50.52 -0.81
N VAL B 90 2.10 51.52 -0.49
CA VAL B 90 2.51 52.49 -1.50
C VAL B 90 3.82 52.19 -2.18
N HIS B 91 4.75 51.57 -1.44
CA HIS B 91 6.05 51.26 -2.02
C HIS B 91 6.28 49.78 -1.92
N PRO B 92 6.02 49.06 -3.02
CA PRO B 92 6.19 47.60 -3.07
C PRO B 92 7.58 47.05 -2.77
N GLU B 93 8.60 47.89 -2.81
CA GLU B 93 9.96 47.41 -2.54
C GLU B 93 10.31 47.41 -1.05
N MSE B 94 9.49 48.07 -0.25
CA MSE B 94 9.69 48.16 1.19
C MSE B 94 9.10 46.93 1.85
O MSE B 94 8.02 46.48 1.46
CB MSE B 94 8.97 49.40 1.74
CG MSE B 94 9.57 50.75 1.32
SE MSE B 94 11.10 51.21 2.43
CE MSE B 94 10.08 51.72 4.02
N ARG B 95 9.79 46.37 2.84
CA ARG B 95 9.24 45.19 3.47
C ARG B 95 9.77 44.82 4.84
N ASN B 96 8.84 44.84 5.80
CA ASN B 96 9.11 44.44 7.16
C ASN B 96 9.16 42.91 7.06
N VAL B 97 10.29 42.29 7.42
CA VAL B 97 10.37 40.84 7.35
C VAL B 97 10.27 40.19 8.74
N HIS B 98 9.88 40.98 9.74
CA HIS B 98 9.72 40.44 11.09
C HIS B 98 8.68 39.32 11.11
N GLU B 99 9.11 38.11 11.46
CA GLU B 99 8.23 36.96 11.51
C GLU B 99 7.72 36.49 10.15
N THR B 100 8.25 37.05 9.07
CA THR B 100 7.77 36.63 7.76
C THR B 100 8.91 36.60 6.74
N PHE B 101 8.60 36.75 5.46
CA PHE B 101 9.64 36.68 4.44
C PHE B 101 9.26 37.45 3.18
N THR B 102 10.25 37.57 2.30
CA THR B 102 10.08 38.18 0.99
C THR B 102 11.27 37.69 0.14
N PHE B 103 11.23 37.93 -1.16
CA PHE B 103 12.32 37.49 -2.03
C PHE B 103 13.01 38.68 -2.67
N TRP B 104 14.33 38.62 -2.75
CA TRP B 104 15.06 39.68 -3.43
C TRP B 104 15.58 39.03 -4.70
N ARG B 105 15.96 39.86 -5.67
CA ARG B 105 16.51 39.42 -6.95
C ARG B 105 17.69 38.48 -6.74
N GLY B 106 17.57 37.26 -7.24
CA GLY B 106 18.63 36.28 -7.09
C GLY B 106 18.24 34.90 -7.60
N PRO B 107 17.26 34.23 -6.98
CA PRO B 107 16.50 34.75 -5.83
C PRO B 107 17.09 34.46 -4.44
N TYR B 108 16.86 35.38 -3.51
CA TYR B 108 17.29 35.20 -2.12
C TYR B 108 16.03 35.30 -1.27
N LEU B 109 15.91 34.40 -0.30
CA LEU B 109 14.78 34.38 0.60
C LEU B 109 15.22 35.21 1.80
N VAL B 110 14.58 36.36 2.02
CA VAL B 110 14.91 37.26 3.12
C VAL B 110 13.87 37.10 4.23
N ALA B 111 14.35 36.80 5.44
CA ALA B 111 13.50 36.58 6.60
C ALA B 111 14.16 37.12 7.87
N GLY B 112 13.36 37.36 8.92
CA GLY B 112 13.91 37.87 10.16
C GLY B 112 13.06 37.72 11.40
N VAL B 113 13.67 38.04 12.54
CA VAL B 113 13.00 38.01 13.84
C VAL B 113 13.65 39.13 14.63
N GLY B 114 12.96 40.27 14.69
CA GLY B 114 13.43 41.43 15.41
C GLY B 114 13.12 41.27 16.87
N GLY B 115 13.22 42.37 17.62
CA GLY B 115 12.99 42.32 19.06
C GLY B 115 14.14 41.60 19.77
N GLU B 116 14.04 41.44 21.08
CA GLU B 116 15.08 40.73 21.82
C GLU B 116 14.73 39.25 21.83
N ILE B 117 15.67 38.39 21.41
CA ILE B 117 15.39 36.96 21.43
C ILE B 117 16.02 36.48 22.72
N ALA B 118 15.17 36.19 23.69
CA ALA B 118 15.60 35.75 25.02
C ALA B 118 15.64 34.23 25.11
N ASP B 119 16.54 33.73 25.95
CA ASP B 119 16.66 32.30 26.11
C ASP B 119 15.30 31.72 26.45
N GLU B 120 14.58 32.38 27.34
CA GLU B 120 13.27 31.90 27.72
C GLU B 120 12.41 33.01 28.27
N GLY B 121 11.46 32.64 29.12
CA GLY B 121 10.58 33.65 29.68
C GLY B 121 9.37 33.76 28.78
N GLU B 122 8.56 34.78 29.04
CA GLU B 122 7.33 35.04 28.32
C GLU B 122 7.52 36.09 27.24
N PRO B 123 6.74 36.01 26.16
CA PRO B 123 6.84 36.98 25.07
C PRO B 123 6.27 38.31 25.58
N GLU B 124 6.72 39.42 25.02
CA GLU B 124 6.22 40.75 25.40
C GLU B 124 6.24 41.61 24.16
N GLU B 125 5.14 42.29 23.88
CA GLU B 125 5.08 43.15 22.70
C GLU B 125 4.51 44.52 23.00
N HIS B 126 4.16 44.79 24.25
CA HIS B 126 3.60 46.09 24.58
C HIS B 126 4.55 47.01 25.37
N GLU B 127 5.13 46.50 26.44
CA GLU B 127 6.07 47.28 27.25
C GLU B 127 7.42 47.27 26.53
N ALA B 128 7.59 46.29 25.63
CA ALA B 128 8.82 46.10 24.85
C ALA B 128 8.63 44.90 23.90
N LEU B 129 9.61 44.66 23.02
CA LEU B 129 9.53 43.51 22.12
C LEU B 129 10.52 42.43 22.55
N ARG B 130 10.00 41.36 23.12
CA ARG B 130 10.82 40.26 23.59
C ARG B 130 10.19 38.92 23.24
N TYR B 131 10.99 38.04 22.64
CA TYR B 131 10.51 36.72 22.28
C TYR B 131 11.43 35.62 22.78
N PRO B 132 10.89 34.64 23.51
CA PRO B 132 11.80 33.58 23.95
C PRO B 132 12.24 32.83 22.68
N ALA B 133 13.37 32.15 22.78
CA ALA B 133 13.93 31.41 21.66
C ALA B 133 12.92 30.52 20.93
N TRP B 134 12.05 29.82 21.66
CA TRP B 134 11.10 28.95 21.01
C TRP B 134 10.19 29.68 20.02
N VAL B 135 9.94 30.97 20.25
CA VAL B 135 9.11 31.73 19.34
C VAL B 135 9.90 32.02 18.06
N ALA B 136 11.16 32.46 18.21
CA ALA B 136 12.00 32.76 17.03
C ALA B 136 12.11 31.50 16.16
N GLU B 137 12.35 30.36 16.80
CA GLU B 137 12.48 29.08 16.09
C GLU B 137 11.16 28.69 15.40
N TYR B 138 10.04 28.95 16.05
CA TYR B 138 8.76 28.60 15.47
C TYR B 138 8.47 29.50 14.27
N ARG B 139 9.01 30.71 14.27
CA ARG B 139 8.82 31.63 13.16
C ARG B 139 9.59 31.13 11.94
N LEU B 140 10.86 30.81 12.15
CA LEU B 140 11.75 30.36 11.08
C LEU B 140 11.48 29.00 10.48
N LYS B 141 10.86 28.09 11.23
CA LYS B 141 10.62 26.76 10.68
C LYS B 141 9.73 26.84 9.45
N ALA B 142 8.98 27.93 9.29
CA ALA B 142 8.13 28.05 8.11
C ALA B 142 9.01 28.06 6.86
N LEU B 143 10.29 28.43 7.01
CA LEU B 143 11.19 28.49 5.88
C LEU B 143 11.52 27.13 5.28
N TRP B 144 11.24 26.07 6.03
CA TRP B 144 11.50 24.73 5.52
C TRP B 144 10.53 24.41 4.39
N GLU B 145 9.46 25.21 4.28
CA GLU B 145 8.49 25.04 3.19
C GLU B 145 9.11 25.63 1.90
N LEU B 146 10.17 26.44 2.05
CA LEU B 146 10.84 27.10 0.91
C LEU B 146 12.33 26.81 1.02
N LYS B 147 12.66 25.54 1.14
CA LYS B 147 14.04 25.20 1.42
C LYS B 147 15.09 25.35 0.33
N ASP B 148 14.68 25.49 -0.94
CA ASP B 148 15.65 25.60 -2.02
C ASP B 148 16.14 27.00 -2.39
N TYR B 149 16.12 27.94 -1.43
CA TYR B 149 16.62 29.29 -1.71
C TYR B 149 17.72 29.65 -0.73
N PRO B 150 18.73 30.38 -1.21
CA PRO B 150 19.79 30.80 -0.28
C PRO B 150 19.09 31.87 0.57
N LYS B 151 19.40 31.94 1.85
CA LYS B 151 18.72 32.89 2.72
C LYS B 151 19.52 34.04 3.28
N ILE B 152 18.82 35.16 3.51
CA ILE B 152 19.43 36.33 4.13
C ILE B 152 18.58 36.53 5.39
N PHE B 153 19.24 36.51 6.55
CA PHE B 153 18.56 36.65 7.85
C PHE B 153 18.83 37.99 8.53
N LEU B 154 17.80 38.57 9.16
CA LEU B 154 17.91 39.83 9.91
C LEU B 154 17.48 39.56 11.37
N PHE B 155 18.36 39.87 12.31
CA PHE B 155 18.04 39.67 13.73
C PHE B 155 18.51 40.90 14.47
N HIS B 156 17.90 41.20 15.61
CA HIS B 156 18.44 42.30 16.37
C HIS B 156 19.47 41.68 17.32
N THR B 157 19.13 40.52 17.87
CA THR B 157 19.98 39.80 18.81
C THR B 157 21.18 39.11 18.11
N MSE B 158 22.38 39.33 18.64
CA MSE B 158 23.58 38.71 18.08
C MSE B 158 23.78 37.27 18.57
O MSE B 158 23.45 36.93 19.71
CB MSE B 158 24.83 39.48 18.49
CG MSE B 158 25.05 40.81 17.79
SE MSE B 158 26.74 41.59 18.38
CE MSE B 158 27.91 40.18 17.79
N PRO B 159 24.29 36.38 17.70
CA PRO B 159 24.51 34.99 18.09
C PRO B 159 25.80 34.83 18.89
N TYR B 160 25.93 33.75 19.64
CA TYR B 160 27.17 33.51 20.36
C TYR B 160 28.26 33.17 19.35
N HIS B 161 29.47 33.65 19.61
CA HIS B 161 30.62 33.39 18.74
C HIS B 161 31.88 33.86 19.47
N LYS B 162 32.91 33.03 19.48
CA LYS B 162 34.15 33.43 20.15
C LYS B 162 34.68 34.75 19.58
N GLY B 163 34.57 34.92 18.27
CA GLY B 163 35.03 36.14 17.64
C GLY B 163 34.14 37.31 18.02
N LEU B 164 33.13 37.56 17.17
CA LEU B 164 32.17 38.67 17.33
C LEU B 164 31.59 38.97 18.73
N ASN B 165 31.17 37.95 19.48
CA ASN B 165 30.59 38.20 20.79
C ASN B 165 30.50 37.00 21.72
N GLU B 166 31.25 37.05 22.81
CA GLU B 166 31.25 35.97 23.80
C GLU B 166 29.95 35.91 24.61
N GLN B 167 29.21 37.02 24.62
CA GLN B 167 27.94 37.08 25.35
C GLN B 167 26.73 36.88 24.42
N GLY B 168 27.00 36.52 23.16
CA GLY B 168 25.94 36.30 22.19
C GLY B 168 24.98 35.19 22.55
N SER B 169 23.83 35.16 21.89
CA SER B 169 22.82 34.14 22.13
C SER B 169 23.16 32.80 21.50
N HIS B 170 23.11 31.75 22.31
CA HIS B 170 23.41 30.40 21.83
C HIS B 170 22.22 29.94 21.02
N GLU B 171 21.04 30.45 21.39
CA GLU B 171 19.84 30.08 20.66
C GLU B 171 19.86 30.68 19.24
N VAL B 172 20.25 31.94 19.12
CA VAL B 172 20.33 32.56 17.81
C VAL B 172 21.41 31.84 16.98
N ALA B 173 22.52 31.49 17.64
CA ALA B 173 23.61 30.78 16.96
C ALA B 173 23.05 29.47 16.40
N HIS B 174 22.23 28.81 17.20
CA HIS B 174 21.63 27.54 16.79
C HIS B 174 20.66 27.67 15.60
N LEU B 175 19.93 28.78 15.55
CA LEU B 175 18.98 29.05 14.43
C LEU B 175 19.80 29.16 13.14
N ILE B 176 20.94 29.85 13.25
CA ILE B 176 21.85 30.03 12.12
C ILE B 176 22.44 28.68 11.69
N LYS B 177 22.79 27.85 12.66
CA LYS B 177 23.36 26.55 12.34
C LYS B 177 22.33 25.61 11.68
N THR B 178 21.08 25.79 12.06
CA THR B 178 19.98 25.00 11.53
C THR B 178 19.62 25.37 10.09
N HIS B 179 19.42 26.66 9.85
CA HIS B 179 19.00 27.16 8.56
C HIS B 179 20.08 27.48 7.54
N ASN B 180 21.32 27.53 7.99
CA ASN B 180 22.43 27.84 7.11
C ASN B 180 22.21 29.05 6.21
N PRO B 181 21.80 30.18 6.80
CA PRO B 181 21.58 31.39 5.99
C PRO B 181 22.89 31.79 5.34
N LEU B 182 22.84 32.31 4.12
CA LEU B 182 24.05 32.75 3.44
C LEU B 182 24.60 33.98 4.16
N LEU B 183 23.69 34.91 4.49
CA LEU B 183 24.07 36.12 5.19
C LEU B 183 23.18 36.32 6.41
N VAL B 184 23.76 36.88 7.47
CA VAL B 184 23.02 37.19 8.69
C VAL B 184 23.45 38.56 9.16
N LEU B 185 22.49 39.49 9.21
CA LEU B 185 22.73 40.84 9.68
C LEU B 185 22.17 40.96 11.09
N VAL B 186 22.97 41.50 12.00
CA VAL B 186 22.53 41.69 13.38
C VAL B 186 22.93 43.09 13.82
N ALA B 187 22.25 43.59 14.85
CA ALA B 187 22.51 44.92 15.38
C ALA B 187 23.75 44.94 16.28
N GLY B 188 24.43 46.09 16.30
CA GLY B 188 25.61 46.25 17.13
C GLY B 188 26.45 47.43 16.66
N LYS B 189 27.35 47.90 17.50
CA LYS B 189 28.21 49.04 17.14
C LYS B 189 29.58 48.59 16.64
N GLY B 190 30.11 49.32 15.67
CA GLY B 190 31.41 48.99 15.10
C GLY B 190 31.25 47.95 14.01
N GLN B 191 31.38 48.37 12.76
CA GLN B 191 31.24 47.45 11.65
C GLN B 191 32.24 46.29 11.73
N LYS B 192 31.73 45.07 11.58
CA LYS B 192 32.55 43.86 11.61
C LYS B 192 31.82 42.63 11.03
N HIS B 193 32.57 41.56 10.81
CA HIS B 193 31.99 40.34 10.29
C HIS B 193 32.92 39.17 10.45
N GLU B 194 32.32 37.99 10.62
CA GLU B 194 33.05 36.76 10.81
C GLU B 194 32.21 35.68 10.16
N MSE B 195 32.76 34.48 10.05
CA MSE B 195 32.04 33.36 9.48
C MSE B 195 31.59 32.50 10.66
O MSE B 195 32.41 32.19 11.54
CB MSE B 195 32.95 32.52 8.57
CG MSE B 195 33.36 33.21 7.26
SE MSE B 195 31.86 33.65 6.06
CE MSE B 195 31.04 31.92 6.00
N LEU B 196 30.31 32.15 10.70
CA LEU B 196 29.76 31.28 11.73
C LEU B 196 29.37 30.04 10.94
N GLY B 197 30.23 29.02 10.97
CA GLY B 197 29.95 27.84 10.20
C GLY B 197 30.03 28.33 8.77
N ALA B 198 29.07 27.98 7.94
CA ALA B 198 29.08 28.43 6.56
C ALA B 198 28.35 29.77 6.39
N SER B 199 27.82 30.31 7.49
CA SER B 199 27.10 31.58 7.41
C SER B 199 27.99 32.78 7.63
N TRP B 200 27.81 33.81 6.82
CA TRP B 200 28.58 35.05 6.94
C TRP B 200 27.77 36.02 7.84
N VAL B 201 28.23 36.23 9.06
CA VAL B 201 27.52 37.10 9.99
C VAL B 201 28.10 38.50 9.96
N VAL B 202 27.24 39.49 9.74
CA VAL B 202 27.69 40.86 9.64
C VAL B 202 27.05 41.86 10.60
N VAL B 203 27.89 42.65 11.27
CA VAL B 203 27.43 43.72 12.16
C VAL B 203 27.70 44.93 11.26
N PRO B 204 26.66 45.46 10.62
CA PRO B 204 26.76 46.61 9.71
C PRO B 204 27.10 47.92 10.40
N GLY B 205 26.74 48.03 11.67
CA GLY B 205 27.04 49.26 12.39
C GLY B 205 25.82 49.86 13.04
N ASP B 206 26.06 50.79 13.96
CA ASP B 206 24.98 51.46 14.68
C ASP B 206 24.85 52.87 14.12
N LEU B 207 23.79 53.08 13.35
CA LEU B 207 23.57 54.38 12.71
C LEU B 207 23.44 55.55 13.69
N SER B 208 23.04 55.29 14.93
CA SER B 208 22.92 56.40 15.87
C SER B 208 24.32 56.88 16.25
N GLU B 209 25.34 56.23 15.67
CA GLU B 209 26.74 56.61 15.87
C GLU B 209 27.29 56.93 14.48
N GLY B 210 26.40 57.01 13.50
CA GLY B 210 26.79 57.32 12.13
C GLY B 210 27.23 56.13 11.28
N GLU B 211 27.45 54.99 11.91
CA GLU B 211 27.94 53.77 11.23
C GLU B 211 27.00 53.05 10.26
N TYR B 212 27.58 52.56 9.15
CA TYR B 212 26.86 51.81 8.12
C TYR B 212 27.88 51.02 7.30
N SER B 213 27.43 49.95 6.65
CA SER B 213 28.31 49.12 5.81
C SER B 213 27.68 48.84 4.42
N LEU B 214 28.53 48.66 3.43
CA LEU B 214 28.06 48.28 2.09
C LEU B 214 28.63 46.88 1.88
N LEU B 215 27.80 45.85 1.97
CA LEU B 215 28.30 44.49 1.80
C LEU B 215 28.28 44.05 0.35
N ASP B 216 29.29 43.25 0.01
CA ASP B 216 29.43 42.64 -1.30
C ASP B 216 29.18 41.18 -0.98
N LEU B 217 27.95 40.73 -1.22
CA LEU B 217 27.53 39.38 -0.95
C LEU B 217 28.39 38.32 -1.64
N ARG B 218 28.74 38.56 -2.90
CA ARG B 218 29.54 37.60 -3.67
C ARG B 218 30.94 37.34 -3.10
N ALA B 219 31.60 38.41 -2.65
CA ALA B 219 32.94 38.31 -2.09
C ALA B 219 32.92 38.21 -0.56
N ARG B 220 31.76 38.41 0.05
CA ARG B 220 31.62 38.35 1.49
C ARG B 220 32.58 39.33 2.13
N LYS B 221 32.60 40.55 1.61
CA LYS B 221 33.48 41.58 2.13
C LYS B 221 32.68 42.85 2.44
N LEU B 222 33.17 43.63 3.41
CA LEU B 222 32.52 44.85 3.82
C LEU B 222 33.30 46.11 3.44
N GLU B 223 32.54 47.18 3.23
CA GLU B 223 33.07 48.49 2.90
C GLU B 223 32.38 49.38 3.92
N THR B 224 33.08 49.78 4.97
CA THR B 224 32.47 50.59 6.02
C THR B 224 32.42 52.07 5.69
N GLY B 225 31.53 52.79 6.38
CA GLY B 225 31.39 54.22 6.17
C GLY B 225 30.67 54.85 7.35
N ASN B 226 30.69 56.18 7.42
CA ASN B 226 30.03 56.91 8.50
C ASN B 226 29.44 58.19 7.94
N VAL B 227 28.25 58.56 8.38
CA VAL B 227 27.60 59.77 7.89
C VAL B 227 27.94 61.00 8.73
N ARG B 228 28.45 60.75 9.94
CA ARG B 228 28.85 61.83 10.85
C ARG B 228 30.31 62.23 10.67
N THR C 4 -4.75 -46.04 -4.98
CA THR C 4 -5.67 -45.07 -5.65
C THR C 4 -7.03 -45.70 -6.01
N VAL C 5 -8.13 -45.05 -5.63
CA VAL C 5 -9.44 -45.59 -5.92
C VAL C 5 -9.79 -45.54 -7.42
N ARG C 6 -10.08 -46.72 -7.98
CA ARG C 6 -10.45 -46.84 -9.39
C ARG C 6 -11.80 -47.49 -9.59
N TYR C 7 -12.05 -48.59 -8.89
CA TYR C 7 -13.33 -49.29 -9.00
C TYR C 7 -14.22 -49.02 -7.81
N ILE C 8 -15.44 -48.57 -8.11
CA ILE C 8 -16.40 -48.24 -7.06
C ILE C 8 -17.66 -49.12 -7.18
N LEU C 9 -17.92 -49.92 -6.15
CA LEU C 9 -19.11 -50.76 -6.13
C LEU C 9 -20.15 -49.75 -5.67
N ALA C 10 -21.26 -49.64 -6.38
CA ALA C 10 -22.25 -48.64 -6.01
C ALA C 10 -23.69 -49.03 -6.24
N THR C 11 -24.58 -48.40 -5.48
CA THR C 11 -26.01 -48.67 -5.59
C THR C 11 -26.80 -47.57 -4.88
N SER C 12 -28.12 -47.63 -5.01
CA SER C 12 -28.99 -46.64 -4.37
C SER C 12 -30.30 -47.26 -3.88
N ASN C 13 -31.00 -46.50 -3.05
CA ASN C 13 -32.30 -46.86 -2.53
C ASN C 13 -32.45 -48.28 -1.95
N PRO C 14 -31.67 -48.60 -0.90
CA PRO C 14 -31.81 -49.94 -0.31
C PRO C 14 -33.22 -50.13 0.24
N MSE C 15 -33.77 -49.06 0.81
CA MSE C 15 -35.11 -49.06 1.39
C MSE C 15 -35.37 -50.13 2.46
O MSE C 15 -36.46 -50.69 2.52
CB MSE C 15 -36.16 -49.21 0.28
CG MSE C 15 -36.47 -47.93 -0.48
SE MSE C 15 -37.41 -46.61 0.57
CE MSE C 15 -39.16 -47.47 0.63
N GLY C 16 -34.38 -50.43 3.28
CA GLY C 16 -34.56 -51.41 4.34
C GLY C 16 -34.25 -52.85 4.03
N ASP C 17 -34.04 -53.16 2.75
CA ASP C 17 -33.75 -54.54 2.36
C ASP C 17 -32.37 -54.98 2.82
N LEU C 18 -32.29 -55.46 4.06
CA LEU C 18 -31.00 -55.88 4.62
C LEU C 18 -30.44 -57.13 3.99
N GLU C 19 -31.29 -57.96 3.40
CA GLU C 19 -30.79 -59.17 2.79
C GLU C 19 -29.99 -58.81 1.54
N ALA C 20 -30.53 -57.90 0.75
CA ALA C 20 -29.84 -57.46 -0.46
C ALA C 20 -28.55 -56.74 -0.08
N LEU C 21 -28.56 -56.03 1.05
CA LEU C 21 -27.37 -55.31 1.49
C LEU C 21 -26.21 -56.26 1.71
N GLU C 22 -26.44 -57.32 2.48
CA GLU C 22 -25.39 -58.31 2.76
C GLU C 22 -24.87 -58.91 1.46
N LYS C 23 -25.77 -59.27 0.57
CA LYS C 23 -25.37 -59.84 -0.71
C LYS C 23 -24.56 -58.78 -1.44
N PHE C 24 -24.99 -57.52 -1.30
CA PHE C 24 -24.28 -56.41 -1.94
C PHE C 24 -22.87 -56.39 -1.36
N VAL C 25 -22.80 -56.33 -0.03
CA VAL C 25 -21.51 -56.30 0.67
C VAL C 25 -20.65 -57.51 0.34
N LYS C 26 -21.24 -58.70 0.41
CA LYS C 26 -20.54 -59.94 0.13
C LYS C 26 -19.86 -59.94 -1.22
N LEU C 27 -20.30 -59.04 -2.11
CA LEU C 27 -19.75 -58.92 -3.46
C LEU C 27 -18.39 -58.26 -3.51
N ALA C 28 -18.28 -57.10 -2.85
CA ALA C 28 -17.07 -56.30 -2.82
C ALA C 28 -15.77 -57.03 -3.18
N PRO C 29 -15.42 -58.09 -2.44
CA PRO C 29 -14.18 -58.83 -2.73
C PRO C 29 -14.02 -59.36 -4.17
N ASP C 30 -15.06 -60.00 -4.69
CA ASP C 30 -14.98 -60.57 -6.04
C ASP C 30 -14.94 -59.52 -7.15
N THR C 31 -15.55 -58.37 -6.92
CA THR C 31 -15.58 -57.30 -7.91
C THR C 31 -14.26 -56.59 -8.09
N GLY C 32 -13.45 -56.58 -7.04
CA GLY C 32 -12.17 -55.89 -7.10
C GLY C 32 -12.37 -54.46 -6.64
N ALA C 33 -13.52 -54.21 -6.01
CA ALA C 33 -13.85 -52.88 -5.52
C ALA C 33 -12.79 -52.23 -4.63
N ASP C 34 -12.51 -50.95 -4.87
CA ASP C 34 -11.55 -50.20 -4.05
C ASP C 34 -12.37 -49.39 -3.05
N ALA C 35 -13.64 -49.18 -3.36
CA ALA C 35 -14.52 -48.41 -2.47
C ALA C 35 -15.97 -48.67 -2.76
N ILE C 36 -16.82 -48.18 -1.86
CA ILE C 36 -18.25 -48.34 -1.97
C ILE C 36 -18.96 -46.99 -1.80
N ALA C 37 -19.97 -46.74 -2.64
CA ALA C 37 -20.75 -45.50 -2.56
C ALA C 37 -22.21 -45.92 -2.51
N LEU C 38 -22.97 -45.31 -1.60
CA LEU C 38 -24.37 -45.67 -1.49
C LEU C 38 -25.24 -44.45 -1.24
N ILE C 39 -26.31 -44.36 -2.02
CA ILE C 39 -27.23 -43.25 -1.92
C ILE C 39 -28.55 -43.77 -1.36
N GLY C 40 -29.22 -42.96 -0.55
CA GLY C 40 -30.50 -43.38 0.02
C GLY C 40 -31.57 -43.61 -1.04
N ASN C 41 -32.80 -43.94 -0.64
CA ASN C 41 -33.20 -44.12 0.76
C ASN C 41 -32.56 -45.32 1.42
N LEU C 42 -31.85 -45.06 2.52
CA LEU C 42 -31.21 -46.15 3.24
C LEU C 42 -32.33 -46.96 3.85
N MSE C 43 -33.30 -46.25 4.42
CA MSE C 43 -34.45 -46.86 5.06
C MSE C 43 -35.77 -46.25 4.63
O MSE C 43 -35.81 -45.14 4.10
CB MSE C 43 -34.36 -46.68 6.59
CG MSE C 43 -33.40 -47.59 7.31
SE MSE C 43 -34.02 -49.39 7.33
CE MSE C 43 -32.34 -50.28 6.97
N PRO C 44 -36.88 -46.99 4.83
CA PRO C 44 -38.20 -46.48 4.48
C PRO C 44 -38.43 -45.43 5.57
N LYS C 45 -39.34 -44.49 5.33
CA LYS C 45 -39.63 -43.45 6.32
C LYS C 45 -39.96 -43.97 7.73
N ALA C 46 -40.77 -45.01 7.79
CA ALA C 46 -41.20 -45.57 9.07
C ALA C 46 -40.06 -46.07 9.96
N ALA C 47 -38.90 -46.33 9.35
CA ALA C 47 -37.73 -46.83 10.08
C ALA C 47 -37.37 -46.03 11.32
N LYS C 48 -36.69 -46.70 12.24
CA LYS C 48 -36.22 -46.14 13.50
C LYS C 48 -34.70 -46.29 13.63
N SER C 49 -34.11 -45.65 14.65
CA SER C 49 -32.67 -45.72 14.86
C SER C 49 -32.08 -47.12 14.86
N ARG C 50 -32.73 -48.03 15.59
CA ARG C 50 -32.26 -49.42 15.65
C ARG C 50 -32.05 -49.95 14.25
N ASP C 51 -32.95 -49.57 13.34
CA ASP C 51 -32.88 -50.02 11.96
C ASP C 51 -31.61 -49.52 11.27
N TYR C 52 -31.30 -48.24 11.46
CA TYR C 52 -30.10 -47.69 10.85
C TYR C 52 -28.86 -48.40 11.39
N ALA C 53 -28.88 -48.70 12.69
CA ALA C 53 -27.76 -49.39 13.33
C ALA C 53 -27.45 -50.73 12.66
N ALA C 54 -28.48 -51.54 12.44
CA ALA C 54 -28.28 -52.84 11.81
C ALA C 54 -27.80 -52.66 10.36
N PHE C 55 -28.36 -51.64 9.69
CA PHE C 55 -28.00 -51.33 8.30
C PHE C 55 -26.50 -51.04 8.22
N PHE C 56 -26.05 -50.13 9.07
CA PHE C 56 -24.66 -49.73 9.12
C PHE C 56 -23.70 -50.86 9.50
N ARG C 57 -24.17 -51.77 10.35
CA ARG C 57 -23.35 -52.90 10.81
C ARG C 57 -23.00 -53.82 9.65
N ILE C 58 -23.98 -54.08 8.79
CA ILE C 58 -23.77 -54.94 7.64
C ILE C 58 -22.87 -54.24 6.61
N LEU C 59 -23.09 -52.95 6.43
CA LEU C 59 -22.30 -52.17 5.48
C LEU C 59 -20.83 -52.17 5.90
N SER C 60 -20.61 -52.05 7.22
CA SER C 60 -19.25 -52.00 7.77
C SER C 60 -18.43 -53.25 7.52
N GLU C 61 -19.11 -54.37 7.31
CA GLU C 61 -18.42 -55.63 7.08
C GLU C 61 -17.62 -55.64 5.78
N ALA C 62 -17.88 -54.67 4.90
CA ALA C 62 -17.15 -54.59 3.64
C ALA C 62 -15.70 -54.22 3.95
N HIS C 63 -15.52 -53.40 4.98
CA HIS C 63 -14.18 -52.94 5.38
C HIS C 63 -13.46 -52.31 4.21
N LEU C 64 -14.14 -51.37 3.54
CA LEU C 64 -13.59 -50.64 2.41
C LEU C 64 -14.02 -49.19 2.60
N PRO C 65 -13.33 -48.24 1.97
CA PRO C 65 -13.72 -46.83 2.13
C PRO C 65 -15.16 -46.78 1.59
N THR C 66 -16.08 -46.32 2.43
CA THR C 66 -17.50 -46.28 2.09
C THR C 66 -18.09 -44.90 2.38
N ALA C 67 -18.81 -44.35 1.40
CA ALA C 67 -19.44 -43.04 1.57
C ALA C 67 -20.95 -43.12 1.30
N TYR C 68 -21.73 -42.25 1.92
CA TYR C 68 -23.16 -42.31 1.69
C TYR C 68 -23.92 -41.06 2.10
N VAL C 69 -25.03 -40.83 1.44
CA VAL C 69 -25.90 -39.69 1.73
C VAL C 69 -27.28 -40.26 1.89
N PRO C 70 -28.10 -39.62 2.73
CA PRO C 70 -29.47 -40.09 2.97
C PRO C 70 -30.39 -39.76 1.80
N GLY C 71 -31.54 -40.42 1.78
CA GLY C 71 -32.54 -40.20 0.75
C GLY C 71 -33.66 -39.35 1.33
N PRO C 72 -34.70 -38.99 0.52
CA PRO C 72 -35.84 -38.17 0.93
C PRO C 72 -36.63 -38.63 2.17
N GLN C 73 -36.70 -39.93 2.42
CA GLN C 73 -37.44 -40.34 3.60
C GLN C 73 -36.60 -40.93 4.71
N ASP C 74 -35.34 -40.52 4.78
CA ASP C 74 -34.46 -40.97 5.86
C ASP C 74 -34.59 -39.91 6.95
N ALA C 75 -35.82 -39.71 7.41
CA ALA C 75 -36.12 -38.70 8.41
C ALA C 75 -36.71 -39.31 9.69
N PRO C 76 -36.58 -38.62 10.83
CA PRO C 76 -35.91 -37.31 11.01
C PRO C 76 -34.42 -37.45 10.75
N ILE C 77 -33.79 -36.35 10.32
CA ILE C 77 -32.36 -36.35 10.00
C ILE C 77 -31.45 -36.85 11.13
N TRP C 78 -31.76 -36.47 12.36
CA TRP C 78 -30.95 -36.84 13.52
C TRP C 78 -30.76 -38.33 13.75
N GLU C 79 -31.78 -39.13 13.42
CA GLU C 79 -31.63 -40.57 13.63
C GLU C 79 -30.58 -41.14 12.67
N TYR C 80 -30.65 -40.76 11.40
CA TYR C 80 -29.67 -41.19 10.39
C TYR C 80 -28.28 -40.73 10.84
N LEU C 81 -28.22 -39.48 11.30
CA LEU C 81 -26.95 -38.89 11.73
C LEU C 81 -26.34 -39.61 12.93
N ARG C 82 -27.11 -39.77 13.99
CA ARG C 82 -26.55 -40.42 15.17
C ARG C 82 -26.00 -41.82 14.91
N GLU C 83 -26.75 -42.63 14.19
CA GLU C 83 -26.27 -43.98 13.92
C GLU C 83 -25.08 -44.00 12.98
N ALA C 84 -25.02 -42.97 12.12
CA ALA C 84 -23.90 -42.84 11.19
C ALA C 84 -22.71 -42.43 12.05
N ALA C 85 -22.95 -41.56 13.03
CA ALA C 85 -21.90 -41.12 13.93
C ALA C 85 -21.35 -42.34 14.69
N ASN C 86 -22.26 -43.16 15.21
CA ASN C 86 -21.89 -44.35 15.97
C ASN C 86 -21.03 -45.33 15.17
N VAL C 87 -21.51 -45.76 14.00
CA VAL C 87 -20.74 -46.72 13.20
C VAL C 87 -19.39 -46.16 12.78
N GLU C 88 -19.33 -44.85 12.54
CA GLU C 88 -18.09 -44.20 12.12
C GLU C 88 -17.06 -44.11 13.25
N LEU C 89 -17.53 -44.05 14.49
CA LEU C 89 -16.61 -44.01 15.62
C LEU C 89 -15.81 -45.31 15.61
N VAL C 90 -16.45 -46.39 15.20
CA VAL C 90 -15.82 -47.70 15.16
C VAL C 90 -15.08 -48.01 13.85
N HIS C 91 -15.68 -47.69 12.71
CA HIS C 91 -15.04 -47.96 11.42
C HIS C 91 -14.71 -46.65 10.72
N PRO C 92 -13.45 -46.21 10.83
CA PRO C 92 -12.96 -44.98 10.22
C PRO C 92 -13.18 -44.91 8.72
N GLU C 93 -13.21 -46.05 8.04
CA GLU C 93 -13.41 -46.05 6.59
C GLU C 93 -14.86 -45.78 6.15
N MSE C 94 -15.78 -45.73 7.12
CA MSE C 94 -17.20 -45.47 6.87
C MSE C 94 -17.43 -43.97 6.95
O MSE C 94 -16.94 -43.33 7.88
CB MSE C 94 -18.07 -46.15 7.95
CG MSE C 94 -18.17 -47.68 7.89
SE MSE C 94 -19.40 -48.29 6.52
CE MSE C 94 -21.06 -47.89 7.43
N ARG C 95 -18.19 -43.41 6.02
CA ARG C 95 -18.40 -41.96 6.07
C ARG C 95 -19.63 -41.38 5.36
N ASN C 96 -20.49 -40.77 6.16
CA ASN C 96 -21.68 -40.10 5.67
C ASN C 96 -21.18 -38.75 5.14
N VAL C 97 -21.41 -38.45 3.86
CA VAL C 97 -20.94 -37.18 3.29
C VAL C 97 -22.02 -36.11 3.05
N HIS C 98 -23.19 -36.30 3.66
CA HIS C 98 -24.29 -35.35 3.54
C HIS C 98 -23.89 -34.01 4.17
N GLU C 99 -23.77 -32.98 3.34
CA GLU C 99 -23.40 -31.63 3.76
C GLU C 99 -21.94 -31.49 4.18
N THR C 100 -21.16 -32.55 4.05
CA THR C 100 -19.76 -32.49 4.43
C THR C 100 -18.89 -33.16 3.35
N PHE C 101 -17.72 -33.66 3.75
CA PHE C 101 -16.80 -34.25 2.79
C PHE C 101 -15.79 -35.15 3.49
N THR C 102 -15.05 -35.90 2.68
CA THR C 102 -13.98 -36.73 3.17
C THR C 102 -13.08 -36.94 1.97
N PHE C 103 -11.95 -37.61 2.16
CA PHE C 103 -11.03 -37.87 1.07
C PHE C 103 -10.85 -39.37 0.80
N TRP C 104 -10.68 -39.74 -0.46
CA TRP C 104 -10.46 -41.15 -0.82
C TRP C 104 -9.08 -41.22 -1.46
N ARG C 105 -8.49 -42.42 -1.48
CA ARG C 105 -7.16 -42.60 -2.08
C ARG C 105 -7.07 -42.04 -3.50
N GLY C 106 -6.17 -41.08 -3.70
CA GLY C 106 -6.01 -40.50 -5.02
C GLY C 106 -5.18 -39.24 -5.02
N PRO C 107 -5.63 -38.19 -4.33
CA PRO C 107 -6.87 -38.13 -3.55
C PRO C 107 -8.10 -37.65 -4.33
N TYR C 108 -9.27 -37.99 -3.82
CA TYR C 108 -10.53 -37.55 -4.41
C TYR C 108 -11.27 -36.91 -3.26
N LEU C 109 -11.89 -35.76 -3.53
CA LEU C 109 -12.69 -35.08 -2.55
C LEU C 109 -14.12 -35.63 -2.76
N VAL C 110 -14.60 -36.42 -1.79
CA VAL C 110 -15.93 -37.00 -1.88
C VAL C 110 -16.89 -36.15 -1.05
N ALA C 111 -17.95 -35.68 -1.69
CA ALA C 111 -18.92 -34.81 -1.01
C ALA C 111 -20.33 -35.08 -1.50
N GLY C 112 -21.32 -34.66 -0.72
CA GLY C 112 -22.68 -34.87 -1.17
C GLY C 112 -23.75 -34.06 -0.48
N VAL C 113 -24.98 -34.14 -1.01
CA VAL C 113 -26.13 -33.48 -0.45
C VAL C 113 -27.27 -34.46 -0.73
N GLY C 114 -27.72 -35.14 0.31
CA GLY C 114 -28.79 -36.12 0.15
C GLY C 114 -30.16 -35.49 0.32
N GLY C 115 -31.16 -36.32 0.54
CA GLY C 115 -32.51 -35.82 0.70
C GLY C 115 -32.98 -35.30 -0.64
N GLU C 116 -34.13 -34.65 -0.65
CA GLU C 116 -34.68 -34.11 -1.89
C GLU C 116 -34.21 -32.69 -2.09
N ILE C 117 -33.50 -32.43 -3.20
CA ILE C 117 -33.09 -31.06 -3.45
C ILE C 117 -34.20 -30.49 -4.32
N ALA C 118 -35.07 -29.69 -3.69
CA ALA C 118 -36.20 -29.08 -4.37
C ALA C 118 -35.85 -27.67 -4.87
N ASP C 119 -36.51 -27.27 -5.95
CA ASP C 119 -36.27 -25.95 -6.56
C ASP C 119 -36.37 -24.80 -5.56
N GLU C 120 -37.42 -24.81 -4.75
CA GLU C 120 -37.67 -23.77 -3.75
C GLU C 120 -38.32 -24.35 -2.53
N GLY C 121 -39.11 -23.50 -1.87
CA GLY C 121 -39.83 -23.93 -0.68
C GLY C 121 -38.98 -23.85 0.57
N GLU C 122 -39.51 -24.40 1.66
CA GLU C 122 -38.84 -24.42 2.95
C GLU C 122 -38.14 -25.75 3.22
N PRO C 123 -37.04 -25.70 3.98
CA PRO C 123 -36.29 -26.92 4.30
C PRO C 123 -37.11 -27.81 5.23
N GLU C 124 -36.97 -29.12 5.11
CA GLU C 124 -37.66 -30.08 5.98
C GLU C 124 -36.71 -31.22 6.36
N GLU C 125 -36.65 -31.54 7.64
CA GLU C 125 -35.77 -32.64 8.08
C GLU C 125 -36.42 -33.62 9.05
N HIS C 126 -37.70 -33.44 9.35
CA HIS C 126 -38.37 -34.34 10.28
C HIS C 126 -39.33 -35.31 9.61
N GLU C 127 -40.26 -34.78 8.82
CA GLU C 127 -41.25 -35.60 8.12
C GLU C 127 -40.62 -36.25 6.90
N ALA C 128 -39.57 -35.61 6.41
CA ALA C 128 -38.83 -36.07 5.24
C ALA C 128 -37.59 -35.21 5.15
N LEU C 129 -36.71 -35.51 4.19
CA LEU C 129 -35.51 -34.72 4.01
C LEU C 129 -35.65 -33.94 2.71
N ARG C 130 -35.89 -32.64 2.85
CA ARG C 130 -36.03 -31.79 1.68
C ARG C 130 -35.22 -30.51 1.85
N TYR C 131 -34.48 -30.16 0.82
CA TYR C 131 -33.66 -28.96 0.90
C TYR C 131 -33.83 -28.08 -0.32
N PRO C 132 -34.17 -26.79 -0.13
CA PRO C 132 -34.32 -25.88 -1.27
C PRO C 132 -32.96 -25.85 -2.01
N ALA C 133 -32.95 -25.42 -3.27
CA ALA C 133 -31.71 -25.38 -4.03
C ALA C 133 -30.65 -24.50 -3.39
N TRP C 134 -31.06 -23.39 -2.76
CA TRP C 134 -30.09 -22.48 -2.16
C TRP C 134 -29.27 -23.11 -1.03
N VAL C 135 -29.86 -24.09 -0.35
CA VAL C 135 -29.16 -24.77 0.75
C VAL C 135 -28.15 -25.77 0.18
N ALA C 136 -28.52 -26.47 -0.89
CA ALA C 136 -27.60 -27.43 -1.50
C ALA C 136 -26.37 -26.65 -1.95
N GLU C 137 -26.61 -25.52 -2.60
CA GLU C 137 -25.54 -24.66 -3.08
C GLU C 137 -24.67 -24.07 -1.96
N TYR C 138 -25.30 -23.76 -0.84
CA TYR C 138 -24.57 -23.20 0.30
C TYR C 138 -23.65 -24.27 0.87
N ARG C 139 -24.09 -25.52 0.88
CA ARG C 139 -23.24 -26.59 1.41
C ARG C 139 -22.01 -26.80 0.55
N LEU C 140 -22.22 -26.87 -0.76
CA LEU C 140 -21.12 -27.14 -1.68
C LEU C 140 -20.14 -26.00 -1.90
N LYS C 141 -20.53 -24.78 -1.55
CA LYS C 141 -19.62 -23.67 -1.76
C LYS C 141 -18.37 -23.80 -0.87
N ALA C 142 -18.46 -24.60 0.19
CA ALA C 142 -17.32 -24.81 1.09
C ALA C 142 -16.21 -25.54 0.34
N LEU C 143 -16.59 -26.33 -0.66
CA LEU C 143 -15.59 -27.08 -1.41
C LEU C 143 -14.64 -26.14 -2.16
N TRP C 144 -15.02 -24.87 -2.30
CA TRP C 144 -14.18 -23.89 -2.95
C TRP C 144 -12.91 -23.61 -2.12
N GLU C 145 -12.92 -24.06 -0.86
CA GLU C 145 -11.77 -23.92 0.04
C GLU C 145 -10.78 -25.06 -0.24
N LEU C 146 -11.24 -26.05 -0.97
CA LEU C 146 -10.47 -27.23 -1.33
C LEU C 146 -10.62 -27.42 -2.84
N LYS C 147 -10.31 -26.38 -3.62
CA LYS C 147 -10.52 -26.46 -5.06
C LYS C 147 -9.56 -27.31 -5.87
N ASP C 148 -8.44 -27.72 -5.29
CA ASP C 148 -7.49 -28.51 -6.05
C ASP C 148 -7.63 -30.03 -5.99
N TYR C 149 -8.85 -30.52 -5.86
CA TYR C 149 -9.07 -31.96 -5.82
C TYR C 149 -10.14 -32.40 -6.78
N PRO C 150 -9.91 -33.48 -7.53
CA PRO C 150 -10.96 -33.95 -8.44
C PRO C 150 -12.08 -34.34 -7.48
N LYS C 151 -13.34 -34.10 -7.85
CA LYS C 151 -14.42 -34.42 -6.94
C LYS C 151 -15.36 -35.55 -7.37
N ILE C 152 -15.99 -36.14 -6.36
CA ILE C 152 -16.98 -37.19 -6.55
C ILE C 152 -18.19 -36.74 -5.71
N PHE C 153 -19.32 -36.51 -6.37
CA PHE C 153 -20.55 -36.06 -5.70
C PHE C 153 -21.56 -37.18 -5.57
N LEU C 154 -22.28 -37.17 -4.45
CA LEU C 154 -23.36 -38.13 -4.20
C LEU C 154 -24.60 -37.28 -3.94
N PHE C 155 -25.60 -37.45 -4.80
CA PHE C 155 -26.89 -36.75 -4.70
C PHE C 155 -27.98 -37.79 -4.78
N HIS C 156 -29.13 -37.49 -4.21
CA HIS C 156 -30.24 -38.40 -4.37
C HIS C 156 -30.93 -37.95 -5.66
N THR C 157 -31.14 -36.64 -5.75
CA THR C 157 -31.81 -35.99 -6.89
C THR C 157 -30.99 -35.93 -8.17
N MSE C 158 -31.58 -36.35 -9.28
CA MSE C 158 -30.90 -36.33 -10.58
C MSE C 158 -30.89 -34.93 -11.17
O MSE C 158 -31.77 -34.11 -10.88
CB MSE C 158 -31.59 -37.24 -11.56
CG MSE C 158 -31.57 -38.70 -11.20
SE MSE C 158 -32.55 -39.72 -12.52
CE MSE C 158 -34.35 -39.44 -11.82
N PRO C 159 -29.88 -34.63 -11.99
CA PRO C 159 -29.80 -33.31 -12.62
C PRO C 159 -30.58 -33.29 -13.95
N TYR C 160 -30.86 -32.11 -14.49
CA TYR C 160 -31.54 -32.07 -15.78
C TYR C 160 -30.50 -32.37 -16.88
N HIS C 161 -30.88 -33.16 -17.87
CA HIS C 161 -29.98 -33.47 -18.98
C HIS C 161 -30.79 -33.49 -20.28
N LYS C 162 -30.60 -32.44 -21.09
CA LYS C 162 -31.31 -32.28 -22.35
C LYS C 162 -31.26 -33.48 -23.31
N GLY C 163 -32.45 -33.88 -23.75
CA GLY C 163 -32.58 -34.98 -24.70
C GLY C 163 -32.42 -36.36 -24.11
N LEU C 164 -32.20 -36.44 -22.80
CA LEU C 164 -32.01 -37.74 -22.15
C LEU C 164 -32.74 -37.87 -20.83
N ASN C 165 -32.92 -36.76 -20.12
CA ASN C 165 -33.64 -36.76 -18.86
C ASN C 165 -34.24 -35.39 -18.60
N GLU C 166 -35.35 -35.09 -19.28
CA GLU C 166 -36.01 -33.80 -19.11
C GLU C 166 -36.70 -33.63 -17.76
N GLN C 167 -36.76 -34.69 -16.97
CA GLN C 167 -37.40 -34.63 -15.66
C GLN C 167 -36.42 -34.14 -14.59
N GLY C 168 -35.12 -34.29 -14.89
CA GLY C 168 -34.07 -33.90 -13.96
C GLY C 168 -34.15 -32.47 -13.42
N SER C 169 -33.43 -32.22 -12.34
CA SER C 169 -33.41 -30.90 -11.72
C SER C 169 -32.38 -29.95 -12.34
N HIS C 170 -32.83 -28.78 -12.80
CA HIS C 170 -31.93 -27.78 -13.40
C HIS C 170 -30.95 -27.25 -12.34
N GLU C 171 -31.42 -27.14 -11.10
CA GLU C 171 -30.56 -26.66 -10.01
C GLU C 171 -29.40 -27.64 -9.78
N VAL C 172 -29.70 -28.93 -9.67
CA VAL C 172 -28.64 -29.91 -9.46
C VAL C 172 -27.68 -29.88 -10.65
N ALA C 173 -28.23 -29.70 -11.85
CA ALA C 173 -27.38 -29.63 -13.04
C ALA C 173 -26.41 -28.44 -12.87
N HIS C 174 -26.93 -27.32 -12.40
CA HIS C 174 -26.11 -26.13 -12.17
C HIS C 174 -24.98 -26.34 -11.14
N LEU C 175 -25.24 -27.16 -10.13
CA LEU C 175 -24.21 -27.44 -9.12
C LEU C 175 -23.12 -28.29 -9.78
N ILE C 176 -23.52 -29.19 -10.66
CA ILE C 176 -22.54 -30.01 -11.36
C ILE C 176 -21.73 -29.16 -12.34
N LYS C 177 -22.39 -28.28 -13.09
CA LYS C 177 -21.71 -27.40 -14.04
C LYS C 177 -20.75 -26.44 -13.33
N THR C 178 -21.12 -26.07 -12.11
CA THR C 178 -20.33 -25.15 -11.31
C THR C 178 -19.07 -25.75 -10.70
N HIS C 179 -19.18 -26.93 -10.09
CA HIS C 179 -18.05 -27.59 -9.42
C HIS C 179 -17.30 -28.59 -10.30
N ASN C 180 -17.88 -28.96 -11.43
CA ASN C 180 -17.27 -29.93 -12.33
C ASN C 180 -16.73 -31.20 -11.67
N PRO C 181 -17.58 -31.94 -10.94
CA PRO C 181 -17.13 -33.17 -10.30
C PRO C 181 -16.70 -34.15 -11.38
N LEU C 182 -15.75 -35.02 -11.09
CA LEU C 182 -15.35 -35.97 -12.11
C LEU C 182 -16.46 -37.01 -12.29
N LEU C 183 -17.03 -37.42 -11.16
CA LEU C 183 -18.10 -38.41 -11.10
C LEU C 183 -19.26 -37.90 -10.24
N VAL C 184 -20.48 -38.22 -10.64
CA VAL C 184 -21.66 -37.85 -9.90
C VAL C 184 -22.53 -39.11 -9.82
N LEU C 185 -22.90 -39.52 -8.62
CA LEU C 185 -23.72 -40.68 -8.40
C LEU C 185 -25.08 -40.18 -7.96
N VAL C 186 -26.13 -40.73 -8.55
CA VAL C 186 -27.48 -40.32 -8.23
C VAL C 186 -28.37 -41.54 -8.03
N ALA C 187 -29.48 -41.36 -7.32
CA ALA C 187 -30.39 -42.46 -7.05
C ALA C 187 -31.23 -42.76 -8.28
N GLY C 188 -31.60 -44.04 -8.43
CA GLY C 188 -32.42 -44.41 -9.55
C GLY C 188 -32.41 -45.89 -9.89
N LYS C 189 -33.50 -46.33 -10.48
CA LYS C 189 -33.69 -47.71 -10.91
C LYS C 189 -33.15 -47.88 -12.34
N GLY C 190 -32.36 -48.92 -12.55
CA GLY C 190 -31.78 -49.18 -13.87
C GLY C 190 -30.40 -48.57 -14.06
N GLN C 191 -29.38 -49.43 -14.10
CA GLN C 191 -28.00 -48.98 -14.27
C GLN C 191 -27.75 -48.29 -15.62
N LYS C 192 -27.17 -47.08 -15.55
CA LYS C 192 -26.84 -46.29 -16.72
C LYS C 192 -25.94 -45.10 -16.36
N HIS C 193 -25.45 -44.41 -17.38
CA HIS C 193 -24.57 -43.28 -17.16
C HIS C 193 -24.43 -42.47 -18.44
N GLU C 194 -24.27 -41.17 -18.28
CA GLU C 194 -24.10 -40.28 -19.42
C GLU C 194 -23.13 -39.20 -19.00
N MSE C 195 -22.49 -38.58 -19.98
CA MSE C 195 -21.57 -37.50 -19.71
C MSE C 195 -22.41 -36.22 -19.74
O MSE C 195 -23.03 -35.91 -20.75
CB MSE C 195 -20.50 -37.43 -20.79
CG MSE C 195 -19.51 -38.59 -20.77
SE MSE C 195 -18.49 -38.68 -19.09
CE MSE C 195 -17.51 -37.05 -19.24
N LEU C 196 -22.45 -35.51 -18.61
CA LEU C 196 -23.17 -34.24 -18.53
C LEU C 196 -22.07 -33.18 -18.49
N GLY C 197 -21.79 -32.58 -19.64
CA GLY C 197 -20.70 -31.61 -19.67
C GLY C 197 -19.45 -32.46 -19.48
N ALA C 198 -18.54 -32.02 -18.62
CA ALA C 198 -17.31 -32.76 -18.35
C ALA C 198 -17.45 -33.76 -17.21
N SER C 199 -18.64 -33.81 -16.61
CA SER C 199 -18.90 -34.69 -15.47
C SER C 199 -19.53 -36.00 -15.90
N TRP C 200 -19.09 -37.10 -15.27
CA TRP C 200 -19.64 -38.41 -15.56
C TRP C 200 -20.73 -38.70 -14.52
N VAL C 201 -21.98 -38.68 -14.98
CA VAL C 201 -23.14 -38.90 -14.12
C VAL C 201 -23.59 -40.35 -14.22
N VAL C 202 -23.55 -41.05 -13.09
CA VAL C 202 -23.95 -42.45 -13.10
C VAL C 202 -25.17 -42.72 -12.22
N VAL C 203 -26.01 -43.65 -12.67
CA VAL C 203 -27.17 -44.11 -11.91
C VAL C 203 -26.72 -45.54 -11.68
N PRO C 204 -26.26 -45.85 -10.46
CA PRO C 204 -25.77 -47.17 -10.07
C PRO C 204 -26.79 -48.29 -10.09
N GLY C 205 -28.06 -47.94 -9.99
CA GLY C 205 -29.09 -48.95 -9.98
C GLY C 205 -29.79 -48.88 -8.64
N ASP C 206 -30.92 -49.57 -8.52
CA ASP C 206 -31.67 -49.56 -7.27
C ASP C 206 -31.53 -50.92 -6.59
N LEU C 207 -30.91 -50.91 -5.41
CA LEU C 207 -30.67 -52.13 -4.66
C LEU C 207 -31.96 -52.83 -4.22
N SER C 208 -33.00 -52.06 -3.91
CA SER C 208 -34.27 -52.64 -3.50
C SER C 208 -34.79 -53.50 -4.65
N GLU C 209 -34.16 -53.36 -5.82
CA GLU C 209 -34.52 -54.12 -7.02
C GLU C 209 -33.37 -55.08 -7.33
N GLY C 210 -32.43 -55.18 -6.39
CA GLY C 210 -31.28 -56.06 -6.57
C GLY C 210 -30.19 -55.52 -7.47
N GLU C 211 -30.39 -54.30 -8.00
CA GLU C 211 -29.42 -53.69 -8.92
C GLU C 211 -28.29 -52.91 -8.25
N TYR C 212 -27.09 -53.06 -8.81
CA TYR C 212 -25.89 -52.35 -8.36
C TYR C 212 -24.96 -52.21 -9.56
N SER C 213 -23.95 -51.36 -9.46
CA SER C 213 -22.98 -51.18 -10.52
C SER C 213 -21.57 -51.17 -9.92
N LEU C 214 -20.58 -51.49 -10.75
CA LEU C 214 -19.18 -51.45 -10.37
C LEU C 214 -18.58 -50.49 -11.39
N LEU C 215 -18.27 -49.28 -10.94
CA LEU C 215 -17.72 -48.26 -11.82
C LEU C 215 -16.22 -48.34 -11.97
N ASP C 216 -15.76 -48.00 -13.17
CA ASP C 216 -14.33 -47.98 -13.49
C ASP C 216 -14.06 -46.49 -13.72
N LEU C 217 -13.75 -45.79 -12.65
CA LEU C 217 -13.52 -44.35 -12.68
C LEU C 217 -12.52 -43.90 -13.73
N ARG C 218 -11.63 -44.79 -14.14
CA ARG C 218 -10.62 -44.43 -15.14
C ARG C 218 -11.16 -44.45 -16.57
N ALA C 219 -11.87 -45.51 -16.90
CA ALA C 219 -12.43 -45.66 -18.25
C ALA C 219 -13.84 -45.08 -18.36
N ARG C 220 -14.34 -44.57 -17.24
CA ARG C 220 -15.69 -44.00 -17.19
C ARG C 220 -16.67 -45.00 -17.78
N LYS C 221 -16.60 -46.21 -17.26
CA LYS C 221 -17.47 -47.29 -17.70
C LYS C 221 -17.94 -48.04 -16.47
N LEU C 222 -18.89 -48.95 -16.62
CA LEU C 222 -19.36 -49.71 -15.47
C LEU C 222 -19.91 -51.09 -15.80
N GLU C 223 -19.69 -52.03 -14.89
CA GLU C 223 -20.20 -53.39 -15.02
C GLU C 223 -21.47 -53.42 -14.20
N THR C 224 -22.54 -53.94 -14.79
CA THR C 224 -23.83 -54.03 -14.12
C THR C 224 -24.05 -55.41 -13.52
N GLY C 225 -24.76 -55.46 -12.40
CA GLY C 225 -25.04 -56.73 -11.75
C GLY C 225 -26.30 -56.69 -10.90
N ASN C 226 -26.73 -57.86 -10.43
CA ASN C 226 -27.91 -57.95 -9.58
C ASN C 226 -27.69 -59.04 -8.55
N VAL C 227 -28.19 -58.81 -7.34
CA VAL C 227 -28.05 -59.77 -6.25
C VAL C 227 -29.19 -60.79 -6.25
N ARG C 228 -30.21 -60.53 -7.06
CA ARG C 228 -31.35 -61.44 -7.14
C ARG C 228 -31.08 -62.52 -8.18
N MSE D 1 -4.24 -8.39 -2.38
CA MSE D 1 -4.31 -7.14 -1.57
C MSE D 1 -4.25 -7.41 -0.05
O MSE D 1 -3.53 -6.72 0.68
CB MSE D 1 -5.60 -6.38 -1.91
CG MSE D 1 -5.67 -4.99 -1.33
SE MSE D 1 -4.24 -3.86 -2.05
CE MSE D 1 -5.14 -3.20 -3.66
N ARG D 2 -4.98 -8.41 0.43
CA ARG D 2 -4.98 -8.70 1.87
C ARG D 2 -3.67 -9.36 2.35
N ARG D 3 -3.32 -9.07 3.59
CA ARG D 3 -2.11 -9.61 4.24
C ARG D 3 -2.54 -10.69 5.22
N THR D 4 -1.58 -11.25 5.96
CA THR D 4 -1.88 -12.28 6.94
C THR D 4 -2.67 -11.69 8.10
N VAL D 5 -3.43 -12.54 8.76
CA VAL D 5 -4.24 -12.08 9.87
C VAL D 5 -3.45 -12.18 11.18
N ARG D 6 -3.33 -11.06 11.89
CA ARG D 6 -2.64 -11.06 13.18
C ARG D 6 -3.56 -10.47 14.25
N TYR D 7 -4.31 -9.43 13.89
CA TYR D 7 -5.24 -8.78 14.81
C TYR D 7 -6.70 -9.00 14.47
N ILE D 8 -7.42 -9.60 15.41
CA ILE D 8 -8.82 -9.91 15.21
C ILE D 8 -9.68 -9.05 16.12
N LEU D 9 -10.64 -8.37 15.51
CA LEU D 9 -11.58 -7.54 16.25
C LEU D 9 -12.74 -8.52 16.55
N ALA D 10 -13.03 -8.74 17.84
CA ALA D 10 -14.08 -9.70 18.19
C ALA D 10 -15.03 -9.26 19.29
N THR D 11 -16.20 -9.88 19.28
CA THR D 11 -17.23 -9.56 20.26
C THR D 11 -18.23 -10.70 20.27
N SER D 12 -19.24 -10.60 21.13
CA SER D 12 -20.24 -11.65 21.20
C SER D 12 -21.59 -11.08 21.62
N ASN D 13 -22.63 -11.88 21.38
CA ASN D 13 -24.00 -11.57 21.76
C ASN D 13 -24.48 -10.15 21.58
N PRO D 14 -24.45 -9.61 20.34
CA PRO D 14 -24.94 -8.24 20.17
C PRO D 14 -26.46 -8.14 20.38
N MSE D 15 -27.15 -9.28 20.31
CA MSE D 15 -28.62 -9.28 20.51
C MSE D 15 -29.42 -8.22 19.75
O MSE D 15 -30.25 -7.51 20.34
CB MSE D 15 -28.94 -9.17 22.00
CG MSE D 15 -28.64 -10.41 22.85
SE MSE D 15 -29.95 -11.84 22.62
CE MSE D 15 -31.46 -10.95 23.49
N GLY D 16 -29.19 -8.09 18.44
CA GLY D 16 -29.95 -7.14 17.64
C GLY D 16 -29.67 -5.66 17.80
N ASP D 17 -28.69 -5.31 18.62
CA ASP D 17 -28.37 -3.90 18.80
C ASP D 17 -27.58 -3.42 17.59
N LEU D 18 -28.29 -2.85 16.61
CA LEU D 18 -27.71 -2.34 15.37
C LEU D 18 -26.81 -1.11 15.51
N GLU D 19 -27.10 -0.26 16.50
CA GLU D 19 -26.27 0.92 16.73
C GLU D 19 -24.91 0.46 17.22
N ALA D 20 -24.92 -0.42 18.20
CA ALA D 20 -23.67 -0.96 18.75
C ALA D 20 -22.89 -1.64 17.64
N LEU D 21 -23.55 -2.54 16.90
CA LEU D 21 -22.89 -3.28 15.82
C LEU D 21 -22.22 -2.33 14.86
N GLU D 22 -22.94 -1.29 14.48
CA GLU D 22 -22.40 -0.32 13.54
C GLU D 22 -21.15 0.33 14.05
N LYS D 23 -21.21 0.81 15.28
CA LYS D 23 -20.05 1.45 15.88
C LYS D 23 -18.89 0.46 15.96
N PHE D 24 -19.22 -0.80 16.23
CA PHE D 24 -18.22 -1.86 16.33
C PHE D 24 -17.47 -2.01 15.01
N VAL D 25 -18.22 -2.01 13.91
CA VAL D 25 -17.63 -2.15 12.58
C VAL D 25 -16.72 -0.97 12.26
N LYS D 26 -17.21 0.22 12.59
CA LYS D 26 -16.51 1.47 12.38
C LYS D 26 -15.13 1.54 13.07
N LEU D 27 -14.89 0.64 14.02
CA LEU D 27 -13.63 0.59 14.78
C LEU D 27 -12.52 -0.10 13.99
N ALA D 28 -12.92 -1.01 13.11
CA ALA D 28 -11.95 -1.76 12.35
C ALA D 28 -10.84 -0.94 11.69
N PRO D 29 -11.20 0.10 10.93
CA PRO D 29 -10.16 0.91 10.27
C PRO D 29 -9.21 1.61 11.25
N ASP D 30 -9.77 2.16 12.32
CA ASP D 30 -8.93 2.86 13.28
C ASP D 30 -7.96 1.92 13.99
N THR D 31 -8.34 0.66 14.19
CA THR D 31 -7.49 -0.30 14.89
C THR D 31 -6.50 -1.05 14.00
N GLY D 32 -6.80 -1.15 12.71
CA GLY D 32 -5.93 -1.90 11.82
C GLY D 32 -6.31 -3.38 11.86
N ALA D 33 -7.44 -3.71 12.47
CA ALA D 33 -7.85 -5.12 12.54
C ALA D 33 -7.85 -5.76 11.16
N ASP D 34 -7.33 -6.98 11.09
CA ASP D 34 -7.22 -7.74 9.85
C ASP D 34 -8.42 -8.66 9.64
N ALA D 35 -9.21 -8.85 10.68
CA ALA D 35 -10.37 -9.71 10.57
C ALA D 35 -11.35 -9.47 11.70
N ILE D 36 -12.55 -10.02 11.55
CA ILE D 36 -13.59 -9.87 12.57
C ILE D 36 -14.16 -11.24 12.90
N ALA D 37 -14.35 -11.51 14.19
CA ALA D 37 -14.93 -12.79 14.61
C ALA D 37 -16.07 -12.38 15.53
N LEU D 38 -17.28 -12.85 15.23
CA LEU D 38 -18.44 -12.49 16.00
C LEU D 38 -19.26 -13.71 16.38
N ILE D 39 -19.58 -13.81 17.67
CA ILE D 39 -20.35 -14.92 18.18
C ILE D 39 -21.74 -14.40 18.53
N GLY D 40 -22.75 -15.27 18.42
CA GLY D 40 -24.11 -14.85 18.73
C GLY D 40 -24.33 -14.69 20.23
N ASN D 41 -25.56 -14.41 20.67
CA ASN D 41 -26.71 -14.24 19.79
C ASN D 41 -26.63 -12.98 18.95
N LEU D 42 -26.80 -13.13 17.64
CA LEU D 42 -26.77 -12.02 16.72
C LEU D 42 -28.06 -11.23 16.87
N MSE D 43 -29.15 -11.96 17.06
CA MSE D 43 -30.49 -11.39 17.18
C MSE D 43 -31.28 -12.04 18.31
O MSE D 43 -31.00 -13.18 18.71
CB MSE D 43 -31.27 -11.58 15.87
CG MSE D 43 -30.92 -10.64 14.75
SE MSE D 43 -31.64 -8.91 15.10
CE MSE D 43 -30.49 -7.84 14.00
N PRO D 44 -32.27 -11.32 18.84
CA PRO D 44 -33.06 -11.95 19.92
C PRO D 44 -33.93 -13.02 19.25
N LYS D 45 -34.39 -13.99 20.04
CA LYS D 45 -35.25 -15.06 19.54
C LYS D 45 -36.40 -14.56 18.65
N ALA D 46 -37.02 -13.45 19.04
CA ALA D 46 -38.15 -12.90 18.29
C ALA D 46 -37.82 -12.39 16.90
N ALA D 47 -36.54 -12.11 16.66
CA ALA D 47 -36.12 -11.59 15.36
C ALA D 47 -36.59 -12.46 14.21
N LYS D 48 -36.73 -11.81 13.05
CA LYS D 48 -37.14 -12.46 11.81
C LYS D 48 -36.04 -12.26 10.75
N SER D 49 -36.29 -12.74 9.54
CA SER D 49 -35.33 -12.63 8.45
C SER D 49 -34.89 -11.22 8.08
N ARG D 50 -35.83 -10.29 7.95
CA ARG D 50 -35.46 -8.94 7.57
C ARG D 50 -34.61 -8.28 8.64
N ASP D 51 -34.60 -8.84 9.84
CA ASP D 51 -33.79 -8.29 10.92
C ASP D 51 -32.35 -8.76 10.67
N TYR D 52 -32.20 -10.04 10.36
CA TYR D 52 -30.87 -10.56 10.06
C TYR D 52 -30.32 -9.83 8.83
N ALA D 53 -31.16 -9.64 7.82
CA ALA D 53 -30.74 -8.94 6.62
C ALA D 53 -30.15 -7.57 6.96
N ALA D 54 -30.76 -6.87 7.90
CA ALA D 54 -30.26 -5.54 8.27
C ALA D 54 -28.93 -5.63 9.01
N PHE D 55 -28.79 -6.67 9.84
CA PHE D 55 -27.58 -6.91 10.63
C PHE D 55 -26.39 -7.13 9.70
N PHE D 56 -26.55 -8.08 8.79
CA PHE D 56 -25.51 -8.40 7.82
C PHE D 56 -25.09 -7.23 6.91
N ARG D 57 -26.05 -6.39 6.56
CA ARG D 57 -25.78 -5.23 5.71
C ARG D 57 -24.78 -4.32 6.42
N ILE D 58 -25.04 -4.05 7.69
CA ILE D 58 -24.16 -3.21 8.49
C ILE D 58 -22.81 -3.89 8.65
N LEU D 59 -22.82 -5.19 8.90
CA LEU D 59 -21.55 -5.92 9.08
C LEU D 59 -20.72 -5.97 7.79
N SER D 60 -21.40 -6.00 6.64
CA SER D 60 -20.71 -6.08 5.35
C SER D 60 -19.89 -4.85 4.99
N GLU D 61 -20.12 -3.73 5.68
CA GLU D 61 -19.37 -2.52 5.40
C GLU D 61 -17.94 -2.62 5.90
N ALA D 62 -17.60 -3.68 6.60
CA ALA D 62 -16.23 -3.81 7.10
C ALA D 62 -15.23 -4.02 5.96
N HIS D 63 -15.59 -4.89 5.02
CA HIS D 63 -14.70 -5.22 3.91
C HIS D 63 -13.47 -5.85 4.56
N LEU D 64 -13.73 -6.87 5.37
CA LEU D 64 -12.70 -7.62 6.09
C LEU D 64 -13.11 -9.07 6.27
N PRO D 65 -12.13 -9.98 6.26
CA PRO D 65 -12.48 -11.39 6.45
C PRO D 65 -13.28 -11.38 7.77
N THR D 66 -14.45 -12.01 7.76
CA THR D 66 -15.33 -11.99 8.91
C THR D 66 -15.95 -13.36 9.10
N ALA D 67 -15.94 -13.84 10.34
CA ALA D 67 -16.52 -15.15 10.63
C ALA D 67 -17.51 -15.05 11.76
N TYR D 68 -18.53 -15.89 11.72
CA TYR D 68 -19.54 -15.89 12.78
C TYR D 68 -20.26 -17.22 12.94
N VAL D 69 -20.86 -17.38 14.12
CA VAL D 69 -21.65 -18.57 14.43
C VAL D 69 -22.81 -17.97 15.21
N PRO D 70 -24.00 -18.59 15.15
CA PRO D 70 -25.18 -18.10 15.86
C PRO D 70 -25.21 -18.54 17.34
N GLY D 71 -26.15 -17.97 18.08
CA GLY D 71 -26.33 -18.31 19.48
C GLY D 71 -27.61 -19.13 19.68
N PRO D 72 -27.91 -19.55 20.92
CA PRO D 72 -29.11 -20.34 21.24
C PRO D 72 -30.42 -19.73 20.76
N GLN D 73 -30.46 -18.40 20.73
CA GLN D 73 -31.66 -17.66 20.32
C GLN D 73 -31.82 -17.35 18.83
N ASP D 74 -30.81 -17.65 18.02
CA ASP D 74 -30.87 -17.37 16.59
C ASP D 74 -31.68 -18.44 15.85
N ALA D 75 -32.95 -18.58 16.22
CA ALA D 75 -33.82 -19.57 15.59
C ALA D 75 -35.10 -18.95 15.06
N PRO D 76 -35.75 -19.64 14.09
CA PRO D 76 -35.29 -20.91 13.52
C PRO D 76 -33.97 -20.80 12.74
N ILE D 77 -33.23 -21.91 12.67
CA ILE D 77 -31.92 -21.94 12.01
C ILE D 77 -31.93 -21.44 10.57
N TRP D 78 -32.97 -21.79 9.82
CA TRP D 78 -33.08 -21.41 8.41
C TRP D 78 -33.14 -19.92 8.09
N GLU D 79 -33.64 -19.10 9.02
CA GLU D 79 -33.69 -17.67 8.72
C GLU D 79 -32.30 -17.06 8.83
N TYR D 80 -31.55 -17.49 9.84
CA TYR D 80 -30.19 -17.02 10.02
C TYR D 80 -29.37 -17.48 8.83
N LEU D 81 -29.52 -18.75 8.47
CA LEU D 81 -28.77 -19.34 7.36
C LEU D 81 -29.06 -18.68 6.01
N ARG D 82 -30.35 -18.51 5.69
CA ARG D 82 -30.73 -17.88 4.45
C ARG D 82 -30.12 -16.49 4.33
N GLU D 83 -30.24 -15.68 5.38
CA GLU D 83 -29.68 -14.34 5.29
C GLU D 83 -28.14 -14.28 5.26
N ALA D 84 -27.48 -15.27 5.86
CA ALA D 84 -26.02 -15.30 5.83
C ALA D 84 -25.65 -15.67 4.39
N ALA D 85 -26.41 -16.59 3.80
CA ALA D 85 -26.19 -17.02 2.42
C ALA D 85 -26.34 -15.84 1.47
N ASN D 86 -27.34 -15.00 1.71
CA ASN D 86 -27.59 -13.82 0.87
C ASN D 86 -26.43 -12.85 0.87
N VAL D 87 -26.05 -12.37 2.06
CA VAL D 87 -24.96 -11.41 2.09
C VAL D 87 -23.64 -12.02 1.64
N GLU D 88 -23.47 -13.33 1.83
CA GLU D 88 -22.19 -13.95 1.47
C GLU D 88 -21.98 -14.19 -0.02
N LEU D 89 -23.06 -14.11 -0.80
CA LEU D 89 -22.94 -14.30 -2.24
C LEU D 89 -22.08 -13.22 -2.83
N VAL D 90 -22.35 -11.98 -2.43
CA VAL D 90 -21.60 -10.88 -3.00
C VAL D 90 -20.47 -10.33 -2.13
N HIS D 91 -20.41 -10.78 -0.87
CA HIS D 91 -19.35 -10.37 0.08
C HIS D 91 -18.77 -11.66 0.60
N PRO D 92 -18.09 -12.42 -0.27
CA PRO D 92 -17.49 -13.70 0.07
C PRO D 92 -16.41 -13.68 1.16
N GLU D 93 -15.97 -12.51 1.58
CA GLU D 93 -14.99 -12.42 2.64
C GLU D 93 -15.73 -12.71 3.97
N MSE D 94 -17.07 -12.74 3.91
CA MSE D 94 -17.90 -13.00 5.09
C MSE D 94 -18.26 -14.46 5.18
O MSE D 94 -18.53 -15.10 4.16
CB MSE D 94 -19.19 -12.17 5.04
CG MSE D 94 -18.95 -10.70 5.04
SE MSE D 94 -20.59 -9.74 4.86
CE MSE D 94 -21.24 -10.00 6.69
N ARG D 95 -18.29 -15.01 6.39
CA ARG D 95 -18.58 -16.43 6.50
C ARG D 95 -19.21 -16.93 7.77
N ASN D 96 -20.35 -17.58 7.62
CA ASN D 96 -21.04 -18.22 8.75
C ASN D 96 -20.25 -19.52 8.82
N VAL D 97 -19.51 -19.75 9.91
CA VAL D 97 -18.73 -20.98 10.02
C VAL D 97 -19.43 -22.07 10.85
N HIS D 98 -20.68 -21.82 11.21
CA HIS D 98 -21.43 -22.81 11.98
C HIS D 98 -21.51 -24.14 11.22
N GLU D 99 -20.87 -25.18 11.78
CA GLU D 99 -20.86 -26.52 11.20
C GLU D 99 -19.98 -26.66 9.97
N THR D 100 -19.28 -25.61 9.60
CA THR D 100 -18.42 -25.69 8.42
C THR D 100 -17.07 -25.02 8.68
N PHE D 101 -16.39 -24.55 7.64
CA PHE D 101 -15.08 -23.94 7.85
C PHE D 101 -14.67 -23.03 6.71
N THR D 102 -13.56 -22.33 6.89
CA THR D 102 -13.01 -21.47 5.86
C THR D 102 -11.55 -21.17 6.27
N PHE D 103 -10.73 -20.74 5.31
CA PHE D 103 -9.33 -20.42 5.59
C PHE D 103 -9.06 -18.94 5.52
N TRP D 104 -8.29 -18.44 6.48
CA TRP D 104 -7.90 -17.05 6.51
C TRP D 104 -6.41 -17.07 6.21
N ARG D 105 -5.88 -15.98 5.68
CA ARG D 105 -4.47 -15.92 5.37
C ARG D 105 -3.67 -16.07 6.66
N GLY D 106 -2.66 -16.95 6.62
CA GLY D 106 -1.83 -17.20 7.78
C GLY D 106 -0.93 -18.39 7.52
N PRO D 107 -1.51 -19.57 7.23
CA PRO D 107 -2.96 -19.77 7.16
C PRO D 107 -3.62 -20.20 8.47
N TYR D 108 -4.93 -19.99 8.55
CA TYR D 108 -5.73 -20.38 9.72
C TYR D 108 -7.02 -21.08 9.29
N LEU D 109 -7.27 -22.24 9.86
CA LEU D 109 -8.47 -23.01 9.57
C LEU D 109 -9.55 -22.60 10.57
N VAL D 110 -10.48 -21.77 10.10
CA VAL D 110 -11.57 -21.26 10.92
C VAL D 110 -12.81 -22.13 10.81
N ALA D 111 -13.26 -22.64 11.95
CA ALA D 111 -14.42 -23.52 12.01
C ALA D 111 -15.21 -23.20 13.27
N GLY D 112 -16.47 -23.61 13.31
CA GLY D 112 -17.24 -23.32 14.50
C GLY D 112 -18.48 -24.18 14.68
N VAL D 113 -19.09 -24.03 15.85
CA VAL D 113 -20.33 -24.73 16.21
C VAL D 113 -21.04 -23.77 17.16
N GLY D 114 -22.03 -23.04 16.66
CA GLY D 114 -22.76 -22.10 17.48
C GLY D 114 -23.92 -22.75 18.20
N GLY D 115 -24.85 -21.93 18.70
CA GLY D 115 -25.98 -22.46 19.44
C GLY D 115 -25.51 -23.01 20.80
N GLU D 116 -26.42 -23.62 21.53
CA GLU D 116 -26.11 -24.18 22.84
C GLU D 116 -25.65 -25.61 22.68
N ILE D 117 -24.40 -25.90 23.05
CA ILE D 117 -23.91 -27.28 22.96
C ILE D 117 -24.19 -27.93 24.31
N ALA D 118 -25.27 -28.72 24.37
CA ALA D 118 -25.70 -29.39 25.59
C ALA D 118 -24.99 -30.71 25.73
N ASP D 119 -24.95 -31.19 26.97
CA ASP D 119 -24.30 -32.46 27.29
C ASP D 119 -24.92 -33.56 26.45
N GLU D 120 -26.25 -33.62 26.45
CA GLU D 120 -26.98 -34.62 25.69
C GLU D 120 -28.36 -34.06 25.37
N GLY D 121 -29.35 -34.93 25.26
CA GLY D 121 -30.69 -34.45 24.95
C GLY D 121 -30.90 -34.44 23.45
N GLU D 122 -31.99 -33.81 23.02
CA GLU D 122 -32.34 -33.76 21.61
C GLU D 122 -32.00 -32.46 20.87
N PRO D 123 -31.58 -32.58 19.62
CA PRO D 123 -31.23 -31.41 18.82
C PRO D 123 -32.49 -30.56 18.60
N GLU D 124 -32.34 -29.25 18.60
CA GLU D 124 -33.46 -28.33 18.34
C GLU D 124 -32.97 -27.18 17.46
N GLU D 125 -33.71 -26.84 16.41
CA GLU D 125 -33.30 -25.75 15.52
C GLU D 125 -34.43 -24.78 15.20
N HIS D 126 -35.61 -25.05 15.72
CA HIS D 126 -36.74 -24.19 15.43
C HIS D 126 -37.12 -23.22 16.56
N GLU D 127 -37.31 -23.73 17.78
CA GLU D 127 -37.65 -22.84 18.91
C GLU D 127 -36.39 -22.24 19.55
N ALA D 128 -35.24 -22.76 19.14
CA ALA D 128 -33.95 -22.30 19.62
C ALA D 128 -32.90 -23.20 18.97
N LEU D 129 -31.63 -22.88 19.17
CA LEU D 129 -30.57 -23.70 18.61
C LEU D 129 -29.91 -24.44 19.76
N ARG D 130 -30.00 -25.77 19.76
CA ARG D 130 -29.40 -26.58 20.82
C ARG D 130 -28.90 -27.86 20.18
N TYR D 131 -27.67 -28.25 20.49
CA TYR D 131 -27.11 -29.47 19.92
C TYR D 131 -26.44 -30.37 20.94
N PRO D 132 -26.76 -31.67 20.92
CA PRO D 132 -26.12 -32.58 21.88
C PRO D 132 -24.62 -32.59 21.50
N ALA D 133 -23.75 -32.72 22.50
CA ALA D 133 -22.31 -32.74 22.29
C ALA D 133 -21.84 -33.66 21.14
N TRP D 134 -22.45 -34.83 21.00
CA TRP D 134 -22.03 -35.74 19.94
C TRP D 134 -22.19 -35.10 18.56
N VAL D 135 -23.13 -34.15 18.43
CA VAL D 135 -23.34 -33.48 17.16
C VAL D 135 -22.16 -32.54 16.88
N ALA D 136 -21.89 -31.66 17.84
CA ALA D 136 -20.79 -30.71 17.72
C ALA D 136 -19.49 -31.45 17.38
N GLU D 137 -19.27 -32.58 18.06
CA GLU D 137 -18.06 -33.35 17.81
C GLU D 137 -18.10 -33.95 16.40
N TYR D 138 -19.28 -34.36 15.98
CA TYR D 138 -19.41 -34.92 14.65
C TYR D 138 -19.04 -33.86 13.63
N ARG D 139 -19.51 -32.63 13.84
CA ARG D 139 -19.23 -31.55 12.90
C ARG D 139 -17.73 -31.28 12.71
N LEU D 140 -17.00 -31.22 13.82
CA LEU D 140 -15.58 -30.93 13.77
C LEU D 140 -14.71 -32.06 13.25
N LYS D 141 -15.27 -33.27 13.26
CA LYS D 141 -14.59 -34.47 12.79
C LYS D 141 -14.02 -34.30 11.37
N ALA D 142 -14.75 -33.57 10.51
CA ALA D 142 -14.32 -33.36 9.14
C ALA D 142 -12.95 -32.69 9.05
N LEU D 143 -12.65 -31.81 10.00
CA LEU D 143 -11.37 -31.11 10.00
C LEU D 143 -10.13 -32.02 10.07
N TRP D 144 -10.27 -33.24 10.60
CA TRP D 144 -9.13 -34.16 10.67
C TRP D 144 -8.57 -34.50 9.28
N GLU D 145 -9.37 -34.31 8.24
CA GLU D 145 -8.93 -34.60 6.87
C GLU D 145 -7.98 -33.51 6.39
N LEU D 146 -8.09 -32.32 6.98
CA LEU D 146 -7.26 -31.19 6.59
C LEU D 146 -5.98 -31.18 7.43
N LYS D 147 -4.86 -31.28 6.72
CA LYS D 147 -3.54 -31.38 7.32
C LYS D 147 -2.75 -30.16 7.78
N ASP D 148 -2.20 -30.27 8.99
CA ASP D 148 -1.33 -29.27 9.62
C ASP D 148 -1.75 -27.81 9.62
N TYR D 149 -3.03 -27.53 9.82
CA TYR D 149 -3.45 -26.14 9.84
C TYR D 149 -3.70 -25.65 11.25
N PRO D 150 -3.15 -24.49 11.61
CA PRO D 150 -3.39 -23.97 12.96
C PRO D 150 -4.89 -23.67 12.91
N LYS D 151 -5.64 -24.00 13.95
CA LYS D 151 -7.08 -23.77 13.92
C LYS D 151 -7.59 -22.68 14.84
N ILE D 152 -8.68 -22.03 14.42
CA ILE D 152 -9.37 -21.01 15.19
C ILE D 152 -10.83 -21.48 15.28
N PHE D 153 -11.33 -21.67 16.50
CA PHE D 153 -12.70 -22.15 16.69
C PHE D 153 -13.63 -21.07 17.28
N LEU D 154 -14.89 -21.07 16.85
CA LEU D 154 -15.87 -20.14 17.40
C LEU D 154 -16.98 -21.01 17.99
N PHE D 155 -17.30 -20.78 19.25
CA PHE D 155 -18.38 -21.51 19.92
C PHE D 155 -19.14 -20.47 20.67
N HIS D 156 -20.39 -20.78 20.98
CA HIS D 156 -21.15 -19.87 21.80
C HIS D 156 -20.91 -20.43 23.22
N THR D 157 -20.98 -21.75 23.36
CA THR D 157 -20.81 -22.42 24.64
C THR D 157 -19.41 -22.48 25.22
N MSE D 158 -19.31 -22.02 26.46
CA MSE D 158 -18.08 -21.98 27.26
C MSE D 158 -17.55 -23.37 27.63
O MSE D 158 -18.32 -24.23 28.05
CB MSE D 158 -18.39 -21.19 28.53
CG MSE D 158 -17.37 -21.39 29.62
SE MSE D 158 -16.03 -20.08 29.40
CE MSE D 158 -17.17 -18.52 29.69
N PRO D 159 -16.24 -23.61 27.50
CA PRO D 159 -15.72 -24.93 27.87
C PRO D 159 -15.36 -24.98 29.35
N TYR D 160 -15.26 -26.17 29.92
CA TYR D 160 -14.87 -26.29 31.33
C TYR D 160 -13.42 -25.85 31.48
N HIS D 161 -13.19 -24.93 32.40
CA HIS D 161 -11.85 -24.42 32.69
C HIS D 161 -11.87 -23.89 34.12
N LYS D 162 -10.95 -24.39 34.93
CA LYS D 162 -10.87 -23.97 36.33
C LYS D 162 -10.73 -22.45 36.47
N GLY D 163 -10.14 -21.82 35.46
CA GLY D 163 -9.95 -20.38 35.50
C GLY D 163 -11.05 -19.54 34.89
N LEU D 164 -11.66 -20.02 33.81
CA LEU D 164 -12.73 -19.26 33.14
C LEU D 164 -14.13 -19.68 33.56
N ASN D 165 -14.32 -20.96 33.87
CA ASN D 165 -15.64 -21.45 34.25
C ASN D 165 -15.58 -22.92 34.63
N GLU D 166 -15.63 -23.18 35.94
CA GLU D 166 -15.59 -24.53 36.49
C GLU D 166 -16.92 -25.23 36.21
N GLN D 167 -17.88 -24.44 35.72
CA GLN D 167 -19.22 -24.93 35.36
C GLN D 167 -19.37 -25.03 33.83
N GLY D 168 -18.31 -24.72 33.09
CA GLY D 168 -18.36 -24.81 31.64
C GLY D 168 -18.59 -26.24 31.16
N SER D 169 -18.80 -26.40 29.85
CA SER D 169 -19.03 -27.73 29.27
C SER D 169 -17.75 -28.55 29.20
N HIS D 170 -17.81 -29.78 29.71
CA HIS D 170 -16.64 -30.67 29.67
C HIS D 170 -16.45 -31.20 28.24
N GLU D 171 -17.56 -31.37 27.52
CA GLU D 171 -17.51 -31.87 26.14
C GLU D 171 -16.80 -30.86 25.23
N VAL D 172 -17.16 -29.58 25.36
CA VAL D 172 -16.55 -28.51 24.58
C VAL D 172 -15.04 -28.44 24.86
N ALA D 173 -14.67 -28.58 26.13
CA ALA D 173 -13.26 -28.53 26.51
C ALA D 173 -12.53 -29.72 25.85
N HIS D 174 -13.25 -30.84 25.68
CA HIS D 174 -12.68 -32.03 25.05
C HIS D 174 -12.40 -31.81 23.55
N LEU D 175 -13.30 -31.07 22.88
CA LEU D 175 -13.13 -30.74 21.46
C LEU D 175 -11.86 -29.89 21.34
N ILE D 176 -11.69 -29.01 22.32
CA ILE D 176 -10.53 -28.12 22.33
C ILE D 176 -9.23 -28.89 22.54
N LYS D 177 -9.18 -29.70 23.59
CA LYS D 177 -8.00 -30.50 23.91
C LYS D 177 -7.69 -31.48 22.80
N THR D 178 -8.74 -31.93 22.11
CA THR D 178 -8.60 -32.88 21.02
C THR D 178 -8.05 -32.26 19.73
N HIS D 179 -8.61 -31.13 19.31
CA HIS D 179 -8.17 -30.46 18.10
C HIS D 179 -6.98 -29.53 18.30
N ASN D 180 -6.77 -29.13 19.56
CA ASN D 180 -5.67 -28.23 19.90
C ASN D 180 -5.63 -26.98 19.03
N PRO D 181 -6.77 -26.27 18.93
CA PRO D 181 -6.82 -25.05 18.13
C PRO D 181 -5.92 -24.00 18.74
N LEU D 182 -5.40 -23.12 17.90
CA LEU D 182 -4.54 -22.04 18.32
C LEU D 182 -5.37 -21.06 19.15
N LEU D 183 -6.58 -20.78 18.67
CA LEU D 183 -7.48 -19.85 19.35
C LEU D 183 -8.92 -20.38 19.39
N VAL D 184 -9.61 -20.05 20.48
CA VAL D 184 -11.00 -20.41 20.69
C VAL D 184 -11.72 -19.16 21.21
N LEU D 185 -12.78 -18.72 20.52
CA LEU D 185 -13.54 -17.56 20.96
C LEU D 185 -14.89 -18.08 21.44
N VAL D 186 -15.40 -17.49 22.51
CA VAL D 186 -16.67 -17.96 23.06
C VAL D 186 -17.50 -16.78 23.55
N ALA D 187 -18.82 -16.95 23.60
CA ALA D 187 -19.71 -15.90 24.04
C ALA D 187 -19.56 -15.64 25.54
N GLY D 188 -19.75 -14.39 25.93
CA GLY D 188 -19.64 -14.07 27.34
C GLY D 188 -19.43 -12.59 27.55
N LYS D 189 -19.93 -12.08 28.67
CA LYS D 189 -19.78 -10.68 29.02
C LYS D 189 -18.50 -10.55 29.85
N GLY D 190 -17.78 -9.45 29.64
CA GLY D 190 -16.53 -9.23 30.36
C GLY D 190 -15.34 -9.86 29.63
N GLN D 191 -14.53 -9.04 28.99
CA GLN D 191 -13.38 -9.57 28.27
C GLN D 191 -12.43 -10.28 29.20
N LYS D 192 -12.00 -11.49 28.83
CA LYS D 192 -11.07 -12.26 29.64
C LYS D 192 -10.49 -13.38 28.79
N HIS D 193 -9.42 -13.99 29.27
CA HIS D 193 -8.81 -15.05 28.50
C HIS D 193 -7.87 -15.90 29.33
N GLU D 194 -7.74 -17.17 28.97
CA GLU D 194 -6.86 -18.08 29.67
C GLU D 194 -6.38 -19.14 28.70
N MSE D 195 -5.40 -19.92 29.11
CA MSE D 195 -4.90 -21.01 28.30
C MSE D 195 -5.58 -22.32 28.71
O MSE D 195 -5.71 -22.61 29.91
CB MSE D 195 -3.38 -21.17 28.47
CG MSE D 195 -2.56 -19.98 28.02
SE MSE D 195 -2.77 -19.66 26.10
CE MSE D 195 -2.16 -21.35 25.46
N LEU D 196 -6.05 -23.09 27.73
CA LEU D 196 -6.65 -24.37 28.02
C LEU D 196 -5.76 -25.29 27.20
N GLY D 197 -4.89 -26.03 27.89
CA GLY D 197 -3.97 -26.87 27.16
C GLY D 197 -3.14 -25.89 26.35
N ALA D 198 -2.88 -26.21 25.08
CA ALA D 198 -2.11 -25.31 24.21
C ALA D 198 -3.03 -24.38 23.41
N SER D 199 -4.25 -24.17 23.88
CA SER D 199 -5.21 -23.32 23.19
C SER D 199 -5.54 -22.05 23.95
N TRP D 200 -5.51 -20.91 23.25
CA TRP D 200 -5.82 -19.62 23.85
C TRP D 200 -7.34 -19.45 23.77
N VAL D 201 -7.98 -19.44 24.93
CA VAL D 201 -9.44 -19.31 24.99
C VAL D 201 -9.77 -17.89 25.37
N VAL D 202 -10.54 -17.22 24.51
CA VAL D 202 -10.88 -15.83 24.72
C VAL D 202 -12.36 -15.53 24.78
N VAL D 203 -12.75 -14.66 25.72
CA VAL D 203 -14.13 -14.20 25.86
C VAL D 203 -13.95 -12.76 25.42
N PRO D 204 -14.26 -12.46 24.16
CA PRO D 204 -14.09 -11.10 23.64
C PRO D 204 -14.96 -10.04 24.26
N GLY D 205 -16.03 -10.43 24.92
CA GLY D 205 -16.90 -9.41 25.49
C GLY D 205 -18.30 -9.52 24.91
N ASP D 206 -19.22 -8.76 25.48
CA ASP D 206 -20.61 -8.79 25.06
C ASP D 206 -21.02 -7.44 24.47
N LEU D 207 -21.15 -7.37 23.15
CA LEU D 207 -21.49 -6.11 22.49
C LEU D 207 -22.81 -5.50 22.96
N SER D 208 -23.74 -6.33 23.42
CA SER D 208 -25.02 -5.82 23.90
C SER D 208 -24.67 -4.92 25.08
N GLU D 209 -23.55 -5.22 25.71
CA GLU D 209 -23.05 -4.44 26.83
C GLU D 209 -22.03 -3.42 26.33
N GLY D 210 -21.83 -3.38 25.02
CA GLY D 210 -20.89 -2.44 24.40
C GLY D 210 -19.44 -2.91 24.34
N GLU D 211 -19.20 -4.12 24.82
CA GLU D 211 -17.85 -4.68 24.88
C GLU D 211 -17.31 -5.34 23.61
N TYR D 212 -16.00 -5.20 23.43
CA TYR D 212 -15.26 -5.84 22.34
C TYR D 212 -13.79 -5.95 22.75
N SER D 213 -13.04 -6.70 21.96
CA SER D 213 -11.62 -6.89 22.21
C SER D 213 -10.90 -6.95 20.87
N LEU D 214 -9.64 -6.53 20.85
CA LEU D 214 -8.82 -6.63 19.65
C LEU D 214 -7.77 -7.64 20.08
N LEU D 215 -7.77 -8.78 19.42
CA LEU D 215 -6.82 -9.84 19.74
C LEU D 215 -5.51 -9.80 18.94
N ASP D 216 -4.39 -9.88 19.66
CA ASP D 216 -3.09 -9.92 19.03
C ASP D 216 -2.80 -11.42 19.03
N LEU D 217 -3.09 -12.06 17.91
CA LEU D 217 -2.94 -13.50 17.77
C LEU D 217 -1.54 -14.09 18.06
N ARG D 218 -0.51 -13.42 17.58
CA ARG D 218 0.83 -13.94 17.80
C ARG D 218 1.27 -13.87 19.26
N ALA D 219 0.78 -12.85 19.96
CA ALA D 219 1.15 -12.62 21.34
C ALA D 219 0.19 -13.21 22.37
N ARG D 220 -1.00 -13.60 21.93
CA ARG D 220 -2.00 -14.14 22.84
C ARG D 220 -2.34 -13.07 23.86
N LYS D 221 -2.32 -11.83 23.40
CA LYS D 221 -2.66 -10.71 24.25
C LYS D 221 -3.93 -10.10 23.71
N LEU D 222 -4.63 -9.40 24.58
CA LEU D 222 -5.90 -8.82 24.22
C LEU D 222 -6.03 -7.36 24.66
N GLU D 223 -6.59 -6.52 23.79
CA GLU D 223 -6.83 -5.11 24.10
C GLU D 223 -8.35 -5.00 24.20
N THR D 224 -8.83 -4.34 25.26
CA THR D 224 -10.26 -4.23 25.45
C THR D 224 -10.81 -2.84 25.17
N GLY D 225 -12.10 -2.79 24.86
CA GLY D 225 -12.76 -1.53 24.60
C GLY D 225 -14.27 -1.63 24.67
N ASN D 226 -14.93 -0.49 24.60
CA ASN D 226 -16.39 -0.43 24.65
C ASN D 226 -16.82 0.70 23.73
N VAL D 227 -17.86 0.47 22.93
CA VAL D 227 -18.30 1.51 22.00
C VAL D 227 -19.07 2.62 22.72
N ARG D 228 -18.97 2.59 24.05
CA ARG D 228 -19.60 3.56 24.95
C ARG D 228 -20.83 2.95 25.62
N MSE E 1 -6.01 -32.81 2.73
CA MSE E 1 -5.18 -34.04 2.65
C MSE E 1 -3.76 -33.71 2.19
O MSE E 1 -2.79 -34.26 2.72
CB MSE E 1 -5.85 -35.03 1.69
CG MSE E 1 -5.04 -36.30 1.43
SE MSE E 1 -3.62 -35.95 0.17
CE MSE E 1 -3.16 -37.79 -0.26
N ARG E 2 -3.64 -32.79 1.24
CA ARG E 2 -2.32 -32.40 0.75
C ARG E 2 -1.59 -31.54 1.78
N ARG E 3 -0.26 -31.46 1.68
CA ARG E 3 0.52 -30.66 2.61
C ARG E 3 1.34 -29.63 1.84
N THR E 4 2.13 -28.84 2.56
CA THR E 4 2.96 -27.83 1.92
C THR E 4 3.86 -28.41 0.83
N VAL E 5 4.02 -27.65 -0.25
CA VAL E 5 4.85 -28.13 -1.34
C VAL E 5 6.33 -27.93 -1.07
N ARG E 6 7.07 -29.01 -0.96
CA ARG E 6 8.51 -28.92 -0.74
C ARG E 6 9.23 -29.52 -1.94
N TYR E 7 8.84 -30.73 -2.32
CA TYR E 7 9.47 -31.41 -3.44
C TYR E 7 8.68 -31.26 -4.72
N ILE E 8 9.38 -30.87 -5.77
CA ILE E 8 8.75 -30.67 -7.05
C ILE E 8 9.45 -31.46 -8.12
N LEU E 9 8.72 -32.40 -8.73
CA LEU E 9 9.22 -33.24 -9.82
C LEU E 9 9.05 -32.39 -11.08
N ALA E 10 10.10 -32.24 -11.88
CA ALA E 10 10.01 -31.38 -13.06
C ALA E 10 10.84 -31.80 -14.27
N THR E 11 10.47 -31.26 -15.43
CA THR E 11 11.14 -31.56 -16.68
C THR E 11 10.69 -30.60 -17.79
N SER E 12 11.25 -30.74 -18.99
CA SER E 12 10.88 -29.85 -20.08
C SER E 12 10.94 -30.50 -21.45
N ASN E 13 10.38 -29.81 -22.43
CA ASN E 13 10.38 -30.22 -23.83
C ASN E 13 10.18 -31.71 -24.18
N PRO E 14 9.08 -32.33 -23.71
CA PRO E 14 8.76 -33.74 -23.98
C PRO E 14 8.59 -33.99 -25.48
N MSE E 15 8.24 -32.92 -26.20
CA MSE E 15 8.03 -32.99 -27.64
C MSE E 15 7.24 -34.23 -28.11
O MSE E 15 7.66 -34.94 -29.03
CB MSE E 15 9.39 -32.92 -28.35
CG MSE E 15 9.97 -31.52 -28.45
SE MSE E 15 9.25 -30.52 -29.95
CE MSE E 15 10.71 -30.79 -31.21
N GLY E 16 6.09 -34.48 -27.49
CA GLY E 16 5.27 -35.60 -27.91
C GLY E 16 5.63 -37.00 -27.46
N ASP E 17 6.76 -37.20 -26.80
CA ASP E 17 7.13 -38.54 -26.33
C ASP E 17 6.24 -38.96 -25.17
N LEU E 18 5.07 -39.52 -25.50
CA LEU E 18 4.09 -39.96 -24.50
C LEU E 18 4.56 -41.14 -23.64
N GLU E 19 5.51 -41.91 -24.15
CA GLU E 19 6.04 -43.05 -23.40
C GLU E 19 6.88 -42.53 -22.24
N ALA E 20 7.79 -41.63 -22.55
CA ALA E 20 8.62 -41.04 -21.53
C ALA E 20 7.72 -40.33 -20.50
N LEU E 21 6.68 -39.65 -20.99
CA LEU E 21 5.76 -38.94 -20.09
C LEU E 21 5.14 -39.91 -19.12
N GLU E 22 4.68 -41.05 -19.63
CA GLU E 22 4.08 -42.09 -18.78
C GLU E 22 5.06 -42.52 -17.70
N LYS E 23 6.33 -42.72 -18.07
CA LYS E 23 7.35 -43.12 -17.09
C LYS E 23 7.53 -42.00 -16.06
N PHE E 24 7.63 -40.76 -16.56
CA PHE E 24 7.78 -39.58 -15.71
C PHE E 24 6.67 -39.61 -14.67
N VAL E 25 5.42 -39.67 -15.14
CA VAL E 25 4.27 -39.71 -14.23
C VAL E 25 4.36 -40.92 -13.29
N LYS E 26 4.76 -42.06 -13.84
CA LYS E 26 4.87 -43.31 -13.07
C LYS E 26 5.84 -43.19 -11.87
N LEU E 27 6.96 -42.50 -12.06
CA LEU E 27 7.98 -42.28 -11.01
C LEU E 27 7.49 -41.45 -9.84
N ALA E 28 6.73 -40.40 -10.18
CA ALA E 28 6.19 -39.46 -9.21
C ALA E 28 5.96 -39.95 -7.77
N PRO E 29 5.08 -40.94 -7.58
CA PRO E 29 4.78 -41.46 -6.25
C PRO E 29 5.97 -41.84 -5.34
N ASP E 30 6.87 -42.70 -5.82
CA ASP E 30 8.00 -43.13 -4.98
C ASP E 30 9.05 -42.05 -4.69
N THR E 31 9.09 -41.00 -5.51
CA THR E 31 10.06 -39.93 -5.29
C THR E 31 9.66 -39.01 -4.16
N GLY E 32 8.39 -39.07 -3.79
CA GLY E 32 7.91 -38.20 -2.72
C GLY E 32 7.59 -36.80 -3.22
N ALA E 33 7.46 -36.62 -4.54
CA ALA E 33 7.14 -35.30 -5.09
C ALA E 33 5.80 -34.77 -4.54
N ASP E 34 5.75 -33.49 -4.22
CA ASP E 34 4.54 -32.84 -3.71
C ASP E 34 3.77 -32.19 -4.85
N ALA E 35 4.46 -31.95 -5.97
CA ALA E 35 3.87 -31.31 -7.14
C ALA E 35 4.73 -31.57 -8.36
N ILE E 36 4.22 -31.20 -9.53
CA ILE E 36 4.96 -31.36 -10.79
C ILE E 36 4.90 -30.06 -11.58
N ALA E 37 5.99 -29.76 -12.27
CA ALA E 37 6.10 -28.57 -13.08
C ALA E 37 6.65 -29.03 -14.42
N LEU E 38 5.96 -28.67 -15.50
CA LEU E 38 6.40 -29.07 -16.83
C LEU E 38 6.41 -27.91 -17.78
N ILE E 39 7.51 -27.80 -18.52
CA ILE E 39 7.72 -26.75 -19.49
C ILE E 39 7.69 -27.34 -20.88
N GLY E 40 7.13 -26.61 -21.84
CA GLY E 40 7.04 -27.12 -23.20
C GLY E 40 8.40 -27.23 -23.86
N ASN E 41 8.45 -27.59 -25.15
CA ASN E 41 7.27 -27.89 -25.96
C ASN E 41 6.59 -29.19 -25.50
N LEU E 42 5.27 -29.17 -25.37
CA LEU E 42 4.59 -30.41 -24.97
C LEU E 42 4.51 -31.30 -26.20
N MSE E 43 4.37 -30.65 -27.37
CA MSE E 43 4.21 -31.32 -28.66
C MSE E 43 4.96 -30.58 -29.78
O MSE E 43 5.23 -29.37 -29.67
CB MSE E 43 2.74 -31.32 -29.06
CG MSE E 43 1.79 -32.17 -28.24
SE MSE E 43 1.95 -34.00 -28.80
CE MSE E 43 1.68 -34.81 -27.08
N PRO E 44 5.27 -31.29 -30.87
CA PRO E 44 5.96 -30.67 -32.02
C PRO E 44 4.91 -29.79 -32.70
N LYS E 45 5.33 -28.85 -33.54
CA LYS E 45 4.33 -27.99 -34.16
C LYS E 45 3.18 -28.72 -34.82
N ALA E 46 3.48 -29.80 -35.53
CA ALA E 46 2.46 -30.57 -36.25
C ALA E 46 1.35 -31.25 -35.42
N ALA E 47 1.53 -31.40 -34.12
CA ALA E 47 0.49 -32.04 -33.32
C ALA E 47 -0.83 -31.26 -33.37
N LYS E 48 -1.93 -31.95 -33.06
CA LYS E 48 -3.25 -31.34 -33.08
C LYS E 48 -3.97 -31.61 -31.76
N SER E 49 -5.13 -31.01 -31.58
CA SER E 49 -5.88 -31.15 -30.32
C SER E 49 -5.89 -32.52 -29.67
N ARG E 50 -6.29 -33.56 -30.41
CA ARG E 50 -6.34 -34.89 -29.82
C ARG E 50 -5.01 -35.32 -29.19
N ASP E 51 -3.90 -34.85 -29.76
CA ASP E 51 -2.58 -35.20 -29.21
C ASP E 51 -2.42 -34.61 -27.82
N TYR E 52 -2.82 -33.35 -27.67
CA TYR E 52 -2.74 -32.71 -26.36
C TYR E 52 -3.70 -33.42 -25.44
N ALA E 53 -4.84 -33.81 -25.98
CA ALA E 53 -5.84 -34.51 -25.16
C ALA E 53 -5.15 -35.72 -24.52
N ALA E 54 -4.46 -36.52 -25.34
CA ALA E 54 -3.78 -37.71 -24.82
C ALA E 54 -2.65 -37.30 -23.88
N PHE E 55 -1.92 -36.26 -24.27
CA PHE E 55 -0.81 -35.80 -23.45
C PHE E 55 -1.31 -35.49 -22.02
N PHE E 56 -2.39 -34.70 -21.94
CA PHE E 56 -2.96 -34.34 -20.65
C PHE E 56 -3.62 -35.51 -19.93
N ARG E 57 -4.21 -36.44 -20.67
CA ARG E 57 -4.82 -37.59 -20.01
C ARG E 57 -3.72 -38.32 -19.24
N ILE E 58 -2.59 -38.56 -19.91
CA ILE E 58 -1.47 -39.24 -19.26
C ILE E 58 -0.99 -38.45 -18.03
N LEU E 59 -0.76 -37.17 -18.20
CA LEU E 59 -0.28 -36.34 -17.08
C LEU E 59 -1.26 -36.31 -15.90
N SER E 60 -2.56 -36.42 -16.17
CA SER E 60 -3.56 -36.37 -15.11
C SER E 60 -3.48 -37.52 -14.09
N GLU E 61 -2.83 -38.62 -14.45
CA GLU E 61 -2.74 -39.74 -13.52
C GLU E 61 -1.92 -39.37 -12.30
N ALA E 62 -1.05 -38.38 -12.42
CA ALA E 62 -0.19 -37.98 -11.32
C ALA E 62 -0.97 -37.69 -10.04
N HIS E 63 -2.13 -37.08 -10.16
CA HIS E 63 -2.93 -36.72 -8.98
C HIS E 63 -2.17 -35.83 -8.01
N LEU E 64 -1.38 -34.93 -8.57
CA LEU E 64 -0.59 -33.99 -7.77
C LEU E 64 -0.76 -32.59 -8.33
N PRO E 65 -0.54 -31.56 -7.48
CA PRO E 65 -0.65 -30.19 -7.99
C PRO E 65 0.34 -30.16 -9.13
N THR E 66 -0.11 -29.72 -10.31
CA THR E 66 0.72 -29.72 -11.50
C THR E 66 0.57 -28.40 -12.25
N ALA E 67 1.69 -27.83 -12.68
CA ALA E 67 1.67 -26.58 -13.39
C ALA E 67 2.48 -26.70 -14.67
N TYR E 68 1.98 -26.12 -15.76
CA TYR E 68 2.70 -26.17 -17.03
C TYR E 68 2.58 -24.90 -17.84
N VAL E 69 3.47 -24.83 -18.79
CA VAL E 69 3.57 -23.72 -19.68
C VAL E 69 3.91 -24.31 -21.05
N PRO E 70 3.37 -23.75 -22.14
CA PRO E 70 3.66 -24.29 -23.47
C PRO E 70 4.99 -23.81 -24.04
N GLY E 71 5.41 -24.47 -25.12
CA GLY E 71 6.65 -24.10 -25.77
C GLY E 71 6.41 -23.37 -27.09
N PRO E 72 7.50 -22.91 -27.71
CA PRO E 72 7.44 -22.18 -28.98
C PRO E 72 6.71 -22.92 -30.11
N GLN E 73 6.71 -24.24 -30.05
CA GLN E 73 6.06 -25.05 -31.07
C GLN E 73 4.63 -25.47 -30.78
N ASP E 74 4.13 -25.18 -29.57
CA ASP E 74 2.77 -25.56 -29.19
C ASP E 74 1.73 -24.64 -29.79
N ALA E 75 1.74 -24.50 -31.11
CA ALA E 75 0.79 -23.64 -31.82
C ALA E 75 -0.13 -24.41 -32.76
N PRO E 76 -1.35 -23.87 -33.03
CA PRO E 76 -1.94 -22.61 -32.56
C PRO E 76 -2.27 -22.71 -31.08
N ILE E 77 -2.21 -21.56 -30.40
CA ILE E 77 -2.44 -21.48 -28.95
C ILE E 77 -3.73 -22.09 -28.44
N TRP E 78 -4.81 -21.90 -29.20
CA TRP E 78 -6.11 -22.40 -28.75
C TRP E 78 -6.25 -23.91 -28.63
N GLU E 79 -5.45 -24.69 -29.35
CA GLU E 79 -5.58 -26.14 -29.21
C GLU E 79 -5.03 -26.56 -27.86
N TYR E 80 -3.87 -26.02 -27.49
CA TYR E 80 -3.26 -26.29 -26.19
C TYR E 80 -4.23 -25.73 -25.14
N LEU E 81 -4.67 -24.49 -25.33
CA LEU E 81 -5.57 -23.87 -24.34
C LEU E 81 -6.86 -24.67 -24.14
N ARG E 82 -7.43 -25.18 -25.23
CA ARG E 82 -8.67 -25.93 -25.12
C ARG E 82 -8.51 -27.28 -24.41
N GLU E 83 -7.46 -28.02 -24.75
CA GLU E 83 -7.27 -29.29 -24.08
C GLU E 83 -6.84 -29.05 -22.65
N ALA E 84 -6.11 -27.96 -22.39
CA ALA E 84 -5.73 -27.67 -21.00
C ALA E 84 -7.06 -27.40 -20.25
N ALA E 85 -7.88 -26.51 -20.78
CA ALA E 85 -9.17 -26.20 -20.15
C ALA E 85 -9.99 -27.46 -19.86
N ASN E 86 -10.10 -28.33 -20.87
CA ASN E 86 -10.87 -29.57 -20.72
C ASN E 86 -10.40 -30.50 -19.61
N VAL E 87 -9.09 -30.73 -19.49
CA VAL E 87 -8.61 -31.62 -18.45
C VAL E 87 -8.67 -30.96 -17.08
N GLU E 88 -8.43 -29.65 -17.03
CA GLU E 88 -8.47 -28.95 -15.75
C GLU E 88 -9.85 -28.86 -15.09
N LEU E 89 -10.90 -28.99 -15.90
CA LEU E 89 -12.26 -28.96 -15.35
C LEU E 89 -12.45 -29.98 -14.23
N VAL E 90 -12.12 -31.25 -14.48
CA VAL E 90 -12.29 -32.28 -13.46
C VAL E 90 -10.99 -32.65 -12.74
N HIS E 91 -9.87 -32.08 -13.21
CA HIS E 91 -8.57 -32.28 -12.58
C HIS E 91 -8.04 -30.89 -12.25
N PRO E 92 -8.70 -30.22 -11.31
CA PRO E 92 -8.38 -28.87 -10.84
C PRO E 92 -6.99 -28.67 -10.24
N GLU E 93 -6.34 -29.75 -9.84
CA GLU E 93 -5.00 -29.65 -9.27
C GLU E 93 -4.02 -29.40 -10.42
N MSE E 94 -4.50 -29.55 -11.65
CA MSE E 94 -3.64 -29.31 -12.80
C MSE E 94 -3.86 -27.86 -13.20
O MSE E 94 -4.96 -27.33 -13.03
CB MSE E 94 -3.99 -30.23 -13.98
CG MSE E 94 -4.01 -31.71 -13.63
SE MSE E 94 -4.43 -32.79 -15.18
CE MSE E 94 -2.77 -32.47 -16.14
N ARG E 95 -2.83 -27.23 -13.75
CA ARG E 95 -2.98 -25.85 -14.12
C ARG E 95 -1.99 -25.27 -15.10
N ASN E 96 -2.50 -24.84 -16.23
CA ASN E 96 -1.71 -24.17 -17.24
C ASN E 96 -1.55 -22.76 -16.61
N VAL E 97 -0.32 -22.28 -16.43
CA VAL E 97 -0.11 -20.96 -15.82
C VAL E 97 0.41 -19.91 -16.79
N HIS E 98 0.34 -20.21 -18.08
CA HIS E 98 0.77 -19.28 -19.12
C HIS E 98 -0.10 -18.01 -19.09
N GLU E 99 0.50 -16.90 -18.68
CA GLU E 99 -0.17 -15.59 -18.57
C GLU E 99 -1.12 -15.52 -17.38
N THR E 100 -1.05 -16.50 -16.50
CA THR E 100 -1.92 -16.49 -15.32
C THR E 100 -1.17 -17.00 -14.05
N PHE E 101 -1.91 -17.44 -13.03
CA PHE E 101 -1.26 -17.85 -11.78
C PHE E 101 -2.14 -18.78 -10.99
N THR E 102 -1.54 -19.36 -9.95
CA THR E 102 -2.22 -20.23 -9.04
C THR E 102 -1.41 -20.33 -7.74
N PHE E 103 -2.06 -20.72 -6.66
CA PHE E 103 -1.35 -20.83 -5.38
C PHE E 103 -1.17 -22.31 -5.00
N TRP E 104 0.03 -22.66 -4.57
CA TRP E 104 0.31 -24.02 -4.09
C TRP E 104 0.45 -23.89 -2.57
N ARG E 105 0.05 -24.94 -1.84
CA ARG E 105 0.15 -24.95 -0.38
C ARG E 105 1.58 -24.54 0.03
N GLY E 106 1.70 -23.55 0.90
CA GLY E 106 3.02 -23.09 1.30
C GLY E 106 2.98 -21.83 2.15
N PRO E 107 2.50 -20.72 1.60
CA PRO E 107 1.98 -20.63 0.23
C PRO E 107 3.04 -20.29 -0.80
N TYR E 108 2.76 -20.62 -2.06
CA TYR E 108 3.64 -20.27 -3.18
C TYR E 108 2.77 -19.78 -4.34
N LEU E 109 3.16 -18.66 -4.92
CA LEU E 109 2.46 -18.06 -6.04
C LEU E 109 3.18 -18.52 -7.31
N VAL E 110 2.52 -19.40 -8.07
CA VAL E 110 3.07 -19.97 -9.29
C VAL E 110 2.50 -19.23 -10.51
N ALA E 111 3.38 -18.89 -11.45
CA ALA E 111 2.96 -18.15 -12.62
C ALA E 111 3.96 -18.39 -13.72
N GLY E 112 3.55 -18.14 -14.97
CA GLY E 112 4.49 -18.37 -16.05
C GLY E 112 4.18 -17.69 -17.35
N VAL E 113 5.13 -17.75 -18.28
CA VAL E 113 4.99 -17.20 -19.60
C VAL E 113 5.71 -18.15 -20.54
N GLY E 114 4.94 -18.98 -21.24
CA GLY E 114 5.53 -19.94 -22.16
C GLY E 114 5.83 -19.37 -23.53
N GLY E 115 6.18 -20.25 -24.46
CA GLY E 115 6.50 -19.83 -25.80
C GLY E 115 7.85 -19.15 -25.83
N GLU E 116 8.20 -18.63 -26.99
CA GLU E 116 9.47 -17.93 -27.15
C GLU E 116 9.29 -16.48 -26.73
N ILE E 117 10.09 -16.03 -25.77
CA ILE E 117 9.99 -14.64 -25.38
C ILE E 117 11.12 -13.94 -26.15
N ALA E 118 10.74 -13.21 -27.20
CA ALA E 118 11.69 -12.48 -28.04
C ALA E 118 11.90 -11.04 -27.58
N ASP E 119 13.07 -10.50 -27.87
CA ASP E 119 13.39 -9.13 -27.50
C ASP E 119 12.33 -8.15 -27.96
N GLU E 120 12.01 -8.21 -29.24
CA GLU E 120 11.00 -7.33 -29.83
C GLU E 120 10.23 -8.08 -30.89
N GLY E 121 9.71 -7.37 -31.87
CA GLY E 121 8.95 -8.02 -32.91
C GLY E 121 7.50 -8.19 -32.51
N GLU E 122 6.68 -8.64 -33.45
CA GLU E 122 5.24 -8.84 -33.22
C GLU E 122 4.94 -10.18 -32.56
N PRO E 123 3.82 -10.27 -31.83
CA PRO E 123 3.43 -11.51 -31.16
C PRO E 123 2.88 -12.48 -32.20
N GLU E 124 3.07 -13.78 -31.99
CA GLU E 124 2.58 -14.80 -32.90
C GLU E 124 2.03 -15.93 -32.06
N GLU E 125 0.88 -16.47 -32.45
CA GLU E 125 0.30 -17.59 -31.70
C GLU E 125 -0.28 -18.66 -32.61
N HIS E 126 -0.11 -18.51 -33.92
CA HIS E 126 -0.66 -19.51 -34.82
C HIS E 126 0.39 -20.40 -35.49
N GLU E 127 1.41 -19.81 -36.11
CA GLU E 127 2.47 -20.59 -36.75
C GLU E 127 3.49 -20.97 -35.68
N ALA E 128 3.37 -20.32 -34.53
CA ALA E 128 4.26 -20.57 -33.40
C ALA E 128 3.81 -19.71 -32.23
N LEU E 129 4.41 -19.92 -31.07
CA LEU E 129 4.08 -19.10 -29.91
C LEU E 129 5.28 -18.20 -29.69
N ARG E 130 5.15 -16.93 -30.05
CA ARG E 130 6.23 -15.97 -29.88
C ARG E 130 5.68 -14.71 -29.23
N TYR E 131 6.33 -14.29 -28.15
CA TYR E 131 5.90 -13.10 -27.43
C TYR E 131 7.00 -12.08 -27.25
N PRO E 132 6.76 -10.83 -27.68
CA PRO E 132 7.82 -9.84 -27.47
C PRO E 132 7.91 -9.59 -25.98
N ALA E 133 9.08 -9.16 -25.51
CA ALA E 133 9.31 -8.92 -24.09
C ALA E 133 8.24 -8.07 -23.39
N TRP E 134 7.80 -6.99 -24.00
CA TRP E 134 6.81 -6.16 -23.32
C TRP E 134 5.57 -6.93 -22.94
N VAL E 135 5.25 -7.94 -23.74
CA VAL E 135 4.07 -8.76 -23.47
C VAL E 135 4.30 -9.63 -22.25
N ALA E 136 5.49 -10.23 -22.18
CA ALA E 136 5.81 -11.10 -21.04
C ALA E 136 5.76 -10.25 -19.75
N GLU E 137 6.35 -9.07 -19.80
CA GLU E 137 6.34 -8.21 -18.63
C GLU E 137 4.92 -7.79 -18.22
N TYR E 138 4.08 -7.53 -19.20
CA TYR E 138 2.71 -7.13 -18.92
C TYR E 138 1.98 -8.25 -18.22
N ARG E 139 2.23 -9.49 -18.63
CA ARG E 139 1.55 -10.58 -17.98
C ARG E 139 1.89 -10.70 -16.50
N LEU E 140 3.17 -10.54 -16.15
CA LEU E 140 3.57 -10.70 -14.75
C LEU E 140 3.30 -9.49 -13.86
N LYS E 141 3.03 -8.34 -14.46
CA LYS E 141 2.81 -7.16 -13.64
C LYS E 141 1.56 -7.34 -12.79
N ALA E 142 0.68 -8.26 -13.18
CA ALA E 142 -0.55 -8.51 -12.43
C ALA E 142 -0.21 -9.04 -11.04
N LEU E 143 0.92 -9.73 -10.94
CA LEU E 143 1.31 -10.31 -9.66
C LEU E 143 1.60 -9.27 -8.56
N TRP E 144 1.99 -8.06 -8.93
CA TRP E 144 2.28 -7.04 -7.91
C TRP E 144 1.09 -6.77 -6.99
N GLU E 145 -0.11 -7.12 -7.45
CA GLU E 145 -1.36 -6.94 -6.68
C GLU E 145 -1.45 -7.92 -5.53
N LEU E 146 -0.75 -9.05 -5.66
CA LEU E 146 -0.76 -10.09 -4.62
C LEU E 146 0.42 -9.85 -3.69
N LYS E 147 0.12 -9.78 -2.40
CA LYS E 147 1.12 -9.45 -1.40
C LYS E 147 1.81 -10.53 -0.59
N ASP E 148 3.10 -10.30 -0.38
CA ASP E 148 3.95 -11.14 0.44
C ASP E 148 3.94 -12.64 0.15
N TYR E 149 4.00 -13.01 -1.13
CA TYR E 149 4.05 -14.43 -1.49
C TYR E 149 5.36 -14.73 -2.19
N PRO E 150 5.98 -15.88 -1.87
CA PRO E 150 7.23 -16.21 -2.57
C PRO E 150 6.80 -16.76 -3.93
N LYS E 151 7.50 -16.41 -5.00
CA LYS E 151 7.11 -16.82 -6.35
C LYS E 151 7.91 -17.92 -7.03
N ILE E 152 7.21 -18.66 -7.89
CA ILE E 152 7.79 -19.72 -8.71
C ILE E 152 7.35 -19.40 -10.13
N PHE E 153 8.31 -19.11 -10.99
CA PHE E 153 8.03 -18.78 -12.39
C PHE E 153 8.43 -19.92 -13.34
N LEU E 154 7.61 -20.16 -14.36
CA LEU E 154 7.92 -21.16 -15.38
C LEU E 154 8.08 -20.40 -16.68
N PHE E 155 9.22 -20.58 -17.35
CA PHE E 155 9.48 -19.94 -18.63
C PHE E 155 10.09 -21.00 -19.55
N HIS E 156 10.04 -20.75 -20.85
CA HIS E 156 10.68 -21.66 -21.77
C HIS E 156 12.01 -20.98 -22.10
N THR E 157 11.94 -19.67 -22.36
CA THR E 157 13.12 -18.90 -22.69
C THR E 157 14.05 -18.76 -21.49
N MSE E 158 15.34 -18.96 -21.72
CA MSE E 158 16.34 -18.88 -20.65
C MSE E 158 16.86 -17.48 -20.42
O MSE E 158 17.08 -16.71 -21.36
CB MSE E 158 17.53 -19.78 -20.99
CG MSE E 158 17.78 -20.90 -19.99
SE MSE E 158 19.19 -22.12 -20.64
CE MSE E 158 18.56 -22.31 -22.47
N PRO E 159 17.06 -17.13 -19.14
CA PRO E 159 17.57 -15.82 -18.76
C PRO E 159 19.06 -15.73 -19.02
N TYR E 160 19.55 -14.56 -19.41
CA TYR E 160 20.99 -14.37 -19.62
C TYR E 160 21.64 -14.67 -18.26
N HIS E 161 22.77 -15.34 -18.28
CA HIS E 161 23.46 -15.70 -17.04
C HIS E 161 24.81 -16.31 -17.42
N LYS E 162 25.89 -15.73 -16.92
CA LYS E 162 27.25 -16.22 -17.25
C LYS E 162 27.53 -17.71 -16.97
N GLY E 163 27.06 -18.20 -15.83
CA GLY E 163 27.30 -19.59 -15.49
C GLY E 163 26.17 -20.54 -15.85
N LEU E 164 25.26 -20.11 -16.72
CA LEU E 164 24.13 -20.95 -17.13
C LEU E 164 23.89 -20.85 -18.63
N ASN E 165 23.94 -19.64 -19.16
CA ASN E 165 23.71 -19.42 -20.58
C ASN E 165 23.98 -17.96 -20.92
N GLU E 166 25.12 -17.67 -21.50
CA GLU E 166 25.43 -16.29 -21.84
C GLU E 166 24.78 -15.89 -23.16
N GLN E 167 23.94 -16.77 -23.68
CA GLN E 167 23.21 -16.54 -24.93
C GLN E 167 21.74 -16.27 -24.55
N GLY E 168 21.44 -16.46 -23.27
CA GLY E 168 20.09 -16.26 -22.76
C GLY E 168 19.53 -14.84 -22.85
N SER E 169 18.22 -14.73 -22.63
CA SER E 169 17.53 -13.44 -22.71
C SER E 169 17.79 -12.49 -21.56
N HIS E 170 18.25 -11.29 -21.86
CA HIS E 170 18.44 -10.26 -20.84
C HIS E 170 17.05 -9.83 -20.37
N GLU E 171 16.10 -9.86 -21.29
CA GLU E 171 14.74 -9.49 -20.94
C GLU E 171 14.19 -10.47 -19.92
N VAL E 172 14.44 -11.77 -20.10
CA VAL E 172 13.92 -12.71 -19.12
C VAL E 172 14.65 -12.48 -17.82
N ALA E 173 15.95 -12.23 -17.91
CA ALA E 173 16.73 -11.96 -16.70
C ALA E 173 16.10 -10.77 -15.98
N HIS E 174 15.66 -9.77 -16.75
CA HIS E 174 15.05 -8.57 -16.18
C HIS E 174 13.78 -8.95 -15.41
N LEU E 175 12.98 -9.84 -15.99
CA LEU E 175 11.75 -10.29 -15.34
C LEU E 175 12.08 -10.93 -13.99
N ILE E 176 13.15 -11.73 -13.95
CA ILE E 176 13.53 -12.41 -12.72
C ILE E 176 14.07 -11.43 -11.69
N LYS E 177 14.89 -10.48 -12.15
CA LYS E 177 15.45 -9.47 -11.24
C LYS E 177 14.37 -8.54 -10.66
N THR E 178 13.29 -8.33 -11.40
CA THR E 178 12.19 -7.46 -10.95
C THR E 178 11.32 -8.11 -9.85
N HIS E 179 10.86 -9.33 -10.11
CA HIS E 179 10.01 -10.07 -9.19
C HIS E 179 10.72 -10.89 -8.13
N ASN E 180 12.02 -11.11 -8.32
CA ASN E 180 12.78 -11.92 -7.38
C ASN E 180 12.10 -13.24 -7.01
N PRO E 181 11.73 -14.07 -8.00
CA PRO E 181 11.08 -15.33 -7.61
C PRO E 181 12.03 -16.25 -6.83
N LEU E 182 11.47 -17.04 -5.91
CA LEU E 182 12.24 -18.00 -5.12
C LEU E 182 12.78 -19.11 -6.04
N LEU E 183 12.00 -19.47 -7.07
CA LEU E 183 12.42 -20.48 -8.04
C LEU E 183 11.98 -20.12 -9.46
N VAL E 184 12.84 -20.40 -10.43
CA VAL E 184 12.55 -20.18 -11.84
C VAL E 184 12.90 -21.46 -12.62
N LEU E 185 11.90 -22.06 -13.25
CA LEU E 185 12.14 -23.25 -14.06
C LEU E 185 12.15 -22.86 -15.53
N VAL E 186 13.14 -23.34 -16.28
CA VAL E 186 13.25 -23.04 -17.69
C VAL E 186 13.54 -24.30 -18.50
N ALA E 187 13.26 -24.23 -19.81
CA ALA E 187 13.50 -25.36 -20.69
C ALA E 187 15.00 -25.48 -20.97
N GLY E 188 15.51 -26.72 -20.94
CA GLY E 188 16.92 -26.91 -21.21
C GLY E 188 17.38 -28.35 -21.05
N LYS E 189 18.36 -28.72 -21.87
CA LYS E 189 18.93 -30.08 -21.81
C LYS E 189 20.03 -30.13 -20.76
N GLY E 190 20.10 -31.23 -20.02
CA GLY E 190 21.10 -31.37 -19.00
C GLY E 190 20.75 -30.64 -17.72
N GLN E 191 20.28 -31.38 -16.73
CA GLN E 191 19.90 -30.77 -15.48
C GLN E 191 21.03 -29.90 -14.98
N LYS E 192 20.74 -28.61 -14.81
CA LYS E 192 21.70 -27.63 -14.31
C LYS E 192 20.92 -26.74 -13.34
N HIS E 193 21.62 -25.90 -12.59
CA HIS E 193 20.94 -24.98 -11.68
C HIS E 193 21.92 -23.99 -11.06
N GLU E 194 21.59 -22.71 -11.17
CA GLU E 194 22.43 -21.64 -10.64
C GLU E 194 21.58 -20.60 -9.91
N MSE E 195 22.20 -19.77 -9.10
CA MSE E 195 21.48 -18.71 -8.40
C MSE E 195 21.64 -17.51 -9.29
O MSE E 195 22.72 -17.26 -9.81
CB MSE E 195 22.10 -18.41 -7.04
CG MSE E 195 21.91 -19.49 -6.01
SE MSE E 195 20.06 -19.80 -5.55
CE MSE E 195 19.49 -17.96 -5.32
N LEU E 196 20.55 -16.76 -9.48
CA LEU E 196 20.57 -15.54 -10.28
C LEU E 196 19.97 -14.50 -9.35
N GLY E 197 20.82 -13.72 -8.68
CA GLY E 197 20.31 -12.77 -7.72
C GLY E 197 19.79 -13.66 -6.60
N ALA E 198 18.66 -13.32 -5.99
CA ALA E 198 18.11 -14.14 -4.92
C ALA E 198 17.23 -15.26 -5.48
N SER E 199 17.30 -15.48 -6.79
CA SER E 199 16.47 -16.50 -7.43
C SER E 199 17.18 -17.78 -7.83
N TRP E 200 16.63 -18.91 -7.43
CA TRP E 200 17.18 -20.22 -7.77
C TRP E 200 16.64 -20.59 -9.16
N VAL E 201 17.53 -20.54 -10.17
CA VAL E 201 17.16 -20.86 -11.55
C VAL E 201 17.56 -22.29 -11.91
N VAL E 202 16.57 -23.14 -12.15
CA VAL E 202 16.79 -24.54 -12.49
C VAL E 202 16.39 -24.92 -13.92
N VAL E 203 17.24 -25.73 -14.55
CA VAL E 203 16.94 -26.29 -15.87
C VAL E 203 16.74 -27.71 -15.37
N PRO E 204 15.48 -28.16 -15.31
CA PRO E 204 15.12 -29.50 -14.82
C PRO E 204 15.57 -30.66 -15.69
N GLY E 205 15.78 -30.37 -16.98
CA GLY E 205 16.18 -31.40 -17.91
C GLY E 205 15.19 -31.47 -19.04
N ASP E 206 15.58 -32.14 -20.12
CA ASP E 206 14.72 -32.31 -21.28
C ASP E 206 14.22 -33.77 -21.30
N LEU E 207 12.90 -33.94 -21.16
CA LEU E 207 12.32 -35.28 -21.14
C LEU E 207 12.40 -36.01 -22.48
N SER E 208 12.59 -35.27 -23.57
CA SER E 208 12.70 -35.91 -24.89
C SER E 208 14.07 -36.60 -24.96
N GLU E 209 14.83 -36.49 -23.87
CA GLU E 209 16.15 -37.11 -23.72
C GLU E 209 16.09 -37.93 -22.44
N GLY E 210 14.87 -38.10 -21.93
CA GLY E 210 14.64 -38.87 -20.72
C GLY E 210 15.01 -38.20 -19.40
N GLU E 211 15.50 -36.96 -19.46
CA GLU E 211 15.93 -36.23 -18.26
C GLU E 211 14.80 -35.57 -17.46
N TYR E 212 15.00 -35.48 -16.15
CA TYR E 212 14.06 -34.84 -15.24
C TYR E 212 14.76 -34.61 -13.91
N SER E 213 14.19 -33.78 -13.05
CA SER E 213 14.79 -33.53 -11.73
C SER E 213 13.75 -33.43 -10.64
N LEU E 214 14.18 -33.64 -9.41
CA LEU E 214 13.30 -33.52 -8.25
C LEU E 214 13.98 -32.45 -7.39
N LEU E 215 13.35 -31.28 -7.28
CA LEU E 215 13.93 -30.21 -6.50
C LEU E 215 13.40 -30.13 -5.07
N ASP E 216 14.30 -29.77 -4.15
CA ASP E 216 13.93 -29.59 -2.75
C ASP E 216 13.89 -28.07 -2.61
N LEU E 217 12.69 -27.53 -2.61
CA LEU E 217 12.45 -26.09 -2.49
C LEU E 217 13.15 -25.52 -1.26
N ARG E 218 12.92 -26.16 -0.11
CA ARG E 218 13.50 -25.71 1.14
C ARG E 218 15.03 -25.68 1.19
N ALA E 219 15.69 -26.72 0.68
CA ALA E 219 17.16 -26.77 0.72
C ALA E 219 17.81 -26.30 -0.59
N ARG E 220 16.96 -25.99 -1.57
CA ARG E 220 17.43 -25.57 -2.87
C ARG E 220 18.39 -26.62 -3.43
N LYS E 221 18.15 -27.88 -3.06
CA LYS E 221 18.95 -29.01 -3.52
C LYS E 221 18.26 -29.66 -4.72
N LEU E 222 19.06 -30.08 -5.69
CA LEU E 222 18.57 -30.66 -6.93
C LEU E 222 18.97 -32.13 -7.18
N GLU E 223 17.98 -33.03 -7.14
CA GLU E 223 18.22 -34.45 -7.39
C GLU E 223 17.79 -34.84 -8.80
N THR E 224 18.75 -35.18 -9.66
CA THR E 224 18.46 -35.53 -11.04
C THR E 224 18.19 -37.02 -11.31
N GLY E 225 17.67 -37.31 -12.49
CA GLY E 225 17.38 -38.68 -12.86
C GLY E 225 17.04 -38.78 -14.34
N ASN E 226 16.86 -40.00 -14.82
CA ASN E 226 16.51 -40.18 -16.21
C ASN E 226 15.52 -41.33 -16.39
N VAL E 227 14.74 -41.25 -17.46
CA VAL E 227 13.70 -42.23 -17.73
C VAL E 227 14.12 -43.38 -18.65
N ARG E 228 15.19 -43.17 -19.42
CA ARG E 228 15.70 -44.19 -20.37
C ARG E 228 15.99 -45.54 -19.71
N MSE F 1 -8.05 9.44 -1.17
CA MSE F 1 -9.23 8.76 -1.77
C MSE F 1 -10.09 8.14 -0.66
O MSE F 1 -9.58 7.80 0.41
CB MSE F 1 -8.79 7.66 -2.74
CG MSE F 1 -8.02 8.15 -3.99
SE MSE F 1 -9.01 9.39 -5.16
CE MSE F 1 -10.14 8.07 -6.07
N ARG F 2 -11.38 8.01 -0.92
CA ARG F 2 -12.27 7.39 0.06
C ARG F 2 -11.73 5.99 0.34
N ARG F 3 -12.09 5.47 1.51
CA ARG F 3 -11.63 4.15 1.90
C ARG F 3 -12.19 3.07 1.01
N THR F 4 -13.46 3.23 0.64
CA THR F 4 -14.17 2.24 -0.18
C THR F 4 -14.72 2.91 -1.43
N VAL F 5 -14.49 2.31 -2.60
CA VAL F 5 -15.03 2.87 -3.83
C VAL F 5 -16.55 2.83 -3.72
N ARG F 6 -17.20 3.97 -3.97
CA ARG F 6 -18.66 4.04 -3.94
C ARG F 6 -19.23 4.61 -5.23
N TYR F 7 -18.66 5.70 -5.71
CA TYR F 7 -19.18 6.31 -6.94
C TYR F 7 -18.28 5.98 -8.13
N ILE F 8 -18.87 5.31 -9.12
CA ILE F 8 -18.15 4.92 -10.33
C ILE F 8 -18.74 5.60 -11.56
N LEU F 9 -17.91 6.36 -12.28
CA LEU F 9 -18.32 7.04 -13.50
C LEU F 9 -18.10 6.02 -14.62
N ALA F 10 -19.16 5.64 -15.33
CA ALA F 10 -19.02 4.63 -16.37
C ALA F 10 -19.71 4.92 -17.70
N THR F 11 -19.22 4.26 -18.75
CA THR F 11 -19.81 4.40 -20.08
C THR F 11 -19.25 3.29 -20.94
N SER F 12 -19.77 3.17 -22.16
CA SER F 12 -19.28 2.14 -23.05
C SER F 12 -19.31 2.57 -24.52
N ASN F 13 -18.61 1.82 -25.34
CA ASN F 13 -18.61 2.03 -26.78
C ASN F 13 -18.32 3.44 -27.32
N PRO F 14 -17.24 4.10 -26.85
CA PRO F 14 -17.02 5.43 -27.41
C PRO F 14 -16.78 5.42 -28.91
N MSE F 15 -16.46 4.25 -29.46
CA MSE F 15 -16.23 4.07 -30.90
C MSE F 15 -15.40 5.15 -31.60
O MSE F 15 -15.80 5.64 -32.65
CB MSE F 15 -17.57 3.94 -31.63
CG MSE F 15 -18.18 2.54 -31.59
SE MSE F 15 -17.24 1.32 -32.73
CE MSE F 15 -18.10 1.81 -34.42
N GLY F 16 -14.27 5.53 -31.02
CA GLY F 16 -13.42 6.54 -31.64
C GLY F 16 -13.85 7.99 -31.50
N ASP F 17 -14.97 8.23 -30.82
CA ASP F 17 -15.42 9.61 -30.64
C ASP F 17 -14.59 10.26 -29.52
N LEU F 18 -13.40 10.74 -29.89
CA LEU F 18 -12.50 11.38 -28.94
C LEU F 18 -13.01 12.70 -28.36
N GLU F 19 -13.84 13.43 -29.08
CA GLU F 19 -14.37 14.68 -28.52
C GLU F 19 -15.29 14.30 -27.36
N ALA F 20 -16.10 13.28 -27.56
CA ALA F 20 -17.00 12.81 -26.50
C ALA F 20 -16.18 12.29 -25.28
N LEU F 21 -15.06 11.64 -25.56
CA LEU F 21 -14.18 11.09 -24.51
C LEU F 21 -13.62 12.24 -23.67
N GLU F 22 -13.11 13.26 -24.34
CA GLU F 22 -12.57 14.43 -23.66
C GLU F 22 -13.61 15.09 -22.77
N LYS F 23 -14.85 15.19 -23.23
CA LYS F 23 -15.89 15.81 -22.39
C LYS F 23 -16.23 14.94 -21.19
N PHE F 24 -16.23 13.62 -21.38
CA PHE F 24 -16.52 12.63 -20.33
C PHE F 24 -15.47 12.76 -19.22
N VAL F 25 -14.21 12.92 -19.62
CA VAL F 25 -13.09 13.05 -18.69
C VAL F 25 -13.14 14.42 -18.02
N LYS F 26 -13.52 15.44 -18.79
CA LYS F 26 -13.60 16.79 -18.29
C LYS F 26 -14.57 16.95 -17.11
N LEU F 27 -15.70 16.25 -17.18
CA LEU F 27 -16.70 16.32 -16.13
C LEU F 27 -16.51 15.35 -14.95
N ALA F 28 -15.54 14.43 -15.07
CA ALA F 28 -15.33 13.47 -13.99
C ALA F 28 -15.13 14.14 -12.62
N PRO F 29 -14.29 15.17 -12.54
CA PRO F 29 -14.07 15.85 -11.26
C PRO F 29 -15.38 16.29 -10.58
N ASP F 30 -16.26 16.91 -11.37
CA ASP F 30 -17.54 17.42 -10.87
C ASP F 30 -18.47 16.36 -10.33
N THR F 31 -18.35 15.14 -10.82
CA THR F 31 -19.24 14.05 -10.39
C THR F 31 -18.87 13.46 -9.03
N GLY F 32 -17.65 13.71 -8.57
CA GLY F 32 -17.20 13.15 -7.30
C GLY F 32 -16.90 11.65 -7.42
N ALA F 33 -16.74 11.19 -8.65
CA ALA F 33 -16.43 9.78 -8.92
C ALA F 33 -15.17 9.33 -8.18
N ASP F 34 -15.17 8.09 -7.71
CA ASP F 34 -14.01 7.52 -7.01
C ASP F 34 -13.21 6.71 -8.03
N ALA F 35 -13.88 6.30 -9.10
CA ALA F 35 -13.24 5.48 -10.13
C ALA F 35 -14.02 5.52 -11.43
N ILE F 36 -13.39 5.04 -12.50
CA ILE F 36 -14.02 4.98 -13.82
C ILE F 36 -13.96 3.57 -14.40
N ALA F 37 -15.07 3.13 -15.00
CA ALA F 37 -15.16 1.85 -15.68
C ALA F 37 -15.59 2.18 -17.10
N LEU F 38 -14.89 1.63 -18.09
CA LEU F 38 -15.21 1.90 -19.49
C LEU F 38 -15.15 0.61 -20.28
N ILE F 39 -16.22 0.32 -21.01
CA ILE F 39 -16.34 -0.89 -21.81
C ILE F 39 -16.21 -0.50 -23.30
N GLY F 40 -15.57 -1.35 -24.11
CA GLY F 40 -15.42 -1.03 -25.53
C GLY F 40 -16.72 -1.02 -26.35
N ASN F 41 -16.68 -0.87 -27.68
CA ASN F 41 -15.45 -0.69 -28.45
C ASN F 41 -14.83 0.65 -28.12
N LEU F 42 -13.53 0.69 -27.88
CA LEU F 42 -12.91 1.98 -27.61
C LEU F 42 -12.75 2.68 -28.95
N MSE F 43 -12.48 1.88 -29.99
CA MSE F 43 -12.23 2.40 -31.34
C MSE F 43 -12.85 1.47 -32.39
O MSE F 43 -13.11 0.30 -32.13
CB MSE F 43 -10.73 2.44 -31.63
CG MSE F 43 -9.88 3.39 -30.80
SE MSE F 43 -10.20 5.24 -31.30
CE MSE F 43 -9.84 5.14 -33.16
N PRO F 44 -13.09 1.99 -33.59
CA PRO F 44 -13.67 1.16 -34.66
C PRO F 44 -12.57 0.20 -35.07
N LYS F 45 -12.94 -0.89 -35.73
CA LYS F 45 -11.98 -1.89 -36.19
C LYS F 45 -10.83 -1.30 -37.00
N ALA F 46 -11.13 -0.37 -37.92
CA ALA F 46 -10.08 0.21 -38.76
C ALA F 46 -9.02 1.04 -38.03
N ALA F 47 -9.32 1.49 -36.81
CA ALA F 47 -8.33 2.27 -36.09
C ALA F 47 -7.06 1.48 -35.89
N LYS F 48 -5.95 2.19 -35.68
CA LYS F 48 -4.64 1.58 -35.49
C LYS F 48 -4.06 1.99 -34.13
N SER F 49 -2.87 1.49 -33.82
CA SER F 49 -2.21 1.78 -32.55
C SER F 49 -2.16 3.26 -32.17
N ARG F 50 -1.71 4.12 -33.07
CA ARG F 50 -1.63 5.54 -32.76
C ARG F 50 -2.97 6.08 -32.27
N ASP F 51 -4.05 5.48 -32.76
CA ASP F 51 -5.38 5.95 -32.36
C ASP F 51 -5.63 5.59 -30.89
N TYR F 52 -5.23 4.39 -30.50
CA TYR F 52 -5.40 3.96 -29.12
C TYR F 52 -4.55 4.81 -28.19
N ALA F 53 -3.37 5.21 -28.66
CA ALA F 53 -2.49 6.03 -27.84
C ALA F 53 -3.18 7.35 -27.54
N ALA F 54 -3.84 7.92 -28.53
CA ALA F 54 -4.52 9.18 -28.33
C ALA F 54 -5.64 8.98 -27.34
N PHE F 55 -6.40 7.90 -27.53
CA PHE F 55 -7.52 7.55 -26.66
C PHE F 55 -7.11 7.44 -25.18
N PHE F 56 -6.05 6.67 -24.92
CA PHE F 56 -5.57 6.47 -23.57
C PHE F 56 -5.00 7.72 -22.96
N ARG F 57 -4.36 8.56 -23.78
CA ARG F 57 -3.77 9.79 -23.30
C ARG F 57 -4.89 10.70 -22.74
N ILE F 58 -6.00 10.80 -23.48
CA ILE F 58 -7.15 11.59 -23.05
C ILE F 58 -7.75 10.97 -21.78
N LEU F 59 -8.00 9.67 -21.80
CA LEU F 59 -8.59 9.01 -20.65
C LEU F 59 -7.77 9.17 -19.36
N SER F 60 -6.45 9.09 -19.47
CA SER F 60 -5.56 9.22 -18.31
C SER F 60 -5.63 10.58 -17.64
N GLU F 61 -6.22 11.57 -18.30
CA GLU F 61 -6.31 12.90 -17.71
C GLU F 61 -7.34 13.01 -16.59
N ALA F 62 -8.17 11.98 -16.39
CA ALA F 62 -9.15 12.00 -15.30
C ALA F 62 -8.46 11.80 -13.95
N HIS F 63 -7.24 11.24 -13.97
CA HIS F 63 -6.50 11.00 -12.73
C HIS F 63 -7.35 10.26 -11.69
N LEU F 64 -7.85 9.11 -12.09
CA LEU F 64 -8.66 8.30 -11.22
C LEU F 64 -8.41 6.86 -11.56
N PRO F 65 -8.61 5.96 -10.58
CA PRO F 65 -8.44 4.52 -10.81
C PRO F 65 -9.41 4.25 -11.97
N THR F 66 -8.92 3.63 -13.03
CA THR F 66 -9.72 3.40 -14.23
C THR F 66 -9.53 1.99 -14.75
N ALA F 67 -10.62 1.29 -15.01
CA ALA F 67 -10.58 -0.06 -15.56
C ALA F 67 -11.34 -0.14 -16.89
N TYR F 68 -10.85 -0.93 -17.84
CA TYR F 68 -11.52 -1.07 -19.13
C TYR F 68 -11.27 -2.42 -19.79
N VAL F 69 -12.17 -2.79 -20.69
CA VAL F 69 -12.05 -4.02 -21.46
C VAL F 69 -12.37 -3.60 -22.91
N PRO F 70 -11.82 -4.32 -23.89
CA PRO F 70 -12.07 -3.98 -25.30
C PRO F 70 -13.41 -4.48 -25.81
N GLY F 71 -13.82 -3.96 -26.98
CA GLY F 71 -15.06 -4.38 -27.57
C GLY F 71 -14.76 -5.31 -28.73
N PRO F 72 -15.79 -5.87 -29.40
CA PRO F 72 -15.60 -6.78 -30.53
C PRO F 72 -14.77 -6.21 -31.70
N GLN F 73 -14.74 -4.88 -31.83
CA GLN F 73 -13.99 -4.23 -32.90
C GLN F 73 -12.57 -3.78 -32.59
N ASP F 74 -12.16 -3.88 -31.34
CA ASP F 74 -10.82 -3.46 -30.96
C ASP F 74 -9.77 -4.50 -31.37
N ALA F 75 -9.67 -4.75 -32.68
CA ALA F 75 -8.73 -5.73 -33.24
C ALA F 75 -7.81 -5.15 -34.31
N PRO F 76 -6.63 -5.77 -34.50
CA PRO F 76 -6.17 -6.96 -33.77
C PRO F 76 -5.93 -6.65 -32.29
N ILE F 77 -6.05 -7.67 -31.45
CA ILE F 77 -5.89 -7.51 -30.00
C ILE F 77 -4.61 -6.85 -29.53
N TRP F 78 -3.50 -7.07 -30.25
CA TRP F 78 -2.19 -6.53 -29.83
C TRP F 78 -2.00 -5.02 -29.88
N GLU F 79 -2.82 -4.33 -30.67
CA GLU F 79 -2.68 -2.88 -30.73
C GLU F 79 -3.26 -2.26 -29.47
N TYR F 80 -4.44 -2.71 -29.08
CA TYR F 80 -5.09 -2.26 -27.85
C TYR F 80 -4.17 -2.63 -26.66
N LEU F 81 -3.73 -3.88 -26.60
CA LEU F 81 -2.87 -4.37 -25.51
C LEU F 81 -1.60 -3.55 -25.38
N ARG F 82 -0.95 -3.30 -26.51
CA ARG F 82 0.27 -2.54 -26.54
C ARG F 82 0.09 -1.12 -26.01
N GLU F 83 -0.95 -0.43 -26.46
CA GLU F 83 -1.14 0.93 -26.01
C GLU F 83 -1.63 1.00 -24.55
N ALA F 84 -2.30 -0.07 -24.12
CA ALA F 84 -2.76 -0.16 -22.74
C ALA F 84 -1.49 -0.32 -21.89
N ALA F 85 -0.62 -1.26 -22.30
CA ALA F 85 0.62 -1.50 -21.56
C ALA F 85 1.37 -0.20 -21.40
N ASN F 86 1.55 0.51 -22.51
CA ASN F 86 2.27 1.76 -22.52
C ASN F 86 1.74 2.84 -21.60
N VAL F 87 0.44 3.10 -21.67
CA VAL F 87 -0.08 4.17 -20.83
C VAL F 87 0.01 3.76 -19.38
N GLU F 88 -0.19 2.49 -19.11
CA GLU F 88 -0.16 1.99 -17.74
C GLU F 88 1.21 2.11 -17.07
N LEU F 89 2.26 2.20 -17.88
CA LEU F 89 3.59 2.38 -17.32
C LEU F 89 3.69 3.79 -16.74
N VAL F 90 3.02 4.73 -17.40
CA VAL F 90 3.06 6.13 -16.98
C VAL F 90 1.98 6.48 -15.92
N HIS F 91 0.83 5.83 -16.01
CA HIS F 91 -0.30 6.08 -15.10
C HIS F 91 -0.74 4.73 -14.53
N PRO F 92 -0.10 4.30 -13.43
CA PRO F 92 -0.44 3.01 -12.84
C PRO F 92 -1.84 2.79 -12.29
N GLU F 93 -2.66 3.84 -12.16
CA GLU F 93 -4.02 3.59 -11.69
C GLU F 93 -4.95 3.26 -12.86
N MSE F 94 -4.40 3.30 -14.08
CA MSE F 94 -5.14 2.94 -15.30
C MSE F 94 -4.96 1.44 -15.49
O MSE F 94 -3.81 0.93 -15.37
CB MSE F 94 -4.55 3.60 -16.51
CG MSE F 94 -4.29 5.04 -16.29
SE MSE F 94 -4.74 5.81 -17.91
CE MSE F 94 -6.60 5.67 -17.60
N ARG F 95 -6.04 0.73 -15.80
CA ARG F 95 -5.87 -0.70 -15.94
C ARG F 95 -6.82 -1.48 -16.85
N ASN F 96 -6.21 -2.11 -17.85
CA ASN F 96 -6.97 -2.98 -18.75
C ASN F 96 -7.16 -4.24 -17.91
N VAL F 97 -8.40 -4.69 -17.74
CA VAL F 97 -8.67 -5.89 -16.94
C VAL F 97 -9.13 -7.08 -17.78
N HIS F 98 -9.04 -6.95 -19.09
CA HIS F 98 -9.42 -8.02 -20.02
C HIS F 98 -8.54 -9.24 -19.74
N GLU F 99 -9.17 -10.35 -19.35
CA GLU F 99 -8.53 -11.61 -19.01
C GLU F 99 -7.68 -11.58 -17.72
N THR F 100 -7.71 -10.47 -17.00
CA THR F 100 -6.91 -10.34 -15.79
C THR F 100 -7.67 -9.56 -14.70
N PHE F 101 -6.96 -8.99 -13.72
CA PHE F 101 -7.67 -8.33 -12.63
C PHE F 101 -6.85 -7.25 -11.95
N THR F 102 -7.52 -6.47 -11.11
CA THR F 102 -6.86 -5.44 -10.33
C THR F 102 -7.74 -5.21 -9.10
N PHE F 103 -7.27 -4.41 -8.16
CA PHE F 103 -8.07 -4.17 -6.97
C PHE F 103 -8.38 -2.70 -6.85
N TRP F 104 -9.60 -2.42 -6.44
CA TRP F 104 -9.99 -1.05 -6.21
C TRP F 104 -10.16 -0.91 -4.70
N ARG F 105 -10.11 0.34 -4.24
CA ARG F 105 -10.27 0.65 -2.81
C ARG F 105 -11.52 -0.05 -2.28
N GLY F 106 -11.36 -0.77 -1.18
CA GLY F 106 -12.49 -1.47 -0.61
C GLY F 106 -12.05 -2.52 0.39
N PRO F 107 -11.41 -3.60 -0.06
CA PRO F 107 -11.07 -3.87 -1.47
C PRO F 107 -12.07 -4.60 -2.35
N TYR F 108 -12.15 -4.16 -3.60
CA TYR F 108 -12.97 -4.81 -4.62
C TYR F 108 -12.05 -5.43 -5.66
N LEU F 109 -12.34 -6.65 -6.08
CA LEU F 109 -11.59 -7.35 -7.10
C LEU F 109 -12.28 -7.01 -8.43
N VAL F 110 -11.61 -6.24 -9.29
CA VAL F 110 -12.19 -5.85 -10.61
C VAL F 110 -11.58 -6.75 -11.68
N ALA F 111 -12.43 -7.38 -12.49
CA ALA F 111 -11.97 -8.28 -13.56
C ALA F 111 -12.92 -8.19 -14.76
N GLY F 112 -12.48 -8.69 -15.91
CA GLY F 112 -13.36 -8.63 -17.07
C GLY F 112 -12.96 -9.50 -18.23
N VAL F 113 -13.87 -9.62 -19.21
CA VAL F 113 -13.61 -10.35 -20.43
C VAL F 113 -14.33 -9.51 -21.49
N GLY F 114 -13.52 -8.77 -22.26
CA GLY F 114 -14.02 -7.92 -23.31
C GLY F 114 -14.25 -8.72 -24.57
N GLY F 115 -14.44 -8.02 -25.69
CA GLY F 115 -14.71 -8.67 -26.96
C GLY F 115 -16.11 -9.31 -26.96
N GLU F 116 -16.45 -10.01 -28.03
CA GLU F 116 -17.73 -10.69 -28.13
C GLU F 116 -17.62 -12.09 -27.52
N ILE F 117 -18.39 -12.35 -26.46
CA ILE F 117 -18.35 -13.69 -25.89
C ILE F 117 -19.41 -14.50 -26.63
N ALA F 118 -18.97 -15.36 -27.54
CA ALA F 118 -19.91 -16.16 -28.34
C ALA F 118 -20.16 -17.51 -27.69
N ASP F 119 -21.29 -18.12 -28.01
CA ASP F 119 -21.67 -19.42 -27.47
C ASP F 119 -20.61 -20.49 -27.72
N GLU F 120 -20.13 -20.57 -28.96
CA GLU F 120 -19.09 -21.52 -29.31
C GLU F 120 -18.31 -21.00 -30.52
N GLY F 121 -17.84 -21.89 -31.37
CA GLY F 121 -17.06 -21.47 -32.52
C GLY F 121 -15.60 -21.27 -32.15
N GLU F 122 -14.85 -20.62 -33.05
CA GLU F 122 -13.43 -20.40 -32.86
C GLU F 122 -13.09 -19.01 -32.32
N PRO F 123 -11.98 -18.91 -31.56
CA PRO F 123 -11.60 -17.60 -31.02
C PRO F 123 -11.04 -16.81 -32.19
N GLU F 124 -11.15 -15.48 -32.13
CA GLU F 124 -10.61 -14.61 -33.15
C GLU F 124 -10.09 -13.37 -32.44
N GLU F 125 -8.90 -12.90 -32.82
CA GLU F 125 -8.31 -11.72 -32.21
C GLU F 125 -7.67 -10.80 -33.24
N HIS F 126 -7.81 -11.12 -34.53
CA HIS F 126 -7.19 -10.29 -35.56
C HIS F 126 -8.16 -9.51 -36.42
N GLU F 127 -9.25 -10.14 -36.83
CA GLU F 127 -10.27 -9.49 -37.65
C GLU F 127 -11.36 -8.88 -36.76
N ALA F 128 -11.43 -9.39 -35.52
CA ALA F 128 -12.39 -8.97 -34.50
C ALA F 128 -11.92 -9.61 -33.20
N LEU F 129 -12.61 -9.35 -32.10
CA LEU F 129 -12.25 -10.03 -30.85
C LEU F 129 -13.48 -10.85 -30.57
N ARG F 130 -13.32 -12.16 -30.63
CA ARG F 130 -14.43 -13.07 -30.38
C ARG F 130 -13.91 -14.26 -29.60
N TYR F 131 -14.53 -14.52 -28.45
CA TYR F 131 -14.13 -15.62 -27.58
C TYR F 131 -15.29 -16.51 -27.26
N PRO F 132 -15.20 -17.79 -27.61
CA PRO F 132 -16.35 -18.64 -27.28
C PRO F 132 -16.43 -18.73 -25.76
N ALA F 133 -17.59 -19.14 -25.24
CA ALA F 133 -17.79 -19.25 -23.80
C ALA F 133 -16.71 -19.99 -23.01
N TRP F 134 -16.25 -21.15 -23.48
CA TRP F 134 -15.24 -21.88 -22.71
C TRP F 134 -14.01 -21.03 -22.41
N VAL F 135 -13.69 -20.08 -23.27
CA VAL F 135 -12.55 -19.23 -23.01
C VAL F 135 -12.85 -18.19 -21.93
N ALA F 136 -14.06 -17.62 -21.95
CA ALA F 136 -14.37 -16.60 -20.93
C ALA F 136 -14.43 -17.30 -19.57
N GLU F 137 -14.99 -18.51 -19.52
CA GLU F 137 -15.05 -19.24 -18.28
C GLU F 137 -13.64 -19.57 -17.76
N TYR F 138 -12.72 -19.88 -18.67
CA TYR F 138 -11.36 -20.20 -18.30
C TYR F 138 -10.64 -18.98 -17.70
N ARG F 139 -10.89 -17.79 -18.24
CA ARG F 139 -10.23 -16.62 -17.72
C ARG F 139 -10.66 -16.33 -16.29
N LEU F 140 -11.97 -16.40 -16.06
CA LEU F 140 -12.53 -16.09 -14.74
C LEU F 140 -12.27 -17.15 -13.66
N LYS F 141 -12.01 -18.38 -14.04
CA LYS F 141 -11.76 -19.42 -13.04
C LYS F 141 -10.54 -19.07 -12.17
N ALA F 142 -9.68 -18.21 -12.67
CA ALA F 142 -8.51 -17.79 -11.92
C ALA F 142 -8.94 -16.99 -10.68
N LEU F 143 -10.16 -16.40 -10.72
CA LEU F 143 -10.61 -15.63 -9.57
C LEU F 143 -10.91 -16.50 -8.34
N TRP F 144 -11.03 -17.81 -8.54
CA TRP F 144 -11.26 -18.67 -7.38
C TRP F 144 -10.00 -18.73 -6.49
N GLU F 145 -8.91 -18.13 -6.97
CA GLU F 145 -7.65 -18.10 -6.21
C GLU F 145 -7.76 -16.92 -5.26
N LEU F 146 -8.68 -16.01 -5.57
CA LEU F 146 -8.88 -14.78 -4.80
C LEU F 146 -10.37 -14.69 -4.47
N LYS F 147 -10.88 -15.75 -3.83
CA LYS F 147 -12.29 -15.84 -3.53
C LYS F 147 -12.86 -14.98 -2.41
N ASP F 148 -12.03 -14.37 -1.57
CA ASP F 148 -12.57 -13.59 -0.48
C ASP F 148 -12.67 -12.09 -0.72
N TYR F 149 -13.13 -11.71 -1.91
CA TYR F 149 -13.29 -10.29 -2.24
C TYR F 149 -14.62 -10.06 -2.95
N PRO F 150 -15.28 -8.93 -2.67
CA PRO F 150 -16.53 -8.74 -3.42
C PRO F 150 -15.98 -8.37 -4.81
N LYS F 151 -16.70 -8.74 -5.87
CA LYS F 151 -16.21 -8.49 -7.23
C LYS F 151 -17.00 -7.54 -8.13
N ILE F 152 -16.27 -6.88 -9.03
CA ILE F 152 -16.85 -5.99 -10.04
C ILE F 152 -16.41 -6.55 -11.39
N PHE F 153 -17.37 -6.94 -12.23
CA PHE F 153 -17.06 -7.52 -13.54
C PHE F 153 -17.33 -6.57 -14.71
N LEU F 154 -16.46 -6.60 -15.72
CA LEU F 154 -16.69 -5.77 -16.91
C LEU F 154 -16.80 -6.70 -18.11
N PHE F 155 -17.90 -6.61 -18.85
CA PHE F 155 -18.11 -7.45 -20.05
C PHE F 155 -18.64 -6.55 -21.17
N HIS F 156 -18.45 -6.98 -22.41
CA HIS F 156 -19.03 -6.22 -23.49
C HIS F 156 -20.38 -6.91 -23.75
N THR F 157 -20.35 -8.23 -23.82
CA THR F 157 -21.54 -9.04 -24.06
C THR F 157 -22.48 -9.02 -22.85
N MSE F 158 -23.78 -8.83 -23.10
CA MSE F 158 -24.78 -8.79 -22.04
C MSE F 158 -25.26 -10.19 -21.71
O MSE F 158 -25.33 -11.05 -22.59
CB MSE F 158 -25.99 -7.96 -22.45
CG MSE F 158 -25.74 -6.52 -22.82
SE MSE F 158 -27.45 -5.59 -23.11
CE MSE F 158 -27.98 -5.51 -21.27
N PRO F 159 -25.63 -10.43 -20.44
CA PRO F 159 -26.12 -11.76 -20.09
C PRO F 159 -27.60 -11.90 -20.40
N TYR F 160 -28.06 -13.13 -20.58
CA TYR F 160 -29.46 -13.38 -20.81
C TYR F 160 -30.20 -13.01 -19.52
N HIS F 161 -31.33 -12.33 -19.66
CA HIS F 161 -32.10 -11.92 -18.49
C HIS F 161 -33.61 -12.02 -18.78
N LYS F 162 -34.22 -13.11 -18.29
CA LYS F 162 -35.65 -13.38 -18.49
C LYS F 162 -36.53 -12.17 -18.25
N GLY F 163 -37.16 -11.70 -19.32
CA GLY F 163 -38.04 -10.54 -19.22
C GLY F 163 -37.41 -9.23 -19.63
N LEU F 164 -36.09 -9.11 -19.49
CA LEU F 164 -35.40 -7.88 -19.85
C LEU F 164 -34.60 -7.97 -21.14
N ASN F 165 -33.77 -8.99 -21.25
CA ASN F 165 -32.96 -9.16 -22.45
C ASN F 165 -32.94 -10.62 -22.83
N GLU F 166 -33.97 -11.01 -23.57
CA GLU F 166 -34.15 -12.37 -24.05
C GLU F 166 -33.16 -12.73 -25.13
N GLN F 167 -32.37 -11.74 -25.55
CA GLN F 167 -31.39 -11.95 -26.60
C GLN F 167 -29.98 -12.05 -25.99
N GLY F 168 -29.90 -11.83 -24.69
CA GLY F 168 -28.62 -11.90 -24.00
C GLY F 168 -28.00 -13.28 -23.95
N SER F 169 -26.72 -13.34 -23.61
CA SER F 169 -25.99 -14.61 -23.55
C SER F 169 -26.21 -15.46 -22.30
N HIS F 170 -26.59 -16.72 -22.50
CA HIS F 170 -26.82 -17.64 -21.40
C HIS F 170 -25.51 -17.97 -20.69
N GLU F 171 -24.43 -17.98 -21.45
CA GLU F 171 -23.12 -18.29 -20.89
C GLU F 171 -22.65 -17.14 -20.01
N VAL F 172 -22.86 -15.90 -20.45
CA VAL F 172 -22.45 -14.78 -19.61
C VAL F 172 -23.29 -14.78 -18.33
N ALA F 173 -24.57 -15.13 -18.45
CA ALA F 173 -25.44 -15.18 -17.28
C ALA F 173 -24.90 -16.23 -16.31
N HIS F 174 -24.47 -17.37 -16.84
CA HIS F 174 -23.92 -18.45 -16.03
C HIS F 174 -22.66 -18.01 -15.27
N LEU F 175 -21.78 -17.25 -15.92
CA LEU F 175 -20.56 -16.76 -15.28
C LEU F 175 -20.91 -15.85 -14.09
N ILE F 176 -21.97 -15.06 -14.25
CA ILE F 176 -22.42 -14.15 -13.22
C ILE F 176 -23.02 -14.94 -12.05
N LYS F 177 -23.79 -15.97 -12.35
CA LYS F 177 -24.39 -16.80 -11.30
C LYS F 177 -23.32 -17.60 -10.54
N THR F 178 -22.27 -17.97 -11.26
CA THR F 178 -21.15 -18.73 -10.70
C THR F 178 -20.31 -17.90 -9.76
N HIS F 179 -19.88 -16.72 -10.19
CA HIS F 179 -19.02 -15.85 -9.42
C HIS F 179 -19.68 -14.80 -8.53
N ASN F 180 -20.99 -14.63 -8.69
CA ASN F 180 -21.70 -13.63 -7.89
C ASN F 180 -21.06 -12.28 -7.69
N PRO F 181 -20.66 -11.61 -8.79
CA PRO F 181 -20.05 -10.30 -8.65
C PRO F 181 -21.11 -9.37 -8.10
N LEU F 182 -20.69 -8.37 -7.32
CA LEU F 182 -21.60 -7.41 -6.74
C LEU F 182 -22.12 -6.47 -7.84
N LEU F 183 -21.23 -6.11 -8.77
CA LEU F 183 -21.60 -5.22 -9.87
C LEU F 183 -21.07 -5.80 -11.18
N VAL F 184 -21.92 -5.76 -12.20
CA VAL F 184 -21.54 -6.21 -13.53
C VAL F 184 -21.88 -5.07 -14.48
N LEU F 185 -20.87 -4.56 -15.18
CA LEU F 185 -21.08 -3.51 -16.15
C LEU F 185 -20.99 -4.13 -17.54
N VAL F 186 -21.96 -3.80 -18.40
CA VAL F 186 -21.97 -4.32 -19.77
C VAL F 186 -22.21 -3.19 -20.81
N ALA F 187 -21.87 -3.45 -22.06
CA ALA F 187 -22.03 -2.45 -23.11
C ALA F 187 -23.50 -2.33 -23.53
N GLY F 188 -23.91 -1.16 -23.98
CA GLY F 188 -25.27 -1.01 -24.43
C GLY F 188 -25.70 0.44 -24.49
N LYS F 189 -26.78 0.72 -25.24
CA LYS F 189 -27.28 2.08 -25.34
C LYS F 189 -28.47 2.25 -24.39
N GLY F 190 -28.58 3.43 -23.79
CA GLY F 190 -29.67 3.70 -22.86
C GLY F 190 -29.29 3.28 -21.45
N GLN F 191 -28.90 4.23 -20.60
CA GLN F 191 -28.54 3.87 -19.23
C GLN F 191 -29.67 3.14 -18.57
N LYS F 192 -29.34 2.02 -17.93
CA LYS F 192 -30.30 1.21 -17.20
C LYS F 192 -29.60 0.17 -16.36
N HIS F 193 -30.34 -0.39 -15.40
CA HIS F 193 -29.81 -1.41 -14.52
C HIS F 193 -30.91 -2.35 -14.03
N GLU F 194 -30.49 -3.54 -13.61
CA GLU F 194 -31.40 -4.53 -13.08
C GLU F 194 -30.63 -5.56 -12.24
N MSE F 195 -31.34 -6.27 -11.37
CA MSE F 195 -30.73 -7.30 -10.55
C MSE F 195 -30.86 -8.63 -11.27
O MSE F 195 -31.96 -9.00 -11.68
CB MSE F 195 -31.42 -7.41 -9.19
CG MSE F 195 -31.29 -6.20 -8.29
SE MSE F 195 -29.46 -5.68 -7.85
CE MSE F 195 -28.87 -7.28 -6.99
N LEU F 196 -29.73 -9.32 -11.45
CA LEU F 196 -29.74 -10.65 -12.06
C LEU F 196 -29.26 -11.52 -10.88
N GLY F 197 -30.20 -12.14 -10.20
CA GLY F 197 -29.84 -12.91 -9.03
C GLY F 197 -29.34 -11.89 -8.03
N ALA F 198 -28.21 -12.16 -7.39
CA ALA F 198 -27.65 -11.25 -6.38
C ALA F 198 -26.81 -10.13 -6.98
N SER F 199 -26.60 -10.21 -8.30
CA SER F 199 -25.76 -9.25 -8.99
C SER F 199 -26.46 -8.04 -9.58
N TRP F 200 -25.85 -6.89 -9.36
CA TRP F 200 -26.38 -5.66 -9.90
C TRP F 200 -25.76 -5.49 -11.31
N VAL F 201 -26.59 -5.61 -12.35
CA VAL F 201 -26.13 -5.50 -13.74
C VAL F 201 -26.50 -4.14 -14.34
N VAL F 202 -25.49 -3.36 -14.67
CA VAL F 202 -25.64 -2.03 -15.21
C VAL F 202 -25.15 -1.83 -16.64
N VAL F 203 -25.98 -1.15 -17.44
CA VAL F 203 -25.68 -0.78 -18.82
C VAL F 203 -25.51 0.68 -18.55
N PRO F 204 -24.27 1.18 -18.60
CA PRO F 204 -24.01 2.59 -18.32
C PRO F 204 -24.34 3.60 -19.41
N GLY F 205 -24.59 3.13 -20.63
CA GLY F 205 -24.88 4.05 -21.71
C GLY F 205 -23.77 3.97 -22.75
N ASP F 206 -24.06 4.51 -23.93
CA ASP F 206 -23.15 4.51 -25.08
C ASP F 206 -22.60 5.91 -25.33
N LEU F 207 -21.29 6.08 -25.16
CA LEU F 207 -20.67 7.41 -25.30
C LEU F 207 -20.71 7.96 -26.72
N SER F 208 -20.77 7.08 -27.71
CA SER F 208 -20.84 7.57 -29.08
C SER F 208 -22.21 8.25 -29.27
N GLU F 209 -23.11 8.03 -28.31
CA GLU F 209 -24.45 8.64 -28.26
C GLU F 209 -24.44 9.68 -27.13
N GLY F 210 -23.24 10.00 -26.63
CA GLY F 210 -23.10 10.98 -25.57
C GLY F 210 -23.46 10.57 -24.15
N GLU F 211 -23.89 9.33 -23.98
CA GLU F 211 -24.33 8.80 -22.68
C GLU F 211 -23.26 8.27 -21.70
N TYR F 212 -23.57 8.42 -20.42
CA TYR F 212 -22.71 7.93 -19.34
C TYR F 212 -23.58 7.86 -18.09
N SER F 213 -23.09 7.14 -17.08
CA SER F 213 -23.80 7.01 -15.79
C SER F 213 -22.81 7.13 -14.62
N LEU F 214 -23.31 7.63 -13.49
CA LEU F 214 -22.51 7.72 -12.27
C LEU F 214 -23.24 6.77 -11.34
N LEU F 215 -22.63 5.60 -11.09
CA LEU F 215 -23.21 4.58 -10.24
C LEU F 215 -23.01 4.86 -8.75
N ASP F 216 -24.02 4.49 -7.96
CA ASP F 216 -23.89 4.62 -6.51
C ASP F 216 -23.87 3.16 -6.10
N LEU F 217 -22.69 2.62 -5.87
CA LEU F 217 -22.55 1.20 -5.53
C LEU F 217 -23.21 0.84 -4.21
N ARG F 218 -23.32 1.82 -3.32
CA ARG F 218 -23.95 1.57 -2.04
C ARG F 218 -25.45 1.39 -2.19
N ALA F 219 -26.10 2.36 -2.83
CA ALA F 219 -27.55 2.33 -3.04
C ALA F 219 -27.97 1.47 -4.23
N ARG F 220 -27.01 1.14 -5.09
CA ARG F 220 -27.30 0.35 -6.29
C ARG F 220 -28.28 1.13 -7.16
N LYS F 221 -27.98 2.41 -7.33
CA LYS F 221 -28.81 3.23 -8.18
C LYS F 221 -27.84 4.02 -9.04
N LEU F 222 -28.33 4.63 -10.10
CA LEU F 222 -27.41 5.41 -10.91
C LEU F 222 -27.99 6.78 -11.28
N GLU F 223 -27.10 7.73 -11.54
CA GLU F 223 -27.46 9.06 -11.94
C GLU F 223 -27.02 9.09 -13.41
N THR F 224 -27.94 9.40 -14.30
CA THR F 224 -27.65 9.43 -15.73
C THR F 224 -27.18 10.80 -16.22
N GLY F 225 -26.51 10.81 -17.37
CA GLY F 225 -26.04 12.06 -17.92
C GLY F 225 -25.65 11.92 -19.37
N ASN F 226 -25.40 13.05 -20.04
CA ASN F 226 -25.00 13.05 -21.44
C ASN F 226 -24.06 14.21 -21.63
N VAL F 227 -23.01 14.03 -22.42
CA VAL F 227 -22.06 15.10 -22.63
C VAL F 227 -22.51 16.07 -23.72
N ARG F 228 -23.52 15.68 -24.49
CA ARG F 228 -24.02 16.51 -25.57
C ARG F 228 -24.97 17.57 -25.05
N MSE G 1 -1.78 -6.14 10.79
CA MSE G 1 -0.94 -5.23 11.62
C MSE G 1 -1.74 -4.03 12.13
O MSE G 1 -2.72 -3.60 11.50
CB MSE G 1 0.26 -4.72 10.82
CG MSE G 1 1.24 -5.81 10.40
SE MSE G 1 1.93 -6.87 11.90
CE MSE G 1 3.15 -5.53 12.67
N ARG G 2 -1.32 -3.48 13.27
CA ARG G 2 -1.97 -2.30 13.85
C ARG G 2 -1.76 -1.20 12.82
N ARG G 3 -2.66 -0.22 12.75
CA ARG G 3 -2.48 0.82 11.75
C ARG G 3 -1.36 1.78 12.11
N THR G 4 -1.08 1.91 13.39
CA THR G 4 -0.01 2.78 13.84
C THR G 4 0.96 1.97 14.72
N VAL G 5 2.25 2.01 14.42
CA VAL G 5 3.22 1.30 15.25
C VAL G 5 3.16 1.85 16.67
N ARG G 6 3.05 0.98 17.67
CA ARG G 6 3.05 1.43 19.07
C ARG G 6 4.13 0.74 19.93
N TYR G 7 4.32 -0.56 19.71
CA TYR G 7 5.30 -1.32 20.48
C TYR G 7 6.50 -1.72 19.62
N ILE G 8 7.68 -1.28 20.04
CA ILE G 8 8.90 -1.59 19.31
C ILE G 8 9.87 -2.41 20.15
N LEU G 9 10.22 -3.60 19.67
CA LEU G 9 11.19 -4.44 20.37
C LEU G 9 12.57 -3.96 19.89
N ALA G 10 13.41 -3.52 20.82
CA ALA G 10 14.71 -2.99 20.44
C ALA G 10 15.91 -3.46 21.24
N THR G 11 17.05 -3.46 20.58
CA THR G 11 18.30 -3.84 21.24
C THR G 11 19.47 -3.35 20.43
N SER G 12 20.68 -3.50 20.98
CA SER G 12 21.88 -3.08 20.29
C SER G 12 23.09 -3.95 20.59
N ASN G 13 24.12 -3.80 19.77
CA ASN G 13 25.40 -4.47 19.93
C ASN G 13 25.38 -5.97 20.27
N PRO G 14 24.72 -6.78 19.43
CA PRO G 14 24.68 -8.23 19.70
C PRO G 14 26.08 -8.84 19.53
N MSE G 15 26.94 -8.12 18.82
CA MSE G 15 28.33 -8.51 18.56
C MSE G 15 28.60 -9.92 18.01
O MSE G 15 29.64 -10.52 18.32
CB MSE G 15 29.18 -8.29 19.81
CG MSE G 15 29.60 -6.83 20.01
SE MSE G 15 31.03 -6.30 18.81
CE MSE G 15 31.91 -5.03 20.00
N GLY G 16 27.69 -10.43 17.19
CA GLY G 16 27.89 -11.75 16.60
C GLY G 16 27.32 -12.89 17.41
N ASP G 17 26.72 -12.58 18.55
CA ASP G 17 26.13 -13.57 19.41
C ASP G 17 24.81 -14.11 18.84
N LEU G 18 24.92 -15.06 17.92
CA LEU G 18 23.75 -15.65 17.28
C LEU G 18 22.79 -16.35 18.22
N GLU G 19 23.29 -16.79 19.36
CA GLU G 19 22.44 -17.51 20.28
C GLU G 19 21.47 -16.54 20.93
N ALA G 20 21.99 -15.42 21.40
CA ALA G 20 21.15 -14.41 22.04
C ALA G 20 20.17 -13.85 21.01
N LEU G 21 20.62 -13.75 19.76
CA LEU G 21 19.80 -13.23 18.67
C LEU G 21 18.60 -14.17 18.48
N GLU G 22 18.85 -15.47 18.42
CA GLU G 22 17.75 -16.42 18.23
C GLU G 22 16.70 -16.33 19.33
N LYS G 23 17.16 -16.12 20.56
CA LYS G 23 16.25 -15.99 21.69
C LYS G 23 15.49 -14.66 21.59
N PHE G 24 16.15 -13.63 21.09
CA PHE G 24 15.55 -12.30 20.89
C PHE G 24 14.38 -12.49 19.91
N VAL G 25 14.67 -13.11 18.77
CA VAL G 25 13.67 -13.38 17.74
C VAL G 25 12.55 -14.32 18.19
N LYS G 26 12.92 -15.44 18.80
CA LYS G 26 11.93 -16.42 19.25
C LYS G 26 10.97 -15.77 20.26
N LEU G 27 11.50 -14.80 20.99
CA LEU G 27 10.76 -14.08 22.02
C LEU G 27 9.83 -12.95 21.52
N ALA G 28 10.13 -12.41 20.33
CA ALA G 28 9.38 -11.29 19.76
C ALA G 28 7.85 -11.42 19.69
N PRO G 29 7.34 -12.53 19.14
CA PRO G 29 5.91 -12.75 19.03
C PRO G 29 5.17 -12.56 20.35
N ASP G 30 5.80 -13.01 21.43
CA ASP G 30 5.22 -12.94 22.76
C ASP G 30 5.17 -11.54 23.33
N THR G 31 6.08 -10.67 22.88
CA THR G 31 6.11 -9.30 23.36
C THR G 31 4.96 -8.50 22.76
N GLY G 32 4.50 -8.92 21.58
CA GLY G 32 3.43 -8.19 20.94
C GLY G 32 4.04 -6.94 20.31
N ALA G 33 5.26 -7.06 19.82
CA ALA G 33 5.94 -5.95 19.18
C ALA G 33 5.32 -5.71 17.78
N ASP G 34 5.24 -4.45 17.39
CA ASP G 34 4.71 -4.09 16.09
C ASP G 34 5.87 -4.03 15.10
N ALA G 35 7.06 -3.82 15.66
CA ALA G 35 8.27 -3.68 14.85
C ALA G 35 9.51 -3.89 15.71
N ILE G 36 10.66 -4.05 15.06
CA ILE G 36 11.95 -4.27 15.71
C ILE G 36 12.99 -3.29 15.20
N ALA G 37 13.78 -2.71 16.11
CA ALA G 37 14.85 -1.80 15.76
C ALA G 37 16.14 -2.37 16.38
N LEU G 38 17.16 -2.58 15.56
CA LEU G 38 18.43 -3.12 16.06
C LEU G 38 19.61 -2.27 15.62
N ILE G 39 20.41 -1.87 16.62
CA ILE G 39 21.60 -1.07 16.40
C ILE G 39 22.88 -1.92 16.55
N GLY G 40 23.85 -1.73 15.67
CA GLY G 40 25.08 -2.51 15.80
C GLY G 40 25.81 -2.35 17.12
N ASN G 41 27.01 -2.94 17.25
CA ASN G 41 27.60 -3.73 16.17
C ASN G 41 26.80 -5.01 15.99
N LEU G 42 26.63 -5.42 14.74
CA LEU G 42 25.91 -6.66 14.49
C LEU G 42 26.94 -7.79 14.60
N MSE G 43 28.18 -7.47 14.25
CA MSE G 43 29.28 -8.42 14.24
C MSE G 43 30.58 -7.73 14.65
O MSE G 43 30.71 -6.50 14.54
CB MSE G 43 29.49 -8.97 12.84
CG MSE G 43 28.49 -9.98 12.36
SE MSE G 43 28.69 -11.64 13.30
CE MSE G 43 26.83 -12.15 13.39
N PRO G 44 31.55 -8.52 15.14
CA PRO G 44 32.87 -8.00 15.56
C PRO G 44 33.59 -7.71 14.26
N LYS G 45 34.61 -6.86 14.28
CA LYS G 45 35.32 -6.53 13.06
C LYS G 45 35.80 -7.73 12.24
N ALA G 46 36.17 -8.81 12.93
CA ALA G 46 36.71 -9.98 12.23
C ALA G 46 35.69 -10.79 11.44
N ALA G 47 34.41 -10.67 11.79
CA ALA G 47 33.39 -11.42 11.05
C ALA G 47 33.42 -11.06 9.58
N LYS G 48 32.93 -11.97 8.74
CA LYS G 48 32.89 -11.72 7.29
C LYS G 48 31.47 -11.91 6.77
N SER G 49 31.31 -11.84 5.45
CA SER G 49 30.00 -11.98 4.80
C SER G 49 29.10 -13.08 5.33
N ARG G 50 29.59 -14.33 5.23
CA ARG G 50 28.82 -15.48 5.69
C ARG G 50 28.26 -15.25 7.09
N ASP G 51 29.00 -14.53 7.93
CA ASP G 51 28.54 -14.26 9.29
C ASP G 51 27.32 -13.32 9.25
N TYR G 52 27.37 -12.33 8.36
CA TYR G 52 26.24 -11.40 8.23
C TYR G 52 25.04 -12.13 7.66
N ALA G 53 25.28 -13.08 6.76
CA ALA G 53 24.18 -13.84 6.17
C ALA G 53 23.43 -14.63 7.25
N ALA G 54 24.18 -15.29 8.14
CA ALA G 54 23.56 -16.08 9.20
C ALA G 54 22.82 -15.18 10.18
N PHE G 55 23.38 -14.01 10.44
CA PHE G 55 22.75 -13.05 11.35
C PHE G 55 21.40 -12.63 10.78
N PHE G 56 21.40 -12.22 9.51
CA PHE G 56 20.18 -11.77 8.84
C PHE G 56 19.13 -12.86 8.71
N ARG G 57 19.57 -14.09 8.46
CA ARG G 57 18.65 -15.21 8.34
C ARG G 57 17.87 -15.38 9.63
N ILE G 58 18.56 -15.35 10.76
CA ILE G 58 17.91 -15.50 12.06
C ILE G 58 16.99 -14.30 12.34
N LEU G 59 17.49 -13.09 12.13
CA LEU G 59 16.69 -11.90 12.38
C LEU G 59 15.41 -11.92 11.52
N SER G 60 15.52 -12.43 10.31
CA SER G 60 14.40 -12.47 9.39
C SER G 60 13.25 -13.36 9.83
N GLU G 61 13.50 -14.23 10.81
CA GLU G 61 12.45 -15.13 11.28
C GLU G 61 11.47 -14.47 12.24
N ALA G 62 11.71 -13.21 12.58
CA ALA G 62 10.80 -12.49 13.48
C ALA G 62 9.52 -12.13 12.72
N HIS G 63 9.65 -12.05 11.40
CA HIS G 63 8.55 -11.72 10.52
C HIS G 63 7.86 -10.43 10.95
N LEU G 64 8.66 -9.42 11.22
CA LEU G 64 8.16 -8.12 11.63
C LEU G 64 8.96 -7.06 10.90
N PRO G 65 8.37 -5.87 10.72
CA PRO G 65 9.06 -4.77 10.05
C PRO G 65 10.31 -4.58 10.92
N THR G 66 11.48 -4.58 10.31
CA THR G 66 12.72 -4.49 11.07
C THR G 66 13.71 -3.54 10.44
N ALA G 67 14.21 -2.59 11.24
CA ALA G 67 15.17 -1.60 10.78
C ALA G 67 16.48 -1.76 11.55
N TYR G 68 17.60 -1.48 10.90
CA TYR G 68 18.89 -1.57 11.56
C TYR G 68 19.98 -0.70 10.96
N VAL G 69 21.00 -0.42 11.77
CA VAL G 69 22.16 0.37 11.35
C VAL G 69 23.37 -0.37 11.93
N PRO G 70 24.51 -0.36 11.20
CA PRO G 70 25.77 -1.01 11.60
C PRO G 70 26.53 -0.23 12.65
N GLY G 71 27.45 -0.93 13.33
CA GLY G 71 28.25 -0.30 14.37
C GLY G 71 29.65 0.02 13.87
N PRO G 72 30.51 0.62 14.73
CA PRO G 72 31.88 0.97 14.36
C PRO G 72 32.70 -0.20 13.80
N GLN G 73 32.33 -1.42 14.18
CA GLN G 73 33.06 -2.62 13.75
C GLN G 73 32.51 -3.41 12.57
N ASP G 74 31.31 -3.07 12.10
CA ASP G 74 30.72 -3.80 10.98
C ASP G 74 31.37 -3.36 9.67
N ALA G 75 32.69 -3.48 9.62
CA ALA G 75 33.47 -3.11 8.46
C ALA G 75 34.15 -4.34 7.85
N PRO G 76 34.47 -4.30 6.56
CA PRO G 76 34.23 -3.20 5.61
C PRO G 76 32.73 -3.03 5.33
N ILE G 77 32.31 -1.78 5.15
CA ILE G 77 30.90 -1.46 4.89
C ILE G 77 30.20 -2.37 3.88
N TRP G 78 30.85 -2.63 2.74
CA TRP G 78 30.23 -3.44 1.69
C TRP G 78 29.78 -4.85 2.02
N GLU G 79 30.31 -5.48 3.07
CA GLU G 79 29.89 -6.84 3.38
C GLU G 79 28.55 -6.79 4.08
N TYR G 80 28.43 -5.89 5.05
CA TYR G 80 27.18 -5.66 5.76
C TYR G 80 26.14 -5.24 4.72
N LEU G 81 26.50 -4.27 3.88
CA LEU G 81 25.56 -3.77 2.87
C LEU G 81 25.10 -4.83 1.88
N ARG G 82 26.04 -5.63 1.39
CA ARG G 82 25.70 -6.69 0.45
C ARG G 82 24.74 -7.71 1.08
N GLU G 83 24.99 -8.09 2.32
CA GLU G 83 24.16 -9.07 2.98
C GLU G 83 22.81 -8.47 3.35
N ALA G 84 22.80 -7.17 3.61
CA ALA G 84 21.56 -6.50 3.95
C ALA G 84 20.69 -6.52 2.67
N ALA G 85 21.29 -6.18 1.53
CA ALA G 85 20.55 -6.17 0.27
C ALA G 85 20.01 -7.56 -0.11
N ASN G 86 20.84 -8.59 0.06
CA ASN G 86 20.42 -9.94 -0.27
C ASN G 86 19.20 -10.38 0.52
N VAL G 87 19.24 -10.24 1.84
CA VAL G 87 18.12 -10.67 2.64
C VAL G 87 16.85 -9.83 2.43
N GLU G 88 17.02 -8.55 2.05
CA GLU G 88 15.86 -7.69 1.84
C GLU G 88 15.12 -7.96 0.53
N LEU G 89 15.78 -8.67 -0.38
CA LEU G 89 15.19 -9.06 -1.65
C LEU G 89 14.19 -10.16 -1.36
N VAL G 90 14.41 -10.86 -0.26
CA VAL G 90 13.54 -11.96 0.13
C VAL G 90 12.53 -11.57 1.21
N HIS G 91 12.95 -10.71 2.13
CA HIS G 91 12.12 -10.26 3.24
C HIS G 91 12.04 -8.74 3.20
N PRO G 92 11.13 -8.20 2.36
CA PRO G 92 10.90 -6.77 2.16
C PRO G 92 10.71 -5.98 3.44
N GLU G 93 10.18 -6.63 4.47
CA GLU G 93 9.94 -5.97 5.74
C GLU G 93 11.24 -5.65 6.50
N MSE G 94 12.36 -6.15 6.00
CA MSE G 94 13.64 -5.90 6.64
C MSE G 94 14.29 -4.71 5.99
O MSE G 94 14.27 -4.60 4.77
CB MSE G 94 14.56 -7.09 6.46
CG MSE G 94 13.90 -8.37 6.74
SE MSE G 94 15.11 -9.46 7.66
CE MSE G 94 15.13 -8.45 9.29
N ARG G 95 14.86 -3.81 6.77
CA ARG G 95 15.47 -2.67 6.13
C ARG G 95 16.63 -2.01 6.84
N ASN G 96 17.79 -2.04 6.19
CA ASN G 96 18.95 -1.35 6.71
C ASN G 96 18.60 0.12 6.43
N VAL G 97 18.67 0.99 7.43
CA VAL G 97 18.34 2.38 7.21
C VAL G 97 19.55 3.30 7.33
N HIS G 98 20.74 2.70 7.21
CA HIS G 98 22.00 3.45 7.28
C HIS G 98 22.10 4.36 6.08
N GLU G 99 22.15 5.67 6.35
CA GLU G 99 22.23 6.70 5.33
C GLU G 99 20.97 6.81 4.47
N THR G 100 19.96 6.01 4.78
CA THR G 100 18.72 6.04 4.01
C THR G 100 17.45 6.07 4.92
N PHE G 101 16.31 5.62 4.41
CA PHE G 101 15.09 5.71 5.20
C PHE G 101 14.05 4.70 4.74
N THR G 102 12.96 4.62 5.50
CA THR G 102 11.88 3.75 5.14
C THR G 102 10.69 4.22 5.99
N PHE G 103 9.52 3.67 5.73
CA PHE G 103 8.35 4.04 6.50
C PHE G 103 7.81 2.87 7.29
N TRP G 104 7.33 3.18 8.48
CA TRP G 104 6.69 2.19 9.32
C TRP G 104 5.24 2.61 9.40
N ARG G 105 4.34 1.69 9.72
CA ARG G 105 2.93 2.03 9.81
C ARG G 105 2.75 3.19 10.78
N GLY G 106 1.98 4.18 10.34
CA GLY G 106 1.73 5.38 11.12
C GLY G 106 1.15 6.45 10.21
N PRO G 107 1.91 6.97 9.24
CA PRO G 107 3.29 6.62 8.92
C PRO G 107 4.40 7.28 9.75
N TYR G 108 5.44 6.51 10.04
CA TYR G 108 6.65 7.01 10.72
C TYR G 108 7.82 6.92 9.73
N LEU G 109 8.61 7.99 9.62
CA LEU G 109 9.77 8.01 8.77
C LEU G 109 10.96 7.48 9.61
N VAL G 110 11.44 6.29 9.30
CA VAL G 110 12.54 5.67 10.05
C VAL G 110 13.85 5.91 9.29
N ALA G 111 14.83 6.54 9.94
CA ALA G 111 16.13 6.80 9.30
C ALA G 111 17.25 6.63 10.33
N GLY G 112 18.48 6.58 9.84
CA GLY G 112 19.58 6.43 10.77
C GLY G 112 20.95 6.63 10.16
N VAL G 113 21.95 6.67 11.03
CA VAL G 113 23.33 6.77 10.59
C VAL G 113 24.09 5.91 11.57
N GLY G 114 24.55 4.77 11.09
CA GLY G 114 25.31 3.87 11.93
C GLY G 114 26.79 4.22 11.95
N GLY G 115 27.58 3.31 12.53
CA GLY G 115 29.01 3.51 12.65
C GLY G 115 29.31 4.53 13.73
N GLU G 116 30.57 4.92 13.84
CA GLU G 116 30.92 5.92 14.83
C GLU G 116 30.79 7.31 14.22
N ILE G 117 29.95 8.15 14.81
CA ILE G 117 29.84 9.51 14.30
C ILE G 117 30.87 10.36 15.05
N ALA G 118 31.98 10.67 14.38
CA ALA G 118 33.06 11.45 14.99
C ALA G 118 32.91 12.97 14.84
N ASP G 119 33.51 13.71 15.77
CA ASP G 119 33.44 15.16 15.71
C ASP G 119 34.10 15.70 14.44
N GLU G 120 35.18 15.05 14.03
CA GLU G 120 35.92 15.46 12.84
C GLU G 120 36.68 14.27 12.30
N GLY G 121 37.76 14.55 11.59
CA GLY G 121 38.58 13.49 11.02
C GLY G 121 38.15 13.13 9.62
N GLU G 122 38.68 12.02 9.14
CA GLU G 122 38.38 11.50 7.82
C GLU G 122 37.42 10.32 7.94
N PRO G 123 36.59 10.11 6.89
CA PRO G 123 35.64 8.99 6.93
C PRO G 123 36.39 7.67 6.73
N GLU G 124 35.95 6.61 7.39
CA GLU G 124 36.57 5.28 7.26
C GLU G 124 35.47 4.22 7.16
N GLU G 125 35.60 3.33 6.18
CA GLU G 125 34.60 2.28 6.00
C GLU G 125 35.21 0.88 5.80
N HIS G 126 36.53 0.76 5.87
CA HIS G 126 37.15 -0.55 5.70
C HIS G 126 37.69 -1.15 6.99
N GLU G 127 38.54 -0.40 7.68
CA GLU G 127 39.11 -0.88 8.94
C GLU G 127 38.06 -0.71 10.01
N ALA G 128 37.13 0.19 9.77
CA ALA G 128 36.05 0.47 10.70
C ALA G 128 35.04 1.38 10.02
N LEU G 129 33.98 1.68 10.73
CA LEU G 129 32.97 2.59 10.18
C LEU G 129 33.01 3.85 11.02
N ARG G 130 33.59 4.90 10.45
CA ARG G 130 33.67 6.16 11.17
C ARG G 130 33.24 7.27 10.23
N TYR G 131 32.35 8.12 10.71
CA TYR G 131 31.88 9.20 9.87
C TYR G 131 31.98 10.52 10.56
N PRO G 132 32.69 11.48 9.95
CA PRO G 132 32.79 12.80 10.57
C PRO G 132 31.36 13.37 10.64
N ALA G 133 31.09 14.30 11.56
CA ALA G 133 29.76 14.87 11.73
C ALA G 133 29.17 15.51 10.48
N TRP G 134 30.00 16.17 9.65
CA TRP G 134 29.45 16.80 8.46
C TRP G 134 28.78 15.75 7.55
N VAL G 135 29.26 14.51 7.59
CA VAL G 135 28.65 13.50 6.75
C VAL G 135 27.31 13.05 7.32
N ALA G 136 27.21 12.84 8.63
CA ALA G 136 25.93 12.41 9.18
C ALA G 136 24.85 13.45 8.90
N GLU G 137 25.23 14.72 9.04
CA GLU G 137 24.34 15.83 8.82
C GLU G 137 23.90 15.83 7.38
N TYR G 138 24.85 15.54 6.49
CA TYR G 138 24.57 15.50 5.06
C TYR G 138 23.58 14.39 4.72
N ARG G 139 23.71 13.23 5.37
CA ARG G 139 22.81 12.11 5.11
C ARG G 139 21.39 12.46 5.57
N LEU G 140 21.28 13.04 6.75
CA LEU G 140 19.98 13.38 7.29
C LEU G 140 19.29 14.60 6.65
N LYS G 141 20.03 15.47 5.98
CA LYS G 141 19.38 16.63 5.39
C LYS G 141 18.38 16.22 4.31
N ALA G 142 18.51 15.01 3.79
CA ALA G 142 17.59 14.53 2.76
C ALA G 142 16.17 14.41 3.34
N LEU G 143 16.08 14.27 4.66
CA LEU G 143 14.79 14.12 5.33
C LEU G 143 13.96 15.40 5.27
N TRP G 144 14.58 16.52 4.95
CA TRP G 144 13.81 17.75 4.81
C TRP G 144 12.90 17.66 3.56
N GLU G 145 13.10 16.63 2.73
CA GLU G 145 12.28 16.43 1.53
C GLU G 145 10.99 15.73 1.95
N LEU G 146 11.01 15.10 3.14
CA LEU G 146 9.89 14.34 3.70
C LEU G 146 9.55 14.91 5.06
N LYS G 147 9.26 16.20 5.04
CA LYS G 147 8.95 17.05 6.16
C LYS G 147 7.77 16.68 7.08
N ASP G 148 6.70 16.17 6.48
CA ASP G 148 5.48 15.87 7.19
C ASP G 148 5.33 14.46 7.75
N TYR G 149 6.33 14.01 8.49
CA TYR G 149 6.23 12.71 9.13
C TYR G 149 6.95 12.72 10.48
N PRO G 150 6.35 12.08 11.49
CA PRO G 150 7.08 12.07 12.77
C PRO G 150 8.22 11.07 12.49
N LYS G 151 9.42 11.35 12.98
CA LYS G 151 10.59 10.51 12.76
C LYS G 151 11.09 9.64 13.92
N ILE G 152 11.74 8.53 13.57
CA ILE G 152 12.37 7.60 14.50
C ILE G 152 13.81 7.46 13.97
N PHE G 153 14.80 7.87 14.76
CA PHE G 153 16.21 7.78 14.35
C PHE G 153 17.00 6.61 14.98
N LEU G 154 17.89 6.00 14.20
CA LEU G 154 18.76 4.93 14.71
C LEU G 154 20.21 5.42 14.61
N PHE G 155 20.90 5.48 15.75
CA PHE G 155 22.29 5.93 15.79
C PHE G 155 23.11 4.97 16.65
N HIS G 156 24.39 4.79 16.35
CA HIS G 156 25.19 3.95 17.26
C HIS G 156 25.63 4.94 18.35
N THR G 157 26.21 6.06 17.90
CA THR G 157 26.71 7.12 18.74
C THR G 157 25.65 7.85 19.58
N MSE G 158 25.97 8.04 20.86
CA MSE G 158 25.05 8.71 21.79
C MSE G 158 25.21 10.22 21.75
O MSE G 158 26.32 10.74 21.60
CB MSE G 158 25.29 8.26 23.21
CG MSE G 158 25.20 6.79 23.43
SE MSE G 158 25.43 6.42 25.32
CE MSE G 158 23.99 7.48 26.01
N PRO G 159 24.10 10.97 21.91
CA PRO G 159 24.15 12.43 21.90
C PRO G 159 24.57 12.95 23.27
N TYR G 160 25.06 14.19 23.31
CA TYR G 160 25.42 14.78 24.57
C TYR G 160 24.10 15.12 25.27
N HIS G 161 24.03 14.83 26.58
CA HIS G 161 22.83 15.12 27.36
C HIS G 161 23.30 15.71 28.71
N LYS G 162 23.29 17.03 28.81
CA LYS G 162 23.72 17.72 30.03
C LYS G 162 23.25 17.02 31.31
N GLY G 163 24.21 16.58 32.12
CA GLY G 163 23.89 15.94 33.38
C GLY G 163 23.62 14.45 33.39
N LEU G 164 23.53 13.83 32.22
CA LEU G 164 23.27 12.39 32.17
C LEU G 164 24.41 11.67 31.47
N ASN G 165 24.80 12.16 30.30
CA ASN G 165 25.91 11.58 29.55
C ASN G 165 26.72 12.69 28.90
N GLU G 166 27.50 13.40 29.73
CA GLU G 166 28.31 14.52 29.26
C GLU G 166 29.52 14.14 28.41
N GLN G 167 29.63 12.85 28.08
CA GLN G 167 30.71 12.39 27.23
C GLN G 167 30.09 12.22 25.84
N GLY G 168 28.76 12.35 25.77
CA GLY G 168 28.07 12.19 24.50
C GLY G 168 28.44 13.21 23.45
N SER G 169 28.10 12.93 22.20
CA SER G 169 28.41 13.82 21.09
C SER G 169 27.47 15.03 20.94
N HIS G 170 28.06 16.22 20.89
CA HIS G 170 27.30 17.46 20.70
C HIS G 170 26.74 17.53 19.28
N GLU G 171 27.43 16.88 18.34
CA GLU G 171 26.98 16.88 16.95
C GLU G 171 25.73 16.06 16.82
N VAL G 172 25.71 14.90 17.49
CA VAL G 172 24.56 14.04 17.43
C VAL G 172 23.38 14.73 18.13
N ALA G 173 23.64 15.38 19.27
CA ALA G 173 22.56 16.10 19.96
C ALA G 173 22.02 17.18 19.01
N HIS G 174 22.92 17.86 18.31
CA HIS G 174 22.53 18.89 17.36
C HIS G 174 21.58 18.34 16.28
N LEU G 175 21.90 17.15 15.77
CA LEU G 175 21.06 16.50 14.74
C LEU G 175 19.66 16.24 15.29
N ILE G 176 19.62 15.77 16.53
CA ILE G 176 18.33 15.50 17.15
C ILE G 176 17.57 16.81 17.33
N LYS G 177 18.23 17.85 17.82
CA LYS G 177 17.58 19.15 18.04
C LYS G 177 17.05 19.75 16.73
N THR G 178 17.79 19.54 15.65
CA THR G 178 17.43 20.03 14.32
C THR G 178 16.21 19.30 13.71
N HIS G 179 16.21 17.98 13.81
CA HIS G 179 15.14 17.19 13.22
C HIS G 179 14.00 16.82 14.14
N ASN G 180 14.19 17.01 15.45
CA ASN G 180 13.14 16.67 16.39
C ASN G 180 12.52 15.29 16.19
N PRO G 181 13.33 14.24 16.08
CA PRO G 181 12.71 12.93 15.90
C PRO G 181 11.89 12.65 17.16
N LEU G 182 10.80 11.91 17.01
CA LEU G 182 9.97 11.57 18.15
C LEU G 182 10.72 10.58 19.05
N LEU G 183 11.39 9.61 18.42
CA LEU G 183 12.17 8.59 19.10
C LEU G 183 13.57 8.46 18.55
N VAL G 184 14.55 8.29 19.43
CA VAL G 184 15.93 8.07 19.04
C VAL G 184 16.44 6.80 19.75
N LEU G 185 16.95 5.85 18.98
CA LEU G 185 17.49 4.64 19.57
C LEU G 185 19.00 4.74 19.42
N VAL G 186 19.74 4.45 20.49
CA VAL G 186 21.21 4.49 20.46
C VAL G 186 21.82 3.25 21.15
N ALA G 187 23.08 2.96 20.83
CA ALA G 187 23.77 1.83 21.43
C ALA G 187 24.20 2.15 22.86
N GLY G 188 24.22 1.14 23.70
CA GLY G 188 24.62 1.35 25.08
C GLY G 188 24.17 0.22 25.97
N LYS G 189 24.93 -0.05 27.05
CA LYS G 189 24.57 -1.13 27.96
C LYS G 189 23.75 -0.57 29.11
N GLY G 190 22.73 -1.32 29.52
CA GLY G 190 21.89 -0.86 30.61
C GLY G 190 20.72 -0.06 30.08
N GLN G 191 19.56 -0.69 30.07
CA GLN G 191 18.36 -0.05 29.56
C GLN G 191 18.03 1.23 30.30
N LYS G 192 17.86 2.31 29.54
CA LYS G 192 17.48 3.60 30.10
C LYS G 192 16.93 4.55 29.04
N HIS G 193 16.24 5.59 29.48
CA HIS G 193 15.67 6.56 28.55
C HIS G 193 15.47 7.92 29.21
N GLU G 194 15.59 8.97 28.41
CA GLU G 194 15.44 10.35 28.87
C GLU G 194 14.89 11.20 27.72
N MSE G 195 14.33 12.34 28.06
CA MSE G 195 13.83 13.25 27.07
C MSE G 195 14.95 14.24 26.80
O MSE G 195 15.48 14.84 27.73
CB MSE G 195 12.62 14.02 27.59
CG MSE G 195 11.41 13.15 27.91
SE MSE G 195 10.72 12.31 26.32
CE MSE G 195 10.48 13.89 25.24
N LEU G 196 15.36 14.35 25.54
CA LEU G 196 16.37 15.33 25.16
C LEU G 196 15.54 16.35 24.38
N GLY G 197 15.11 17.40 25.07
CA GLY G 197 14.26 18.39 24.42
C GLY G 197 12.96 17.67 24.17
N ALA G 198 12.42 17.72 22.96
CA ALA G 198 11.15 17.03 22.67
C ALA G 198 11.32 15.58 22.24
N SER G 199 12.56 15.14 22.04
CA SER G 199 12.81 13.78 21.57
C SER G 199 13.03 12.76 22.69
N TRP G 200 12.40 11.60 22.55
CA TRP G 200 12.57 10.53 23.52
C TRP G 200 13.79 9.71 23.07
N VAL G 201 14.88 9.79 23.84
CA VAL G 201 16.12 9.09 23.52
C VAL G 201 16.23 7.84 24.36
N VAL G 202 16.26 6.69 23.69
CA VAL G 202 16.31 5.42 24.35
C VAL G 202 17.56 4.57 24.10
N VAL G 203 18.11 4.04 25.19
CA VAL G 203 19.25 3.12 25.14
C VAL G 203 18.48 1.85 25.49
N PRO G 204 18.19 1.01 24.48
CA PRO G 204 17.43 -0.23 24.71
C PRO G 204 18.15 -1.37 25.40
N GLY G 205 19.47 -1.36 25.38
CA GLY G 205 20.22 -2.43 26.00
C GLY G 205 21.19 -3.04 25.03
N ASP G 206 22.17 -3.75 25.58
CA ASP G 206 23.21 -4.41 24.80
C ASP G 206 22.86 -5.90 24.80
N LEU G 207 22.64 -6.46 23.61
CA LEU G 207 22.25 -7.87 23.52
C LEU G 207 23.38 -8.86 23.78
N SER G 208 24.63 -8.45 23.56
CA SER G 208 25.74 -9.36 23.83
C SER G 208 25.66 -9.69 25.32
N GLU G 209 24.95 -8.84 26.06
CA GLU G 209 24.74 -9.01 27.49
C GLU G 209 23.29 -9.44 27.73
N GLY G 210 22.67 -9.94 26.66
CA GLY G 210 21.29 -10.42 26.72
C GLY G 210 20.19 -9.41 26.96
N GLU G 211 20.52 -8.12 26.99
CA GLU G 211 19.53 -7.08 27.24
C GLU G 211 18.72 -6.64 26.01
N TYR G 212 17.47 -6.22 26.25
CA TYR G 212 16.59 -5.73 25.21
C TYR G 212 15.44 -4.99 25.89
N SER G 213 14.77 -4.13 25.14
CA SER G 213 13.63 -3.38 25.68
C SER G 213 12.45 -3.46 24.73
N LEU G 214 11.26 -3.26 25.27
CA LEU G 214 10.04 -3.23 24.46
C LEU G 214 9.51 -1.83 24.71
N LEU G 215 9.63 -0.96 23.71
CA LEU G 215 9.17 0.41 23.86
C LEU G 215 7.66 0.56 23.63
N ASP G 216 7.08 1.54 24.32
CA ASP G 216 5.66 1.87 24.16
C ASP G 216 5.76 3.32 23.68
N LEU G 217 5.68 3.50 22.36
CA LEU G 217 5.80 4.83 21.72
C LEU G 217 4.83 5.86 22.28
N ARG G 218 3.62 5.42 22.53
CA ARG G 218 2.56 6.28 23.03
C ARG G 218 2.83 6.82 24.44
N ALA G 219 3.18 5.93 25.36
CA ALA G 219 3.44 6.33 26.73
C ALA G 219 4.87 6.84 26.93
N ARG G 220 5.74 6.58 25.96
CA ARG G 220 7.14 6.98 26.07
C ARG G 220 7.74 6.32 27.31
N LYS G 221 7.33 5.08 27.54
CA LYS G 221 7.81 4.27 28.64
C LYS G 221 8.25 2.99 27.98
N LEU G 222 9.16 2.27 28.61
CA LEU G 222 9.63 1.03 28.04
C LEU G 222 9.65 -0.07 29.09
N GLU G 223 9.61 -1.31 28.61
CA GLU G 223 9.61 -2.50 29.45
C GLU G 223 10.96 -3.13 29.17
N THR G 224 11.68 -3.50 30.22
CA THR G 224 12.99 -4.11 30.03
C THR G 224 12.97 -5.61 30.21
N GLY G 225 13.94 -6.28 29.60
CA GLY G 225 14.03 -7.72 29.70
C GLY G 225 15.43 -8.18 29.38
N ASN G 226 15.68 -9.47 29.50
CA ASN G 226 16.99 -10.01 29.21
C ASN G 226 16.80 -11.41 28.70
N VAL G 227 17.66 -11.85 27.78
CA VAL G 227 17.53 -13.19 27.27
C VAL G 227 18.37 -14.17 28.11
N ARG G 228 18.73 -13.74 29.32
CA ARG G 228 19.51 -14.58 30.24
C ARG G 228 18.72 -15.83 30.57
N MSE H 1 8.86 32.28 -5.51
CA MSE H 1 9.41 32.87 -6.77
C MSE H 1 9.49 31.88 -7.90
O MSE H 1 8.97 32.12 -8.99
CB MSE H 1 10.80 33.43 -6.54
CG MSE H 1 10.79 34.76 -5.86
SE MSE H 1 9.61 35.91 -6.86
CE MSE H 1 10.96 36.98 -7.75
N ARG H 2 10.16 30.77 -7.64
CA ARG H 2 10.35 29.73 -8.64
C ARG H 2 9.03 29.14 -9.08
N ARG H 3 9.01 28.62 -10.31
CA ARG H 3 7.82 27.98 -10.86
C ARG H 3 8.12 26.54 -11.24
N THR H 4 7.13 25.84 -11.77
CA THR H 4 7.28 24.44 -12.16
C THR H 4 8.44 24.27 -13.15
N VAL H 5 9.17 23.17 -13.03
CA VAL H 5 10.29 22.93 -13.94
C VAL H 5 9.81 22.35 -15.25
N ARG H 6 10.17 23.02 -16.34
CA ARG H 6 9.80 22.55 -17.67
C ARG H 6 11.03 22.45 -18.57
N TYR H 7 11.90 23.44 -18.50
CA TYR H 7 13.12 23.43 -19.31
C TYR H 7 14.38 23.18 -18.46
N ILE H 8 15.13 22.16 -18.85
CA ILE H 8 16.35 21.79 -18.15
C ILE H 8 17.60 21.99 -19.02
N LEU H 9 18.58 22.70 -18.48
CA LEU H 9 19.84 22.91 -19.19
C LEU H 9 20.73 21.77 -18.68
N ALA H 10 21.26 20.94 -19.59
CA ALA H 10 22.06 19.79 -19.16
C ALA H 10 23.34 19.57 -19.93
N THR H 11 24.29 18.94 -19.28
CA THR H 11 25.55 18.62 -19.95
C THR H 11 26.27 17.59 -19.11
N SER H 12 27.38 17.08 -19.63
CA SER H 12 28.14 16.06 -18.94
C SER H 12 29.63 16.19 -19.17
N ASN H 13 30.38 15.53 -18.30
CA ASN H 13 31.83 15.45 -18.43
C ASN H 13 32.57 16.75 -18.64
N PRO H 14 32.40 17.73 -17.73
CA PRO H 14 33.14 18.98 -17.95
C PRO H 14 34.64 18.73 -17.77
N MSE H 15 34.99 17.68 -17.03
CA MSE H 15 36.39 17.31 -16.80
C MSE H 15 37.30 18.45 -16.33
O MSE H 15 38.45 18.56 -16.76
CB MSE H 15 37.00 16.68 -18.05
CG MSE H 15 36.70 15.20 -18.24
SE MSE H 15 37.55 14.03 -16.96
CE MSE H 15 39.32 13.96 -17.76
N GLY H 16 36.79 19.29 -15.44
CA GLY H 16 37.61 20.36 -14.91
C GLY H 16 37.75 21.59 -15.78
N ASP H 17 37.07 21.61 -16.93
CA ASP H 17 37.17 22.77 -17.80
C ASP H 17 36.34 23.93 -17.21
N LEU H 18 36.91 24.60 -16.22
CA LEU H 18 36.24 25.71 -15.56
C LEU H 18 35.77 26.81 -16.50
N GLU H 19 36.57 27.16 -17.51
CA GLU H 19 36.19 28.21 -18.42
C GLU H 19 34.90 27.87 -19.18
N ALA H 20 34.77 26.62 -19.60
CA ALA H 20 33.57 26.20 -20.30
C ALA H 20 32.40 26.17 -19.31
N LEU H 21 32.67 25.82 -18.06
CA LEU H 21 31.63 25.78 -17.01
C LEU H 21 31.06 27.19 -16.82
N GLU H 22 31.96 28.18 -16.77
CA GLU H 22 31.53 29.56 -16.62
C GLU H 22 30.64 29.93 -17.78
N LYS H 23 31.07 29.62 -19.00
CA LYS H 23 30.24 29.92 -20.17
C LYS H 23 28.91 29.17 -20.08
N PHE H 24 28.97 27.91 -19.67
CA PHE H 24 27.76 27.11 -19.51
C PHE H 24 26.81 27.81 -18.52
N VAL H 25 27.35 28.28 -17.41
CA VAL H 25 26.55 28.96 -16.39
C VAL H 25 26.00 30.30 -16.89
N LYS H 26 26.87 31.07 -17.56
CA LYS H 26 26.45 32.38 -18.09
C LYS H 26 25.34 32.26 -19.14
N LEU H 27 25.17 31.08 -19.70
CA LEU H 27 24.13 30.83 -20.71
C LEU H 27 22.75 30.57 -20.13
N ALA H 28 22.72 30.01 -18.92
CA ALA H 28 21.47 29.67 -18.26
C ALA H 28 20.34 30.69 -18.46
N PRO H 29 20.55 31.95 -18.07
CA PRO H 29 19.49 32.94 -18.25
C PRO H 29 19.02 33.15 -19.70
N ASP H 30 19.96 33.14 -20.64
CA ASP H 30 19.60 33.33 -22.03
C ASP H 30 18.77 32.16 -22.56
N THR H 31 19.00 30.98 -22.02
CA THR H 31 18.27 29.79 -22.47
C THR H 31 16.87 29.66 -21.87
N GLY H 32 16.60 30.40 -20.80
CA GLY H 32 15.31 30.32 -20.14
C GLY H 32 15.18 29.03 -19.34
N ALA H 33 16.31 28.44 -18.96
CA ALA H 33 16.27 27.19 -18.21
C ALA H 33 15.62 27.37 -16.83
N ASP H 34 14.88 26.35 -16.40
CA ASP H 34 14.23 26.37 -15.08
C ASP H 34 15.13 25.63 -14.09
N ALA H 35 16.00 24.77 -14.64
CA ALA H 35 16.91 23.96 -13.85
C ALA H 35 18.13 23.46 -14.65
N ILE H 36 19.11 22.93 -13.92
CA ILE H 36 20.35 22.42 -14.52
C ILE H 36 20.63 21.03 -13.99
N ALA H 37 21.01 20.12 -14.88
CA ALA H 37 21.39 18.78 -14.47
C ALA H 37 22.77 18.55 -15.10
N LEU H 38 23.71 18.07 -14.27
CA LEU H 38 25.07 17.86 -14.75
C LEU H 38 25.60 16.51 -14.29
N ILE H 39 26.14 15.77 -15.25
CA ILE H 39 26.69 14.46 -15.00
C ILE H 39 28.21 14.56 -15.05
N GLY H 40 28.88 13.76 -14.21
CA GLY H 40 30.34 13.77 -14.17
C GLY H 40 30.97 13.25 -15.47
N ASN H 41 32.30 13.20 -15.56
CA ASN H 41 33.21 13.60 -14.49
C ASN H 41 33.22 15.11 -14.32
N LEU H 42 33.13 15.58 -13.09
CA LEU H 42 33.19 17.01 -12.85
C LEU H 42 34.66 17.39 -13.07
N MSE H 43 35.53 16.54 -12.54
CA MSE H 43 36.97 16.73 -12.58
C MSE H 43 37.71 15.48 -13.01
O MSE H 43 37.19 14.37 -12.94
CB MSE H 43 37.48 17.05 -11.18
CG MSE H 43 37.14 18.42 -10.65
SE MSE H 43 38.31 19.73 -11.43
CE MSE H 43 37.05 21.19 -11.59
N PRO H 44 38.95 15.65 -13.50
CA PRO H 44 39.69 14.44 -13.88
C PRO H 44 40.18 13.89 -12.53
N LYS H 45 40.60 12.62 -12.50
CA LYS H 45 41.05 12.01 -11.26
C LYS H 45 42.08 12.80 -10.44
N ALA H 46 43.00 13.45 -11.14
CA ALA H 46 44.07 14.21 -10.47
C ALA H 46 43.58 15.37 -9.61
N ALA H 47 42.45 15.96 -9.99
CA ALA H 47 41.91 17.09 -9.24
C ALA H 47 41.80 16.78 -7.76
N LYS H 48 41.80 17.84 -6.94
CA LYS H 48 41.69 17.69 -5.50
C LYS H 48 40.55 18.58 -4.96
N SER H 49 40.32 18.53 -3.64
CA SER H 49 39.26 19.31 -3.02
C SER H 49 39.14 20.77 -3.42
N ARG H 50 40.24 21.51 -3.37
CA ARG H 50 40.21 22.92 -3.75
C ARG H 50 39.68 23.05 -5.17
N ASP H 51 39.87 22.01 -5.97
CA ASP H 51 39.44 22.02 -7.36
C ASP H 51 37.90 21.92 -7.43
N TYR H 52 37.32 21.06 -6.60
CA TYR H 52 35.86 20.94 -6.60
C TYR H 52 35.27 22.21 -6.03
N ALA H 53 35.98 22.81 -5.06
CA ALA H 53 35.52 24.07 -4.46
C ALA H 53 35.37 25.14 -5.54
N ALA H 54 36.38 25.26 -6.40
CA ALA H 54 36.31 26.26 -7.45
C ALA H 54 35.17 25.95 -8.40
N PHE H 55 35.01 24.68 -8.73
CA PHE H 55 33.97 24.22 -9.65
C PHE H 55 32.56 24.57 -9.10
N PHE H 56 32.30 24.19 -7.86
CA PHE H 56 30.99 24.44 -7.25
C PHE H 56 30.68 25.92 -7.06
N ARG H 57 31.73 26.72 -6.87
CA ARG H 57 31.55 28.16 -6.70
C ARG H 57 31.03 28.75 -8.03
N ILE H 58 31.62 28.29 -9.14
CA ILE H 58 31.20 28.75 -10.46
C ILE H 58 29.77 28.27 -10.74
N LEU H 59 29.48 27.02 -10.40
CA LEU H 59 28.16 26.46 -10.65
C LEU H 59 27.06 27.17 -9.88
N SER H 60 27.39 27.60 -8.66
CA SER H 60 26.42 28.26 -7.79
C SER H 60 25.96 29.61 -8.31
N GLU H 61 26.69 30.18 -9.26
CA GLU H 61 26.32 31.47 -9.79
C GLU H 61 25.07 31.37 -10.67
N ALA H 62 24.64 30.15 -11.00
CA ALA H 62 23.44 29.93 -11.82
C ALA H 62 22.16 30.35 -11.09
N HIS H 63 22.10 30.13 -9.78
CA HIS H 63 20.93 30.47 -8.96
C HIS H 63 19.68 29.73 -9.45
N LEU H 64 19.85 28.46 -9.77
CA LEU H 64 18.74 27.66 -10.24
C LEU H 64 18.80 26.28 -9.63
N PRO H 65 17.65 25.60 -9.53
CA PRO H 65 17.63 24.25 -8.99
C PRO H 65 18.67 23.50 -9.86
N THR H 66 19.61 22.80 -9.22
CA THR H 66 20.70 22.11 -9.92
C THR H 66 21.00 20.77 -9.32
N ALA H 67 21.02 19.72 -10.13
CA ALA H 67 21.32 18.40 -9.64
C ALA H 67 22.53 17.81 -10.39
N TYR H 68 23.35 17.04 -9.69
CA TYR H 68 24.53 16.42 -10.30
C TYR H 68 24.90 15.12 -9.62
N VAL H 69 25.68 14.34 -10.35
CA VAL H 69 26.21 13.06 -9.88
C VAL H 69 27.67 13.04 -10.36
N PRO H 70 28.56 12.43 -9.56
CA PRO H 70 29.99 12.33 -9.87
C PRO H 70 30.26 11.31 -10.96
N GLY H 71 31.42 11.41 -11.60
CA GLY H 71 31.79 10.49 -12.66
C GLY H 71 32.76 9.43 -12.15
N PRO H 72 33.16 8.48 -13.02
CA PRO H 72 34.08 7.41 -12.65
C PRO H 72 35.41 7.96 -12.11
N GLN H 73 35.77 9.15 -12.58
CA GLN H 73 37.03 9.76 -12.15
C GLN H 73 36.99 10.69 -10.94
N ASP H 74 35.80 10.99 -10.42
CA ASP H 74 35.69 11.90 -9.28
C ASP H 74 36.03 11.22 -7.95
N ALA H 75 37.24 10.67 -7.86
CA ALA H 75 37.68 10.00 -6.64
C ALA H 75 38.90 10.66 -6.00
N PRO H 76 39.07 10.47 -4.67
CA PRO H 76 38.21 9.70 -3.78
C PRO H 76 36.85 10.38 -3.60
N ILE H 77 35.82 9.57 -3.38
CA ILE H 77 34.45 10.06 -3.22
C ILE H 77 34.29 11.18 -2.20
N TRP H 78 34.96 11.10 -1.06
CA TRP H 78 34.80 12.11 0.00
C TRP H 78 35.18 13.55 -0.30
N GLU H 79 36.03 13.78 -1.31
CA GLU H 79 36.40 15.15 -1.64
C GLU H 79 35.25 15.79 -2.42
N TYR H 80 34.73 15.08 -3.41
CA TYR H 80 33.56 15.53 -4.19
C TYR H 80 32.43 15.82 -3.18
N LEU H 81 32.16 14.86 -2.29
CA LEU H 81 31.07 14.96 -1.32
C LEU H 81 31.18 16.15 -0.38
N ARG H 82 32.37 16.29 0.18
CA ARG H 82 32.63 17.36 1.10
C ARG H 82 32.45 18.73 0.48
N GLU H 83 32.92 18.92 -0.75
CA GLU H 83 32.77 20.21 -1.38
C GLU H 83 31.32 20.40 -1.86
N ALA H 84 30.61 19.29 -2.08
CA ALA H 84 29.20 19.37 -2.49
C ALA H 84 28.48 19.81 -1.19
N ALA H 85 28.77 19.13 -0.09
CA ALA H 85 28.17 19.47 1.19
C ALA H 85 28.41 20.95 1.49
N ASN H 86 29.64 21.41 1.34
CA ASN H 86 29.96 22.81 1.59
C ASN H 86 29.14 23.81 0.78
N VAL H 87 29.14 23.69 -0.54
CA VAL H 87 28.39 24.65 -1.32
C VAL H 87 26.87 24.53 -1.09
N GLU H 88 26.38 23.32 -0.83
CA GLU H 88 24.95 23.11 -0.63
C GLU H 88 24.41 23.65 0.69
N LEU H 89 25.29 23.91 1.64
CA LEU H 89 24.86 24.46 2.91
C LEU H 89 24.13 25.79 2.69
N VAL H 90 24.76 26.72 1.98
CA VAL H 90 24.16 28.02 1.76
C VAL H 90 23.50 28.22 0.39
N HIS H 91 23.61 27.20 -0.47
CA HIS H 91 22.98 27.22 -1.80
C HIS H 91 22.19 25.92 -1.84
N PRO H 92 21.09 25.85 -1.08
CA PRO H 92 20.28 24.64 -1.02
C PRO H 92 19.56 24.24 -2.31
N GLU H 93 19.52 25.13 -3.31
CA GLU H 93 18.87 24.77 -4.57
C GLU H 93 19.80 23.79 -5.32
N MSE H 94 21.06 23.75 -4.92
CA MSE H 94 22.05 22.85 -5.52
C MSE H 94 22.00 21.50 -4.83
O MSE H 94 21.89 21.44 -3.59
CB MSE H 94 23.45 23.44 -5.37
CG MSE H 94 23.63 24.70 -6.13
SE MSE H 94 25.39 25.36 -5.79
CE MSE H 94 26.32 24.20 -7.06
N ARG H 95 22.09 20.42 -5.60
CA ARG H 95 22.01 19.12 -4.96
C ARG H 95 22.71 17.96 -5.67
N ASN H 96 23.65 17.35 -4.96
CA ASN H 96 24.33 16.16 -5.44
C ASN H 96 23.30 15.08 -5.12
N VAL H 97 22.81 14.38 -6.13
CA VAL H 97 21.81 13.35 -5.92
C VAL H 97 22.35 11.92 -5.98
N HIS H 98 23.68 11.78 -5.99
CA HIS H 98 24.34 10.47 -5.99
C HIS H 98 23.82 9.74 -4.75
N GLU H 99 23.13 8.61 -4.96
CA GLU H 99 22.60 7.78 -3.90
C GLU H 99 21.42 8.36 -3.11
N THR H 100 20.94 9.54 -3.48
CA THR H 100 19.83 10.11 -2.73
C THR H 100 18.83 10.74 -3.67
N PHE H 101 18.17 11.82 -3.25
CA PHE H 101 17.15 12.38 -4.10
C PHE H 101 16.74 13.76 -3.63
N THR H 102 15.97 14.44 -4.46
CA THR H 102 15.42 15.73 -4.11
C THR H 102 14.18 15.92 -4.97
N PHE H 103 13.36 16.91 -4.62
CA PHE H 103 12.16 17.17 -5.40
C PHE H 103 12.29 18.51 -6.08
N TRP H 104 11.86 18.57 -7.33
CA TRP H 104 11.86 19.82 -8.08
C TRP H 104 10.39 20.20 -8.28
N ARG H 105 10.09 21.48 -8.40
CA ARG H 105 8.69 21.87 -8.61
C ARG H 105 8.15 21.21 -9.87
N GLY H 106 7.00 20.56 -9.72
CA GLY H 106 6.34 19.86 -10.81
C GLY H 106 5.15 19.05 -10.30
N PRO H 107 5.37 18.09 -9.40
CA PRO H 107 6.68 17.74 -8.86
C PRO H 107 7.43 16.67 -9.67
N TYR H 108 8.75 16.68 -9.54
CA TYR H 108 9.60 15.67 -10.16
C TYR H 108 10.51 15.17 -9.05
N LEU H 109 10.59 13.85 -8.93
CA LEU H 109 11.46 13.19 -7.97
C LEU H 109 12.79 12.96 -8.73
N VAL H 110 13.83 13.70 -8.34
CA VAL H 110 15.16 13.63 -8.99
C VAL H 110 16.12 12.78 -8.18
N ALA H 111 16.73 11.79 -8.81
CA ALA H 111 17.63 10.87 -8.12
C ALA H 111 18.77 10.41 -9.02
N GLY H 112 19.82 9.83 -8.43
CA GLY H 112 20.91 9.37 -9.27
C GLY H 112 21.87 8.37 -8.63
N VAL H 113 22.74 7.80 -9.47
CA VAL H 113 23.78 6.86 -9.03
C VAL H 113 24.91 7.22 -9.99
N GLY H 114 25.88 7.97 -9.49
CA GLY H 114 26.97 8.39 -10.34
C GLY H 114 28.03 7.33 -10.47
N GLY H 115 29.22 7.74 -10.91
CA GLY H 115 30.32 6.80 -11.06
C GLY H 115 30.10 5.73 -12.11
N GLU H 116 30.99 4.74 -12.13
CA GLU H 116 30.89 3.63 -13.07
C GLU H 116 30.01 2.54 -12.48
N ILE H 117 28.94 2.20 -13.18
CA ILE H 117 28.06 1.14 -12.73
C ILE H 117 28.47 -0.08 -13.55
N ALA H 118 29.15 -1.01 -12.91
CA ALA H 118 29.64 -2.22 -13.58
C ALA H 118 28.74 -3.38 -13.25
N ASP H 119 28.70 -4.34 -14.16
CA ASP H 119 27.89 -5.54 -13.98
C ASP H 119 28.12 -6.17 -12.60
N GLU H 120 29.38 -6.37 -12.25
CA GLU H 120 29.72 -6.99 -10.97
C GLU H 120 31.06 -6.47 -10.48
N GLY H 121 31.70 -7.20 -9.57
CA GLY H 121 33.00 -6.77 -9.07
C GLY H 121 32.88 -6.11 -7.70
N GLU H 122 33.98 -5.57 -7.17
CA GLU H 122 33.92 -4.94 -5.85
C GLU H 122 33.75 -3.43 -5.97
N PRO H 123 33.10 -2.81 -4.97
CA PRO H 123 32.88 -1.37 -4.99
C PRO H 123 34.22 -0.66 -4.80
N GLU H 124 34.40 0.45 -5.48
CA GLU H 124 35.63 1.22 -5.38
C GLU H 124 35.24 2.69 -5.34
N GLU H 125 35.82 3.44 -4.40
CA GLU H 125 35.52 4.86 -4.28
C GLU H 125 36.76 5.70 -4.00
N HIS H 126 37.93 5.07 -3.99
CA HIS H 126 39.16 5.81 -3.73
C HIS H 126 40.06 6.09 -4.92
N GLU H 127 40.35 5.05 -5.70
CA GLU H 127 41.18 5.19 -6.89
C GLU H 127 40.27 5.53 -8.07
N ALA H 128 38.98 5.32 -7.86
CA ALA H 128 37.97 5.60 -8.87
C ALA H 128 36.61 5.42 -8.23
N LEU H 129 35.55 5.77 -8.95
CA LEU H 129 34.21 5.56 -8.41
C LEU H 129 33.60 4.44 -9.24
N ARG H 130 33.46 3.26 -8.62
CA ARG H 130 32.91 2.11 -9.32
C ARG H 130 31.95 1.37 -8.43
N TYR H 131 30.75 1.12 -8.95
CA TYR H 131 29.75 0.40 -8.17
C TYR H 131 29.15 -0.77 -8.91
N PRO H 132 29.18 -1.94 -8.29
CA PRO H 132 28.59 -3.08 -9.00
C PRO H 132 27.08 -2.80 -9.10
N ALA H 133 26.41 -3.42 -10.08
CA ALA H 133 24.99 -3.20 -10.30
C ALA H 133 24.09 -3.37 -9.07
N TRP H 134 24.36 -4.37 -8.22
CA TRP H 134 23.52 -4.56 -7.05
C TRP H 134 23.55 -3.36 -6.12
N VAL H 135 24.60 -2.55 -6.21
CA VAL H 135 24.66 -1.37 -5.37
C VAL H 135 23.76 -0.31 -6.01
N ALA H 136 23.90 -0.11 -7.31
CA ALA H 136 23.05 0.88 -7.99
C ALA H 136 21.57 0.57 -7.69
N GLU H 137 21.21 -0.70 -7.82
CA GLU H 137 19.84 -1.12 -7.60
C GLU H 137 19.35 -0.84 -6.18
N TYR H 138 20.23 -1.10 -5.22
CA TYR H 138 19.89 -0.89 -3.82
C TYR H 138 19.65 0.58 -3.49
N ARG H 139 20.36 1.49 -4.14
CA ARG H 139 20.19 2.92 -3.88
C ARG H 139 18.81 3.38 -4.32
N LEU H 140 18.41 2.97 -5.52
CA LEU H 140 17.13 3.35 -6.09
C LEU H 140 15.88 2.72 -5.47
N LYS H 141 16.02 1.56 -4.82
CA LYS H 141 14.85 0.92 -4.25
C LYS H 141 14.19 1.73 -3.13
N ALA H 142 14.92 2.67 -2.54
CA ALA H 142 14.39 3.52 -1.46
C ALA H 142 13.26 4.36 -2.05
N LEU H 143 13.37 4.64 -3.36
CA LEU H 143 12.39 5.44 -4.09
C LEU H 143 10.98 4.87 -4.12
N TRP H 144 10.84 3.56 -4.03
CA TRP H 144 9.52 2.92 -4.06
C TRP H 144 8.66 3.37 -2.87
N GLU H 145 9.27 3.98 -1.88
CA GLU H 145 8.55 4.45 -0.70
C GLU H 145 7.83 5.76 -0.99
N LEU H 146 8.29 6.45 -2.02
CA LEU H 146 7.71 7.74 -2.42
C LEU H 146 6.71 7.47 -3.54
N LYS H 147 5.45 7.84 -3.30
CA LYS H 147 4.35 7.56 -4.24
C LYS H 147 3.91 8.56 -5.28
N ASP H 148 3.57 8.01 -6.46
CA ASP H 148 3.04 8.76 -7.58
C ASP H 148 3.86 9.92 -8.08
N TYR H 149 5.18 9.78 -8.10
CA TYR H 149 6.00 10.88 -8.61
C TYR H 149 6.67 10.53 -9.90
N PRO H 150 6.67 11.48 -10.83
CA PRO H 150 7.34 11.22 -12.10
C PRO H 150 8.82 11.37 -11.74
N LYS H 151 9.66 10.44 -12.20
CA LYS H 151 11.08 10.47 -11.85
C LYS H 151 12.04 10.95 -12.95
N ILE H 152 13.13 11.57 -12.51
CA ILE H 152 14.20 12.03 -13.40
C ILE H 152 15.47 11.40 -12.84
N PHE H 153 16.08 10.51 -13.62
CA PHE H 153 17.31 9.83 -13.19
C PHE H 153 18.59 10.38 -13.83
N LEU H 154 19.63 10.50 -13.02
CA LEU H 154 20.94 10.96 -13.51
C LEU H 154 21.91 9.80 -13.33
N PHE H 155 22.52 9.35 -14.42
CA PHE H 155 23.49 8.28 -14.41
C PHE H 155 24.68 8.70 -15.26
N HIS H 156 25.85 8.15 -14.94
CA HIS H 156 27.00 8.42 -15.79
C HIS H 156 26.98 7.29 -16.82
N THR H 157 26.78 6.06 -16.36
CA THR H 157 26.75 4.87 -17.22
C THR H 157 25.50 4.75 -18.08
N MSE H 158 25.71 4.58 -19.38
CA MSE H 158 24.61 4.46 -20.36
C MSE H 158 23.92 3.12 -20.32
O MSE H 158 24.52 2.09 -20.03
CB MSE H 158 25.13 4.67 -21.78
CG MSE H 158 25.51 6.08 -22.10
SE MSE H 158 25.86 6.31 -23.99
CE MSE H 158 24.14 5.77 -24.65
N PRO H 159 22.61 3.12 -20.63
CA PRO H 159 21.88 1.86 -20.62
C PRO H 159 21.97 1.22 -21.99
N TYR H 160 21.95 -0.11 -22.02
CA TYR H 160 21.97 -0.82 -23.29
C TYR H 160 20.76 -0.36 -24.06
N HIS H 161 20.93 0.00 -25.33
CA HIS H 161 19.81 0.44 -26.15
C HIS H 161 20.17 0.41 -27.63
N LYS H 162 19.58 -0.56 -28.33
CA LYS H 162 19.76 -0.77 -29.77
C LYS H 162 19.95 0.50 -30.62
N GLY H 163 19.53 1.64 -30.07
CA GLY H 163 19.66 2.89 -30.79
C GLY H 163 20.85 3.73 -30.36
N LEU H 164 20.85 4.22 -29.13
CA LEU H 164 21.96 5.05 -28.68
C LEU H 164 23.22 4.29 -28.26
N ASN H 165 23.12 2.97 -28.11
CA ASN H 165 24.29 2.19 -27.72
C ASN H 165 24.00 0.71 -27.48
N GLU H 166 24.73 -0.16 -28.16
CA GLU H 166 24.55 -1.60 -27.98
C GLU H 166 25.61 -2.10 -27.02
N GLN H 167 26.51 -1.20 -26.65
CA GLN H 167 27.57 -1.54 -25.71
C GLN H 167 27.15 -1.06 -24.32
N GLY H 168 25.97 -0.42 -24.26
CA GLY H 168 25.46 0.10 -23.01
C GLY H 168 25.21 -0.97 -21.98
N SER H 169 24.96 -0.56 -20.73
CA SER H 169 24.72 -1.50 -19.65
C SER H 169 23.28 -2.04 -19.60
N HIS H 170 23.18 -3.36 -19.56
CA HIS H 170 21.90 -4.05 -19.49
C HIS H 170 21.32 -3.82 -18.11
N GLU H 171 22.22 -3.70 -17.13
CA GLU H 171 21.81 -3.48 -15.76
C GLU H 171 21.22 -2.07 -15.62
N VAL H 172 21.88 -1.07 -16.17
CA VAL H 172 21.35 0.27 -16.09
C VAL H 172 19.97 0.30 -16.79
N ALA H 173 19.87 -0.44 -17.89
CA ALA H 173 18.62 -0.52 -18.64
C ALA H 173 17.54 -1.11 -17.73
N HIS H 174 17.95 -2.09 -16.93
CA HIS H 174 17.05 -2.76 -16.00
C HIS H 174 16.50 -1.76 -14.98
N LEU H 175 17.36 -0.88 -14.48
CA LEU H 175 16.95 0.10 -13.50
C LEU H 175 15.88 1.03 -14.12
N ILE H 176 16.11 1.43 -15.36
CA ILE H 176 15.21 2.31 -16.07
C ILE H 176 13.89 1.58 -16.31
N LYS H 177 14.02 0.31 -16.71
CA LYS H 177 12.86 -0.53 -16.98
C LYS H 177 11.98 -0.75 -15.74
N THR H 178 12.60 -0.93 -14.59
CA THR H 178 11.82 -1.17 -13.37
C THR H 178 11.15 0.10 -12.84
N HIS H 179 11.86 1.22 -12.90
CA HIS H 179 11.34 2.50 -12.39
C HIS H 179 10.57 3.38 -13.36
N ASN H 180 10.70 3.10 -14.66
CA ASN H 180 10.03 3.90 -15.68
C ASN H 180 10.16 5.40 -15.43
N PRO H 181 11.40 5.88 -15.22
CA PRO H 181 11.54 7.31 -14.99
C PRO H 181 11.06 8.08 -16.22
N LEU H 182 10.64 9.31 -16.03
CA LEU H 182 10.16 10.15 -17.12
C LEU H 182 11.35 10.57 -18.00
N LEU H 183 12.46 10.87 -17.34
CA LEU H 183 13.66 11.30 -18.03
C LEU H 183 14.86 10.67 -17.38
N VAL H 184 15.79 10.23 -18.22
CA VAL H 184 17.06 9.67 -17.76
C VAL H 184 18.17 10.45 -18.50
N LEU H 185 19.09 11.04 -17.74
CA LEU H 185 20.19 11.76 -18.34
C LEU H 185 21.47 10.95 -18.17
N VAL H 186 22.21 10.79 -19.26
CA VAL H 186 23.45 10.03 -19.19
C VAL H 186 24.65 10.77 -19.83
N ALA H 187 25.85 10.48 -19.36
CA ALA H 187 27.06 11.09 -19.89
C ALA H 187 27.31 10.55 -21.29
N GLY H 188 27.93 11.36 -22.14
CA GLY H 188 28.21 10.95 -23.52
C GLY H 188 28.46 12.14 -24.42
N LYS H 189 29.25 11.96 -25.47
CA LYS H 189 29.55 13.04 -26.42
C LYS H 189 28.51 13.06 -27.54
N GLY H 190 28.18 14.24 -28.01
CA GLY H 190 27.18 14.30 -29.07
C GLY H 190 25.78 14.24 -28.49
N GLN H 191 25.09 15.38 -28.53
CA GLN H 191 23.74 15.45 -28.01
C GLN H 191 22.78 14.55 -28.79
N LYS H 192 22.15 13.61 -28.09
CA LYS H 192 21.21 12.70 -28.72
C LYS H 192 20.17 12.18 -27.72
N HIS H 193 19.08 11.62 -28.23
CA HIS H 193 18.04 11.11 -27.35
C HIS H 193 17.17 10.07 -28.01
N GLU H 194 16.63 9.17 -27.18
CA GLU H 194 15.77 8.10 -27.64
C GLU H 194 14.81 7.69 -26.53
N MSE H 195 13.75 6.98 -26.89
CA MSE H 195 12.80 6.49 -25.91
C MSE H 195 13.19 5.06 -25.56
O MSE H 195 13.49 4.26 -26.45
CB MSE H 195 11.37 6.46 -26.48
CG MSE H 195 10.77 7.80 -26.76
SE MSE H 195 10.66 8.90 -25.15
CE MSE H 195 9.52 7.76 -24.09
N LEU H 196 13.21 4.76 -24.26
CA LEU H 196 13.49 3.39 -23.81
C LEU H 196 12.23 3.10 -23.00
N GLY H 197 11.36 2.25 -23.54
CA GLY H 197 10.11 1.97 -22.86
C GLY H 197 9.38 3.31 -22.77
N ALA H 198 8.89 3.65 -21.58
CA ALA H 198 8.20 4.92 -21.39
C ALA H 198 9.14 6.03 -20.95
N SER H 199 10.45 5.77 -21.00
CA SER H 199 11.45 6.75 -20.56
C SER H 199 12.18 7.45 -21.68
N TRP H 200 12.40 8.75 -21.50
CA TRP H 200 13.11 9.59 -22.44
C TRP H 200 14.57 9.58 -21.98
N VAL H 201 15.44 8.88 -22.70
CA VAL H 201 16.85 8.81 -22.35
C VAL H 201 17.65 9.82 -23.20
N VAL H 202 18.28 10.78 -22.53
CA VAL H 202 19.01 11.84 -23.20
C VAL H 202 20.50 11.89 -22.91
N VAL H 203 21.28 12.07 -23.98
CA VAL H 203 22.72 12.27 -23.85
C VAL H 203 22.73 13.77 -24.17
N PRO H 204 22.99 14.61 -23.17
CA PRO H 204 22.99 16.06 -23.37
C PRO H 204 24.23 16.67 -24.03
N GLY H 205 25.30 15.90 -24.10
CA GLY H 205 26.52 16.41 -24.70
C GLY H 205 27.66 16.37 -23.69
N ASP H 206 28.86 16.68 -24.17
CA ASP H 206 30.06 16.66 -23.35
C ASP H 206 30.55 18.11 -23.21
N LEU H 207 30.57 18.63 -21.98
CA LEU H 207 30.97 20.02 -21.78
C LEU H 207 32.44 20.25 -22.10
N SER H 208 33.28 19.23 -21.94
CA SER H 208 34.70 19.37 -22.24
C SER H 208 34.86 19.48 -23.78
N GLU H 209 33.77 19.27 -24.50
CA GLU H 209 33.77 19.39 -25.96
C GLU H 209 32.86 20.57 -26.32
N GLY H 210 32.53 21.38 -25.31
CA GLY H 210 31.67 22.54 -25.52
C GLY H 210 30.18 22.27 -25.65
N GLU H 211 29.79 21.00 -25.63
CA GLU H 211 28.38 20.59 -25.80
C GLU H 211 27.41 20.66 -24.63
N TYR H 212 26.17 21.09 -24.94
CA TYR H 212 25.11 21.14 -23.93
C TYR H 212 23.74 21.06 -24.62
N SER H 213 22.71 20.73 -23.86
CA SER H 213 21.35 20.66 -24.40
C SER H 213 20.37 21.37 -23.46
N LEU H 214 19.27 21.85 -24.03
CA LEU H 214 18.22 22.51 -23.27
C LEU H 214 17.02 21.61 -23.50
N LEU H 215 16.62 20.86 -22.48
CA LEU H 215 15.50 19.95 -22.62
C LEU H 215 14.14 20.59 -22.36
N ASP H 216 13.15 20.16 -23.15
CA ASP H 216 11.78 20.62 -22.99
C ASP H 216 11.09 19.37 -22.46
N LEU H 217 10.95 19.34 -21.15
CA LEU H 217 10.38 18.22 -20.44
C LEU H 217 9.03 17.74 -20.97
N ARG H 218 8.09 18.65 -21.16
CA ARG H 218 6.79 18.25 -21.63
C ARG H 218 6.72 17.78 -23.06
N ALA H 219 7.50 18.38 -23.95
CA ALA H 219 7.49 18.00 -25.37
C ALA H 219 8.43 16.84 -25.65
N ARG H 220 9.25 16.48 -24.67
CA ARG H 220 10.22 15.41 -24.84
C ARG H 220 11.09 15.71 -26.07
N LYS H 221 11.44 16.99 -26.25
CA LYS H 221 12.29 17.42 -27.36
C LYS H 221 13.40 18.29 -26.78
N LEU H 222 14.50 18.44 -27.51
CA LEU H 222 15.60 19.26 -27.00
C LEU H 222 16.31 20.06 -28.08
N GLU H 223 16.91 21.17 -27.67
CA GLU H 223 17.66 22.03 -28.57
C GLU H 223 19.10 21.76 -28.17
N THR H 224 20.00 21.81 -29.14
CA THR H 224 21.41 21.57 -28.88
C THR H 224 22.16 22.88 -28.90
N GLY H 225 23.35 22.87 -28.32
CA GLY H 225 24.15 24.07 -28.29
C GLY H 225 25.59 23.75 -27.93
N ASN H 226 26.47 24.70 -28.18
CA ASN H 226 27.86 24.53 -27.84
C ASN H 226 28.34 25.90 -27.41
N VAL H 227 29.22 25.93 -26.40
CA VAL H 227 29.71 27.20 -25.88
C VAL H 227 30.95 27.78 -26.56
N ARG H 228 31.69 26.96 -27.31
CA ARG H 228 32.88 27.47 -27.98
C ARG H 228 32.54 27.98 -29.37
CA CA I . -7.10 30.70 28.00
CA CA J . 2.04 38.46 16.71
CA CA K . 6.44 53.44 21.20
CA CA L . -37.63 -42.62 10.31
CA CA M . -28.35 -29.11 9.62
CA CA N . -36.34 -15.77 15.28
CA CA O . -3.90 -4.76 9.72
CA CA P . -0.09 -27.72 -33.70
CA CA Q . -4.31 -14.35 -25.47
CA CA R . -7.74 -2.00 -35.51
CA CA S . -7.31 8.86 1.25
CA CA T . 34.42 -7.71 9.10
CA CA U . 29.04 5.39 0.89
CA CA V . 40.89 13.33 -7.20
#